data_6AMI
#
_entry.id   6AMI
#
_cell.length_a   84.682
_cell.length_b   109.921
_cell.length_c   160.267
_cell.angle_alpha   90.00
_cell.angle_beta   90.00
_cell.angle_gamma   90.00
#
_symmetry.space_group_name_H-M   'P 21 21 21'
#
loop_
_entity.id
_entity.type
_entity.pdbx_description
1 polymer 'Tryptophan synthase beta chain 1'
2 non-polymer TRYPTOPHAN
3 non-polymer 'SODIUM ION'
4 water water
#
_entity_poly.entity_id   1
_entity_poly.type   'polypeptide(L)'
_entity_poly.pdbx_seq_one_letter_code
;MWFGEFGGQYVPETLIGPLKELEKAYKRFKDDEEFNRQLNYYLKTWAGRPTPLYYAKRLTEKIGGAKVYLKREDLVHGGA
H(LLP)TNNAIGQALLAKFMGKTRLIAETGAGQHGVATAMAGALLGMKVDIYMGAEDVERQKMNVFRMKLLGANVIPVNS
GSRTLKDAINEALRDWVATFEYTHYLIGSVVGPHPYPTIVRDFQSVIGREAKAQILEAEGQLPDVIVACVGGGSNAMGIF
YPFVNDKKVKLVGVEAGGKGLESGKHSASLNAGQVGVSHGMLSYFLQDEEGQIKPSHSIAPGLDYPGVGPEHAYLKKIQR
AEYVAVTDEEALKAFHELSRTEGIIPALESAHAVAYAMKLAKEMSRDEIIIVNLSGRGDKDLDIVLKVSGNVLEHHHHHH
;
_entity_poly.pdbx_strand_id   A,B,C,D
#
loop_
_chem_comp.id
_chem_comp.type
_chem_comp.name
_chem_comp.formula
NA non-polymer 'SODIUM ION' 'Na 1'
#
# COMPACT_ATOMS: atom_id res chain seq x y z
N MET A 1 -16.22 -20.22 4.71
CA MET A 1 -17.39 -20.93 4.10
C MET A 1 -18.70 -20.40 4.68
N TRP A 2 -18.80 -20.47 6.00
CA TRP A 2 -20.05 -20.24 6.73
C TRP A 2 -19.91 -19.06 7.69
N PHE A 3 -21.06 -18.50 8.07
CA PHE A 3 -21.18 -17.51 9.14
C PHE A 3 -22.23 -18.06 10.10
N GLY A 4 -21.78 -18.66 11.20
CA GLY A 4 -22.65 -19.54 11.97
C GLY A 4 -23.15 -20.63 11.04
N GLU A 5 -24.45 -20.76 10.90
CA GLU A 5 -24.96 -21.78 10.01
C GLU A 5 -25.16 -21.30 8.60
N PHE A 6 -25.18 -19.99 8.47
CA PHE A 6 -25.53 -19.34 7.22
C PHE A 6 -24.35 -19.29 6.26
N GLY A 7 -24.65 -19.06 5.00
CA GLY A 7 -23.64 -19.00 3.94
C GLY A 7 -23.60 -20.32 3.20
N GLY A 8 -22.40 -20.82 2.97
CA GLY A 8 -22.22 -22.16 2.38
C GLY A 8 -21.95 -22.10 0.89
N GLN A 9 -21.98 -23.28 0.27
CA GLN A 9 -21.63 -23.44 -1.15
C GLN A 9 -22.48 -24.56 -1.76
N TYR A 10 -23.78 -24.29 -1.86
CA TYR A 10 -24.77 -25.29 -2.26
C TYR A 10 -25.12 -25.12 -3.74
N VAL A 11 -24.22 -25.62 -4.57
CA VAL A 11 -24.27 -25.46 -6.02
C VAL A 11 -24.00 -26.81 -6.70
N PRO A 12 -24.39 -26.96 -7.98
CA PRO A 12 -24.03 -28.22 -8.69
C PRO A 12 -22.52 -28.35 -8.92
N GLU A 13 -22.12 -29.52 -9.41
CA GLU A 13 -20.69 -29.83 -9.64
C GLU A 13 -20.03 -28.89 -10.67
N THR A 14 -20.80 -28.41 -11.64
CA THR A 14 -20.31 -27.46 -12.65
C THR A 14 -19.84 -26.11 -12.08
N LEU A 15 -20.35 -25.72 -10.90
CA LEU A 15 -19.92 -24.48 -10.23
C LEU A 15 -18.79 -24.66 -9.21
N ILE A 16 -18.55 -25.90 -8.76
CA ILE A 16 -17.52 -26.18 -7.74
C ILE A 16 -16.12 -25.85 -8.26
N GLY A 17 -15.83 -26.24 -9.50
CA GLY A 17 -14.53 -25.99 -10.15
C GLY A 17 -14.14 -24.52 -10.27
N PRO A 18 -15.03 -23.68 -10.84
CA PRO A 18 -14.73 -22.24 -10.90
C PRO A 18 -14.67 -21.53 -9.54
N LEU A 19 -15.61 -21.84 -8.65
CA LEU A 19 -15.62 -21.27 -7.30
C LEU A 19 -14.34 -21.61 -6.50
N LYS A 20 -13.86 -22.84 -6.62
CA LYS A 20 -12.62 -23.25 -5.94
C LYS A 20 -11.39 -22.53 -6.52
N GLU A 21 -11.34 -22.40 -7.84
CA GLU A 21 -10.29 -21.62 -8.52
C GLU A 21 -10.26 -20.17 -8.04
N LEU A 22 -11.44 -19.60 -7.81
CA LEU A 22 -11.61 -18.23 -7.30
C LEU A 22 -11.12 -18.09 -5.85
N GLU A 23 -11.41 -19.11 -5.02
CA GLU A 23 -10.95 -19.12 -3.62
C GLU A 23 -9.44 -19.14 -3.52
N LYS A 24 -8.81 -19.92 -4.40
CA LYS A 24 -7.34 -20.05 -4.42
C LYS A 24 -6.71 -18.76 -4.91
N ALA A 25 -7.25 -18.21 -6.00
CA ALA A 25 -6.84 -16.91 -6.52
C ALA A 25 -7.01 -15.83 -5.46
N TYR A 26 -8.17 -15.82 -4.79
CA TYR A 26 -8.43 -14.83 -3.76
C TYR A 26 -7.46 -14.95 -2.58
N LYS A 27 -7.22 -16.17 -2.11
CA LYS A 27 -6.21 -16.44 -1.08
C LYS A 27 -4.84 -15.91 -1.50
N ARG A 28 -4.45 -16.20 -2.74
CA ARG A 28 -3.16 -15.80 -3.29
C ARG A 28 -2.99 -14.28 -3.33
N PHE A 29 -3.98 -13.60 -3.90
CA PHE A 29 -3.87 -12.18 -4.26
C PHE A 29 -4.32 -11.18 -3.21
N LYS A 30 -5.25 -11.54 -2.33
CA LYS A 30 -5.82 -10.59 -1.34
C LYS A 30 -4.78 -9.82 -0.51
N ASP A 31 -3.64 -10.45 -0.20
CA ASP A 31 -2.55 -9.78 0.53
C ASP A 31 -1.26 -9.59 -0.27
N ASP A 32 -1.30 -9.89 -1.58
CA ASP A 32 -0.14 -9.72 -2.46
C ASP A 32 0.24 -8.24 -2.58
N GLU A 33 1.53 -7.96 -2.42
CA GLU A 33 2.04 -6.58 -2.43
C GLU A 33 1.71 -5.84 -3.74
N GLU A 34 1.89 -6.52 -4.87
CA GLU A 34 1.62 -5.94 -6.18
C GLU A 34 0.12 -5.70 -6.43
N PHE A 35 -0.72 -6.67 -6.02
CA PHE A 35 -2.18 -6.52 -6.11
C PHE A 35 -2.69 -5.31 -5.34
N ASN A 36 -2.22 -5.14 -4.11
CA ASN A 36 -2.65 -4.03 -3.26
C ASN A 36 -2.10 -2.67 -3.69
N ARG A 37 -0.88 -2.64 -4.23
CA ARG A 37 -0.34 -1.42 -4.85
C ARG A 37 -1.26 -0.96 -5.98
N GLN A 38 -1.71 -1.90 -6.81
CA GLN A 38 -2.63 -1.56 -7.91
C GLN A 38 -4.03 -1.20 -7.41
N LEU A 39 -4.55 -1.94 -6.42
CA LEU A 39 -5.88 -1.66 -5.87
C LEU A 39 -5.97 -0.28 -5.19
N ASN A 40 -5.06 0.01 -4.26
CA ASN A 40 -5.09 1.28 -3.52
C ASN A 40 -4.86 2.48 -4.45
N TYR A 41 -4.04 2.26 -5.47
CA TYR A 41 -3.80 3.24 -6.52
C TYR A 41 -5.06 3.55 -7.32
N TYR A 42 -5.82 2.51 -7.68
CA TYR A 42 -7.10 2.71 -8.39
C TYR A 42 -8.16 3.33 -7.49
N LEU A 43 -8.22 2.89 -6.23
CA LEU A 43 -9.17 3.47 -5.27
C LEU A 43 -8.87 4.94 -4.94
N LYS A 44 -7.59 5.30 -4.92
CA LYS A 44 -7.18 6.68 -4.68
C LYS A 44 -7.41 7.54 -5.92
N THR A 45 -6.72 7.22 -7.01
CA THR A 45 -6.65 8.13 -8.16
C THR A 45 -7.90 8.09 -9.06
N TRP A 46 -8.58 6.94 -9.17
CA TRP A 46 -9.74 6.80 -10.06
C TRP A 46 -11.09 6.92 -9.32
N ALA A 47 -11.19 6.27 -8.16
CA ALA A 47 -12.43 6.27 -7.35
C ALA A 47 -12.53 7.43 -6.36
N GLY A 48 -11.39 7.95 -5.92
CA GLY A 48 -11.36 9.13 -5.06
C GLY A 48 -11.52 8.83 -3.58
N ARG A 49 -10.98 7.70 -3.14
CA ARG A 49 -10.93 7.36 -1.73
C ARG A 49 -9.72 8.08 -1.11
N PRO A 50 -9.79 8.47 0.16
CA PRO A 50 -10.91 8.20 1.06
C PRO A 50 -12.06 9.18 0.87
N THR A 51 -13.26 8.75 1.27
CA THR A 51 -14.39 9.65 1.29
C THR A 51 -14.45 10.29 2.68
N PRO A 52 -14.95 11.53 2.77
CA PRO A 52 -15.00 12.18 4.08
C PRO A 52 -16.06 11.61 5.03
N LEU A 53 -15.92 11.98 6.30
CA LEU A 53 -16.95 11.81 7.31
C LEU A 53 -17.50 13.20 7.67
N TYR A 54 -18.77 13.42 7.35
CA TYR A 54 -19.38 14.74 7.47
C TYR A 54 -20.26 14.84 8.71
N TYR A 55 -20.02 15.88 9.51
CA TYR A 55 -20.89 16.20 10.64
C TYR A 55 -22.10 17.01 10.14
N ALA A 56 -23.27 16.39 10.18
CA ALA A 56 -24.51 17.08 9.77
C ALA A 56 -25.00 17.99 10.89
N LYS A 57 -24.41 19.18 10.96
CA LYS A 57 -24.64 20.10 12.07
C LYS A 57 -26.07 20.62 12.16
N ARG A 58 -26.64 21.06 11.04
CA ARG A 58 -28.01 21.59 11.04
C ARG A 58 -29.05 20.50 11.35
N LEU A 59 -28.85 19.32 10.78
CA LEU A 59 -29.72 18.18 11.05
C LEU A 59 -29.68 17.77 12.51
N THR A 60 -28.47 17.70 13.08
CA THR A 60 -28.25 17.39 14.49
C THR A 60 -28.92 18.40 15.43
N GLU A 61 -28.69 19.68 15.19
CA GLU A 61 -29.27 20.74 16.03
C GLU A 61 -30.80 20.78 15.94
N LYS A 62 -31.32 20.56 14.74
CA LYS A 62 -32.77 20.52 14.51
C LYS A 62 -33.44 19.41 15.34
N ILE A 63 -32.88 18.20 15.26
CA ILE A 63 -33.43 17.03 15.96
C ILE A 63 -33.26 17.16 17.47
N GLY A 64 -32.11 17.71 17.89
CA GLY A 64 -31.87 18.07 19.28
C GLY A 64 -31.34 16.95 20.19
N GLY A 65 -30.92 15.84 19.59
CA GLY A 65 -30.34 14.71 20.33
C GLY A 65 -28.93 14.43 19.86
N ALA A 66 -28.66 13.20 19.42
CA ALA A 66 -27.30 12.77 19.08
C ALA A 66 -26.67 13.49 17.89
N LYS A 67 -25.34 13.52 17.88
CA LYS A 67 -24.57 14.05 16.77
C LYS A 67 -24.66 13.06 15.64
N VAL A 68 -25.17 13.52 14.49
CA VAL A 68 -25.31 12.71 13.30
C VAL A 68 -24.14 12.99 12.37
N TYR A 69 -23.31 11.97 12.14
CA TYR A 69 -22.26 12.02 11.13
C TYR A 69 -22.68 11.17 9.93
N LEU A 70 -22.26 11.58 8.75
CA LEU A 70 -22.55 10.86 7.50
C LEU A 70 -21.23 10.44 6.87
N LYS A 71 -21.08 9.14 6.63
CA LYS A 71 -19.93 8.63 5.87
C LYS A 71 -20.30 8.80 4.41
N ARG A 72 -19.53 9.60 3.69
CA ARG A 72 -19.95 10.18 2.42
C ARG A 72 -19.58 9.28 1.24
N GLU A 73 -20.15 8.07 1.20
CA GLU A 73 -19.91 7.17 0.06
C GLU A 73 -20.57 7.68 -1.23
N ASP A 74 -21.55 8.57 -1.10
CA ASP A 74 -22.09 9.31 -2.23
C ASP A 74 -21.03 10.03 -3.09
N LEU A 75 -19.85 10.32 -2.53
CA LEU A 75 -18.76 10.98 -3.25
C LEU A 75 -17.81 10.07 -4.01
N VAL A 76 -17.86 8.76 -3.81
CA VAL A 76 -16.99 7.84 -4.59
C VAL A 76 -17.38 7.91 -6.07
N HIS A 77 -16.40 7.72 -6.96
CA HIS A 77 -16.63 7.71 -8.39
C HIS A 77 -17.78 6.79 -8.79
N GLY A 78 -18.75 7.34 -9.53
CA GLY A 78 -19.97 6.61 -9.87
C GLY A 78 -21.17 6.94 -8.98
N GLY A 79 -20.91 7.50 -7.80
CA GLY A 79 -21.97 7.95 -6.91
C GLY A 79 -22.50 6.93 -5.91
N ALA A 80 -21.87 5.76 -5.83
CA ALA A 80 -22.24 4.76 -4.82
C ALA A 80 -21.09 3.84 -4.43
N HIS A 81 -21.18 3.31 -3.22
CA HIS A 81 -20.20 2.35 -2.66
C HIS A 81 -19.83 1.15 -3.55
N1 LLP A 82 -27.36 1.94 -1.40
C2 LLP A 82 -26.97 2.35 -2.63
C2' LLP A 82 -26.65 3.81 -2.90
C3 LLP A 82 -26.87 1.38 -3.73
O3 LLP A 82 -26.49 1.75 -4.97
C4 LLP A 82 -27.18 -0.05 -3.47
C4' LLP A 82 -27.09 -1.07 -4.58
C5 LLP A 82 -27.59 -0.38 -2.08
C6 LLP A 82 -27.65 0.65 -1.12
C5' LLP A 82 -27.94 -1.79 -1.69
OP4 LLP A 82 -26.82 -2.66 -1.85
P LLP A 82 -26.13 -3.37 -0.59
OP1 LLP A 82 -25.31 -4.48 -1.20
OP2 LLP A 82 -25.31 -2.25 0.01
OP3 LLP A 82 -27.28 -3.80 0.27
N LLP A 82 -20.73 0.75 -4.45
CA LLP A 82 -20.51 -0.45 -5.30
CB LLP A 82 -21.61 -0.56 -6.34
CG LLP A 82 -22.96 -0.76 -5.67
CD LLP A 82 -23.90 -1.37 -6.68
CE LLP A 82 -25.12 -1.88 -5.94
NZ LLP A 82 -25.92 -0.81 -5.41
C LLP A 82 -19.23 -0.44 -6.07
O LLP A 82 -18.64 -1.48 -6.33
N THR A 83 -18.80 0.77 -6.47
CA THR A 83 -17.48 0.97 -7.08
C THR A 83 -16.31 0.29 -6.33
N ASN A 84 -16.36 0.28 -5.00
CA ASN A 84 -15.33 -0.37 -4.17
C ASN A 84 -15.22 -1.86 -4.51
N ASN A 85 -16.37 -2.53 -4.55
CA ASN A 85 -16.46 -3.94 -4.92
C ASN A 85 -16.10 -4.15 -6.40
N ALA A 86 -16.60 -3.27 -7.28
CA ALA A 86 -16.38 -3.42 -8.71
C ALA A 86 -14.89 -3.37 -9.07
N ILE A 87 -14.14 -2.46 -8.44
CA ILE A 87 -12.70 -2.33 -8.72
C ILE A 87 -11.95 -3.57 -8.20
N GLY A 88 -12.20 -3.93 -6.94
CA GLY A 88 -11.51 -5.05 -6.28
C GLY A 88 -11.63 -6.38 -7.02
N GLN A 89 -12.86 -6.71 -7.43
CA GLN A 89 -13.14 -7.95 -8.16
C GLN A 89 -12.64 -7.91 -9.60
N ALA A 90 -12.83 -6.79 -10.28
CA ALA A 90 -12.35 -6.64 -11.65
C ALA A 90 -10.84 -6.73 -11.68
N LEU A 91 -10.17 -6.12 -10.70
CA LEU A 91 -8.72 -6.23 -10.58
C LEU A 91 -8.31 -7.68 -10.33
N LEU A 92 -9.02 -8.35 -9.42
CA LEU A 92 -8.80 -9.78 -9.18
C LEU A 92 -8.89 -10.60 -10.48
N ALA A 93 -9.94 -10.33 -11.27
CA ALA A 93 -10.15 -10.98 -12.57
C ALA A 93 -8.93 -10.78 -13.50
N LYS A 94 -8.44 -9.54 -13.58
CA LYS A 94 -7.26 -9.24 -14.39
C LYS A 94 -6.05 -10.02 -13.89
N PHE A 95 -5.86 -10.04 -12.58
CA PHE A 95 -4.75 -10.80 -11.98
C PHE A 95 -4.86 -12.31 -12.23
N MET A 96 -6.09 -12.83 -12.28
CA MET A 96 -6.37 -14.24 -12.66
C MET A 96 -6.29 -14.52 -14.18
N GLY A 97 -6.01 -13.50 -15.00
CA GLY A 97 -5.90 -13.69 -16.44
C GLY A 97 -7.21 -13.67 -17.22
N LYS A 98 -8.30 -13.23 -16.57
CA LYS A 98 -9.61 -13.13 -17.22
C LYS A 98 -9.67 -11.87 -18.10
N THR A 99 -10.30 -11.99 -19.25
CA THR A 99 -10.49 -10.88 -20.18
C THR A 99 -11.93 -10.34 -20.21
N ARG A 100 -12.87 -11.05 -19.57
CA ARG A 100 -14.29 -10.72 -19.61
C ARG A 100 -14.88 -10.68 -18.21
N LEU A 101 -15.78 -9.73 -17.99
CA LEU A 101 -16.55 -9.61 -16.76
C LEU A 101 -18.01 -9.79 -17.12
N ILE A 102 -18.72 -10.60 -16.34
CA ILE A 102 -20.18 -10.63 -16.40
C ILE A 102 -20.69 -10.23 -15.02
N ALA A 103 -21.93 -9.76 -14.98
CA ALA A 103 -22.54 -9.34 -13.72
C ALA A 103 -24.03 -9.21 -13.89
N GLU A 104 -24.72 -9.46 -12.78
CA GLU A 104 -26.16 -9.21 -12.67
C GLU A 104 -26.37 -7.75 -12.31
N THR A 105 -27.54 -7.22 -12.66
CA THR A 105 -28.02 -5.98 -12.04
C THR A 105 -29.53 -5.88 -12.11
N GLY A 106 -30.12 -5.20 -11.13
CA GLY A 106 -31.56 -4.89 -11.12
C GLY A 106 -31.83 -3.40 -11.15
N ALA A 107 -31.24 -2.68 -10.20
CA ALA A 107 -31.32 -1.22 -10.16
C ALA A 107 -30.50 -0.57 -11.29
N GLY A 108 -29.47 -1.26 -11.79
CA GLY A 108 -28.58 -0.74 -12.82
C GLY A 108 -27.27 -0.21 -12.26
N GLN A 109 -27.24 -0.02 -10.94
CA GLN A 109 -26.14 0.62 -10.24
C GLN A 109 -24.90 -0.29 -10.20
N HIS A 110 -25.07 -1.58 -9.90
CA HIS A 110 -23.95 -2.53 -9.99
C HIS A 110 -23.51 -2.71 -11.44
N GLY A 111 -24.48 -2.73 -12.36
CA GLY A 111 -24.19 -2.79 -13.78
C GLY A 111 -23.30 -1.64 -14.25
N VAL A 112 -23.61 -0.43 -13.78
CA VAL A 112 -22.80 0.75 -14.12
C VAL A 112 -21.40 0.65 -13.51
N ALA A 113 -21.32 0.32 -12.22
CA ALA A 113 -20.02 0.15 -11.55
C ALA A 113 -19.13 -0.89 -12.23
N THR A 114 -19.71 -2.04 -12.60
CA THR A 114 -18.98 -3.11 -13.32
C THR A 114 -18.55 -2.63 -14.70
N ALA A 115 -19.47 -1.98 -15.42
CA ALA A 115 -19.15 -1.35 -16.71
C ALA A 115 -17.98 -0.37 -16.60
N MET A 116 -17.99 0.46 -15.56
CA MET A 116 -16.91 1.43 -15.31
C MET A 116 -15.57 0.76 -15.03
N ALA A 117 -15.59 -0.23 -14.14
CA ALA A 117 -14.39 -1.01 -13.78
C ALA A 117 -13.84 -1.80 -14.96
N GLY A 118 -14.73 -2.38 -15.75
CA GLY A 118 -14.35 -3.08 -16.98
C GLY A 118 -13.73 -2.16 -18.00
N ALA A 119 -14.32 -0.98 -18.17
CA ALA A 119 -13.72 0.05 -19.01
C ALA A 119 -12.32 0.39 -18.49
N LEU A 120 -12.21 0.67 -17.19
CA LEU A 120 -10.93 1.01 -16.57
C LEU A 120 -9.82 0.00 -16.81
N LEU A 121 -10.15 -1.28 -16.77
CA LEU A 121 -9.15 -2.35 -16.90
C LEU A 121 -9.10 -3.01 -18.29
N GLY A 122 -9.85 -2.46 -19.25
CA GLY A 122 -9.81 -2.93 -20.64
C GLY A 122 -10.39 -4.32 -20.84
N MET A 123 -11.50 -4.60 -20.18
CA MET A 123 -12.17 -5.89 -20.27
C MET A 123 -13.52 -5.76 -20.94
N LYS A 124 -13.92 -6.82 -21.64
CA LYS A 124 -15.28 -6.94 -22.15
C LYS A 124 -16.24 -7.06 -20.95
N VAL A 125 -17.43 -6.49 -21.10
CA VAL A 125 -18.44 -6.47 -20.04
C VAL A 125 -19.80 -6.73 -20.64
N ASP A 126 -20.43 -7.80 -20.18
CA ASP A 126 -21.82 -8.13 -20.50
C ASP A 126 -22.57 -8.10 -19.18
N ILE A 127 -23.68 -7.38 -19.14
CA ILE A 127 -24.47 -7.21 -17.94
C ILE A 127 -25.78 -7.95 -18.17
N TYR A 128 -26.06 -8.90 -17.29
CA TYR A 128 -27.35 -9.60 -17.30
C TYR A 128 -28.29 -8.77 -16.46
N MET A 129 -29.42 -8.41 -17.05
CA MET A 129 -30.42 -7.58 -16.41
C MET A 129 -31.79 -8.05 -16.81
N GLY A 130 -32.68 -8.25 -15.84
CA GLY A 130 -34.07 -8.63 -16.09
C GLY A 130 -34.80 -7.63 -16.96
N ALA A 131 -35.63 -8.13 -17.87
CA ALA A 131 -36.37 -7.29 -18.83
C ALA A 131 -37.30 -6.27 -18.16
N GLU A 132 -37.83 -6.64 -17.00
CA GLU A 132 -38.64 -5.71 -16.20
C GLU A 132 -37.79 -4.56 -15.69
N ASP A 133 -36.58 -4.86 -15.24
CA ASP A 133 -35.61 -3.84 -14.79
C ASP A 133 -35.04 -3.02 -15.95
N VAL A 134 -34.78 -3.66 -17.09
CA VAL A 134 -34.36 -2.96 -18.32
C VAL A 134 -35.36 -1.84 -18.69
N GLU A 135 -36.64 -2.15 -18.58
CA GLU A 135 -37.71 -1.17 -18.86
C GLU A 135 -37.78 -0.05 -17.83
N ARG A 136 -37.52 -0.35 -16.56
CA ARG A 136 -37.60 0.64 -15.48
C ARG A 136 -36.30 1.44 -15.23
N GLN A 137 -35.21 1.11 -15.92
CA GLN A 137 -33.91 1.75 -15.69
C GLN A 137 -33.25 2.17 -17.01
N LYS A 138 -33.99 2.94 -17.81
CA LYS A 138 -33.52 3.41 -19.13
C LYS A 138 -32.16 4.11 -19.07
N MET A 139 -32.01 5.03 -18.13
CA MET A 139 -30.80 5.84 -18.03
C MET A 139 -29.58 5.07 -17.53
N ASN A 140 -29.79 4.12 -16.62
CA ASN A 140 -28.70 3.22 -16.22
C ASN A 140 -28.31 2.28 -17.37
N VAL A 141 -29.29 1.81 -18.14
CA VAL A 141 -28.99 1.02 -19.35
C VAL A 141 -28.16 1.86 -20.33
N PHE A 142 -28.55 3.11 -20.53
CA PHE A 142 -27.78 4.03 -21.38
C PHE A 142 -26.35 4.22 -20.85
N ARG A 143 -26.21 4.45 -19.54
CA ARG A 143 -24.89 4.59 -18.91
C ARG A 143 -23.98 3.41 -19.20
N MET A 144 -24.51 2.20 -19.02
CA MET A 144 -23.75 0.97 -19.27
C MET A 144 -23.26 0.87 -20.70
N LYS A 145 -24.14 1.17 -21.66
CA LYS A 145 -23.78 1.12 -23.08
C LYS A 145 -22.78 2.21 -23.44
N LEU A 146 -23.00 3.39 -22.88
CA LEU A 146 -22.05 4.50 -23.00
C LEU A 146 -20.65 4.11 -22.47
N LEU A 147 -20.62 3.34 -21.39
CA LEU A 147 -19.37 2.81 -20.83
C LEU A 147 -18.76 1.60 -21.58
N GLY A 148 -19.37 1.19 -22.69
CA GLY A 148 -18.82 0.13 -23.54
C GLY A 148 -19.32 -1.27 -23.23
N ALA A 149 -20.22 -1.40 -22.26
CA ALA A 149 -20.78 -2.70 -21.88
C ALA A 149 -21.96 -3.05 -22.74
N ASN A 150 -22.27 -4.35 -22.81
CA ASN A 150 -23.50 -4.82 -23.44
C ASN A 150 -24.49 -5.20 -22.34
N VAL A 151 -25.77 -4.99 -22.63
CA VAL A 151 -26.86 -5.25 -21.69
C VAL A 151 -27.68 -6.38 -22.31
N ILE A 152 -27.69 -7.54 -21.66
CA ILE A 152 -28.41 -8.72 -22.13
C ILE A 152 -29.72 -8.85 -21.33
N PRO A 153 -30.88 -8.51 -21.95
CA PRO A 153 -32.15 -8.69 -21.24
C PRO A 153 -32.41 -10.15 -20.86
N VAL A 154 -32.84 -10.39 -19.62
CA VAL A 154 -33.14 -11.74 -19.13
C VAL A 154 -34.67 -11.92 -19.11
N ASN A 155 -35.16 -12.92 -19.86
CA ASN A 155 -36.60 -13.18 -20.05
C ASN A 155 -37.16 -14.39 -19.27
N SER A 156 -36.28 -15.19 -18.67
CA SER A 156 -36.71 -16.34 -17.88
C SER A 156 -37.21 -15.92 -16.49
N GLY A 157 -38.18 -16.68 -15.97
CA GLY A 157 -38.74 -16.47 -14.65
C GLY A 157 -39.49 -15.15 -14.48
N SER A 158 -39.25 -14.49 -13.35
CA SER A 158 -39.91 -13.21 -13.04
C SER A 158 -39.27 -11.98 -13.70
N ARG A 159 -38.24 -12.19 -14.54
CA ARG A 159 -37.63 -11.12 -15.34
C ARG A 159 -37.03 -9.98 -14.50
N THR A 160 -36.41 -10.34 -13.39
CA THR A 160 -35.78 -9.37 -12.49
C THR A 160 -34.49 -9.94 -11.89
N LEU A 161 -34.03 -9.41 -10.75
CA LEU A 161 -32.67 -9.62 -10.27
C LEU A 161 -32.30 -11.09 -10.05
N LYS A 162 -33.15 -11.83 -9.36
CA LYS A 162 -32.88 -13.24 -9.06
C LYS A 162 -32.66 -14.07 -10.33
N ASP A 163 -33.44 -13.79 -11.37
CA ASP A 163 -33.34 -14.48 -12.67
C ASP A 163 -32.04 -14.12 -13.40
N ALA A 164 -31.63 -12.85 -13.31
CA ALA A 164 -30.38 -12.39 -13.93
C ALA A 164 -29.15 -13.03 -13.30
N ILE A 165 -29.17 -13.17 -11.98
CA ILE A 165 -28.14 -13.90 -11.24
C ILE A 165 -28.05 -15.32 -11.83
N ASN A 166 -29.19 -16.00 -11.96
CA ASN A 166 -29.25 -17.38 -12.51
C ASN A 166 -28.63 -17.49 -13.90
N GLU A 167 -28.91 -16.49 -14.75
CA GLU A 167 -28.38 -16.47 -16.13
C GLU A 167 -26.87 -16.20 -16.15
N ALA A 168 -26.41 -15.29 -15.30
CA ALA A 168 -24.97 -15.06 -15.16
C ALA A 168 -24.24 -16.32 -14.71
N LEU A 169 -24.83 -17.05 -13.76
CA LEU A 169 -24.27 -18.32 -13.28
C LEU A 169 -24.17 -19.37 -14.40
N ARG A 170 -25.23 -19.51 -15.20
CA ARG A 170 -25.21 -20.39 -16.39
C ARG A 170 -24.17 -19.96 -17.43
N ASP A 171 -23.96 -18.65 -17.57
CA ASP A 171 -22.89 -18.13 -18.41
C ASP A 171 -21.53 -18.50 -17.81
N TRP A 172 -21.35 -18.22 -16.53
CA TRP A 172 -20.04 -18.38 -15.87
C TRP A 172 -19.52 -19.83 -15.88
N VAL A 173 -20.40 -20.80 -15.65
CA VAL A 173 -19.99 -22.24 -15.76
C VAL A 173 -19.45 -22.60 -17.15
N ALA A 174 -20.05 -22.03 -18.19
CA ALA A 174 -19.56 -22.19 -19.57
C ALA A 174 -18.26 -21.42 -19.87
N THR A 175 -18.09 -20.22 -19.29
CA THR A 175 -17.05 -19.28 -19.74
C THR A 175 -15.98 -18.90 -18.71
N PHE A 176 -16.00 -19.53 -17.52
CA PHE A 176 -15.08 -19.19 -16.41
C PHE A 176 -13.58 -19.13 -16.72
N GLU A 177 -13.13 -19.90 -17.73
CA GLU A 177 -11.71 -19.92 -18.16
C GLU A 177 -11.17 -18.53 -18.53
N TYR A 178 -12.02 -17.72 -19.18
CA TYR A 178 -11.69 -16.33 -19.53
C TYR A 178 -12.65 -15.26 -18.97
N THR A 179 -13.70 -15.69 -18.25
CA THR A 179 -14.70 -14.79 -17.67
C THR A 179 -14.68 -14.86 -16.15
N HIS A 180 -14.77 -13.69 -15.50
CA HIS A 180 -15.02 -13.60 -14.07
C HIS A 180 -16.43 -13.09 -13.83
N TYR A 181 -17.19 -13.80 -12.99
CA TYR A 181 -18.53 -13.35 -12.60
C TYR A 181 -18.38 -12.36 -11.45
N LEU A 182 -18.76 -11.11 -11.71
CA LEU A 182 -18.65 -10.04 -10.71
C LEU A 182 -20.01 -9.84 -10.02
N ILE A 183 -20.18 -10.49 -8.86
CA ILE A 183 -21.44 -10.42 -8.11
C ILE A 183 -21.48 -9.08 -7.38
N GLY A 184 -22.69 -8.54 -7.20
CA GLY A 184 -22.87 -7.15 -6.79
C GLY A 184 -23.18 -6.85 -5.34
N SER A 185 -23.43 -7.91 -4.55
CA SER A 185 -23.59 -7.75 -3.11
C SER A 185 -23.04 -8.98 -2.34
N VAL A 186 -23.23 -8.99 -1.01
CA VAL A 186 -22.66 -10.03 -0.15
C VAL A 186 -23.56 -11.28 -0.12
N VAL A 187 -23.82 -11.82 -1.30
CA VAL A 187 -24.76 -12.93 -1.49
C VAL A 187 -24.10 -13.97 -2.40
N GLY A 188 -24.81 -15.07 -2.65
CA GLY A 188 -24.29 -16.13 -3.50
C GLY A 188 -23.39 -17.07 -2.72
N PRO A 189 -22.80 -18.06 -3.41
CA PRO A 189 -21.98 -19.08 -2.73
C PRO A 189 -20.62 -18.54 -2.30
N HIS A 190 -20.04 -19.17 -1.29
CA HIS A 190 -18.66 -18.91 -0.91
C HIS A 190 -17.77 -19.04 -2.18
N PRO A 191 -16.84 -18.10 -2.43
CA PRO A 191 -16.37 -17.08 -1.48
C PRO A 191 -16.90 -15.66 -1.70
N TYR A 192 -18.04 -15.52 -2.39
CA TYR A 192 -18.53 -14.20 -2.79
C TYR A 192 -18.96 -13.30 -1.62
N PRO A 193 -19.70 -13.85 -0.64
CA PRO A 193 -20.01 -13.03 0.55
C PRO A 193 -18.77 -12.49 1.30
N THR A 194 -17.71 -13.29 1.38
CA THR A 194 -16.47 -12.85 2.02
C THR A 194 -15.70 -11.84 1.16
N ILE A 195 -15.56 -12.13 -0.13
CA ILE A 195 -14.84 -11.26 -1.07
C ILE A 195 -15.46 -9.87 -1.12
N VAL A 196 -16.78 -9.79 -1.24
CA VAL A 196 -17.47 -8.50 -1.38
C VAL A 196 -17.35 -7.68 -0.10
N ARG A 197 -17.56 -8.33 1.05
CA ARG A 197 -17.41 -7.67 2.36
C ARG A 197 -15.99 -7.16 2.55
N ASP A 198 -15.00 -7.99 2.21
CA ASP A 198 -13.60 -7.57 2.26
C ASP A 198 -13.30 -6.31 1.42
N PHE A 199 -13.88 -6.22 0.22
CA PHE A 199 -13.66 -5.07 -0.65
C PHE A 199 -14.43 -3.81 -0.25
N GLN A 200 -15.48 -3.97 0.56
CA GLN A 200 -16.22 -2.85 1.14
C GLN A 200 -15.75 -2.41 2.53
N SER A 201 -14.92 -3.21 3.20
CA SER A 201 -14.54 -2.94 4.60
C SER A 201 -13.68 -1.69 4.74
N VAL A 202 -13.05 -1.28 3.63
CA VAL A 202 -12.38 0.04 3.52
C VAL A 202 -13.24 1.20 4.02
N ILE A 203 -14.56 1.09 3.80
CA ILE A 203 -15.52 2.08 4.28
C ILE A 203 -15.42 2.22 5.79
N GLY A 204 -15.55 1.09 6.49
CA GLY A 204 -15.53 1.07 7.94
C GLY A 204 -14.21 1.45 8.56
N ARG A 205 -13.10 1.05 7.93
CA ARG A 205 -11.77 1.39 8.41
C ARG A 205 -11.50 2.89 8.33
N GLU A 206 -11.90 3.51 7.22
CA GLU A 206 -11.85 4.97 7.09
C GLU A 206 -12.73 5.63 8.14
N ALA A 207 -13.98 5.21 8.21
CA ALA A 207 -14.95 5.81 9.14
C ALA A 207 -14.50 5.76 10.60
N LYS A 208 -13.86 4.64 10.98
CA LYS A 208 -13.30 4.48 12.35
C LYS A 208 -12.21 5.50 12.63
N ALA A 209 -11.22 5.54 11.75
CA ALA A 209 -10.12 6.52 11.86
C ALA A 209 -10.67 7.94 11.89
N GLN A 210 -11.66 8.22 11.05
CA GLN A 210 -12.23 9.57 10.91
C GLN A 210 -13.03 10.05 12.13
N ILE A 211 -13.83 9.18 12.71
CA ILE A 211 -14.59 9.52 13.92
C ILE A 211 -13.67 9.67 15.15
N LEU A 212 -12.61 8.87 15.20
CA LEU A 212 -11.57 9.03 16.24
C LEU A 212 -10.87 10.40 16.14
N GLU A 213 -10.60 10.86 14.93
CA GLU A 213 -10.03 12.20 14.72
C GLU A 213 -11.00 13.32 15.10
N ALA A 214 -12.25 13.22 14.66
CA ALA A 214 -13.24 14.29 14.89
C ALA A 214 -13.73 14.35 16.34
N GLU A 215 -14.01 13.19 16.93
CA GLU A 215 -14.66 13.10 18.24
C GLU A 215 -13.82 12.49 19.38
N GLY A 216 -12.68 11.87 19.05
CA GLY A 216 -11.83 11.23 20.06
C GLY A 216 -12.34 9.91 20.60
N GLN A 217 -13.38 9.35 19.99
CA GLN A 217 -14.01 8.12 20.49
C GLN A 217 -14.77 7.40 19.38
N LEU A 218 -15.01 6.11 19.58
CA LEU A 218 -15.83 5.31 18.66
C LEU A 218 -17.28 5.79 18.77
N PRO A 219 -18.10 5.54 17.73
CA PRO A 219 -19.49 5.99 17.80
C PRO A 219 -20.34 5.07 18.66
N ASP A 220 -21.48 5.59 19.13
CA ASP A 220 -22.44 4.78 19.89
C ASP A 220 -23.29 3.92 18.97
N VAL A 221 -23.61 4.40 17.77
CA VAL A 221 -24.42 3.65 16.79
C VAL A 221 -23.93 3.85 15.36
N ILE A 222 -23.89 2.77 14.58
CA ILE A 222 -23.70 2.86 13.14
C ILE A 222 -24.99 2.39 12.47
N VAL A 223 -25.47 3.19 11.52
CA VAL A 223 -26.72 2.93 10.80
C VAL A 223 -26.44 2.88 9.28
N ALA A 224 -26.83 1.77 8.66
CA ALA A 224 -26.66 1.55 7.22
C ALA A 224 -27.91 0.90 6.65
N CYS A 225 -28.21 1.19 5.39
CA CYS A 225 -29.30 0.53 4.70
C CYS A 225 -28.87 -0.88 4.28
N VAL A 226 -29.84 -1.76 4.13
CA VAL A 226 -29.58 -3.18 3.83
C VAL A 226 -30.45 -3.63 2.68
N GLY A 227 -29.82 -3.94 1.54
CA GLY A 227 -30.46 -4.64 0.43
C GLY A 227 -29.94 -6.06 0.47
N GLY A 228 -28.92 -6.34 -0.36
CA GLY A 228 -28.12 -7.54 -0.21
C GLY A 228 -27.24 -7.47 1.03
N GLY A 229 -26.75 -6.28 1.34
CA GLY A 229 -25.97 -6.03 2.56
C GLY A 229 -24.51 -5.59 2.45
N SER A 230 -24.03 -5.30 1.23
CA SER A 230 -22.61 -4.97 1.02
C SER A 230 -22.13 -3.65 1.63
N ASN A 231 -22.92 -2.59 1.58
CA ASN A 231 -22.53 -1.30 2.21
C ASN A 231 -22.59 -1.39 3.73
N ALA A 232 -23.57 -2.14 4.25
CA ALA A 232 -23.71 -2.34 5.70
C ALA A 232 -22.54 -3.15 6.27
N MET A 233 -22.17 -4.23 5.60
CA MET A 233 -21.01 -5.03 6.02
C MET A 233 -19.72 -4.22 5.91
N GLY A 234 -19.59 -3.44 4.85
CA GLY A 234 -18.42 -2.57 4.67
C GLY A 234 -18.13 -1.69 5.86
N ILE A 235 -19.18 -1.04 6.37
CA ILE A 235 -19.05 -0.15 7.52
C ILE A 235 -19.13 -0.89 8.86
N PHE A 236 -19.92 -1.96 8.95
CA PHE A 236 -20.03 -2.76 10.17
C PHE A 236 -18.75 -3.51 10.51
N TYR A 237 -18.15 -4.15 9.51
CA TYR A 237 -17.14 -5.19 9.77
C TYR A 237 -15.94 -4.75 10.63
N PRO A 238 -15.38 -3.55 10.39
CA PRO A 238 -14.32 -3.10 11.29
C PRO A 238 -14.72 -2.78 12.74
N PHE A 239 -16.01 -2.62 13.01
CA PHE A 239 -16.51 -2.33 14.37
C PHE A 239 -17.12 -3.54 15.10
N VAL A 240 -17.08 -4.72 14.49
CA VAL A 240 -17.70 -5.92 15.08
C VAL A 240 -17.09 -6.24 16.44
N ASN A 241 -15.76 -6.19 16.53
CA ASN A 241 -15.05 -6.48 17.80
C ASN A 241 -15.04 -5.35 18.83
N ASP A 242 -15.51 -4.16 18.44
CA ASP A 242 -15.69 -3.04 19.37
C ASP A 242 -17.08 -3.15 20.01
N LYS A 243 -17.14 -3.75 21.20
CA LYS A 243 -18.42 -4.18 21.83
C LYS A 243 -19.43 -3.06 22.10
N LYS A 244 -18.94 -1.86 22.42
CA LYS A 244 -19.79 -0.69 22.70
C LYS A 244 -20.54 -0.15 21.48
N VAL A 245 -20.03 -0.43 20.27
CA VAL A 245 -20.59 0.11 19.04
C VAL A 245 -21.81 -0.71 18.60
N LYS A 246 -23.01 -0.12 18.76
CA LYS A 246 -24.24 -0.71 18.23
C LYS A 246 -24.24 -0.65 16.69
N LEU A 247 -24.72 -1.72 16.05
CA LEU A 247 -24.82 -1.80 14.60
C LEU A 247 -26.29 -1.99 14.24
N VAL A 248 -26.82 -1.10 13.39
CA VAL A 248 -28.23 -1.17 12.97
C VAL A 248 -28.34 -1.15 11.45
N GLY A 249 -28.88 -2.26 10.92
CA GLY A 249 -29.22 -2.40 9.50
C GLY A 249 -30.67 -2.01 9.27
N VAL A 250 -30.91 -1.25 8.21
CA VAL A 250 -32.25 -0.77 7.88
C VAL A 250 -32.69 -1.33 6.53
N GLU A 251 -33.67 -2.23 6.57
CA GLU A 251 -34.24 -2.85 5.37
C GLU A 251 -35.40 -2.03 4.81
N ALA A 252 -35.82 -2.37 3.59
CA ALA A 252 -36.90 -1.67 2.93
C ALA A 252 -38.25 -2.14 3.48
N GLY A 253 -38.92 -1.25 4.20
CA GLY A 253 -40.28 -1.47 4.67
C GLY A 253 -41.31 -1.38 3.57
N GLY A 254 -40.95 -0.75 2.46
CA GLY A 254 -41.79 -0.69 1.27
C GLY A 254 -43.08 0.06 1.54
N LYS A 255 -44.21 -0.55 1.18
CA LYS A 255 -45.54 -0.01 1.48
C LYS A 255 -45.99 -0.29 2.92
N GLY A 256 -45.16 -1.00 3.70
CA GLY A 256 -45.51 -1.41 5.07
C GLY A 256 -45.20 -2.88 5.25
N LEU A 257 -44.81 -3.27 6.45
CA LEU A 257 -44.50 -4.67 6.74
C LEU A 257 -45.74 -5.57 6.61
N GLU A 258 -46.89 -5.04 7.02
CA GLU A 258 -48.19 -5.70 6.85
C GLU A 258 -48.73 -5.75 5.40
N SER A 259 -48.16 -4.95 4.49
CA SER A 259 -48.71 -4.79 3.13
C SER A 259 -48.40 -5.91 2.14
N GLY A 260 -47.36 -6.72 2.42
CA GLY A 260 -46.84 -7.67 1.43
C GLY A 260 -46.02 -7.06 0.30
N LYS A 261 -45.70 -5.77 0.38
CA LYS A 261 -44.89 -5.08 -0.62
C LYS A 261 -43.70 -4.44 0.09
N HIS A 262 -42.65 -5.24 0.27
CA HIS A 262 -41.44 -4.82 0.99
C HIS A 262 -40.27 -5.73 0.62
N SER A 263 -39.07 -5.43 1.12
CA SER A 263 -37.88 -6.28 0.91
C SER A 263 -37.13 -6.62 2.21
N ALA A 264 -37.83 -6.53 3.34
CA ALA A 264 -37.28 -6.81 4.66
C ALA A 264 -37.19 -8.31 4.93
N SER A 265 -36.16 -8.92 4.34
CA SER A 265 -35.91 -10.35 4.41
C SER A 265 -35.58 -10.82 5.82
N LEU A 266 -34.66 -10.11 6.47
CA LEU A 266 -34.31 -10.38 7.87
C LEU A 266 -35.51 -10.24 8.82
N ASN A 267 -36.35 -9.23 8.57
CA ASN A 267 -37.45 -8.91 9.48
C ASN A 267 -38.63 -9.86 9.37
N ALA A 268 -39.08 -10.11 8.14
CA ALA A 268 -40.31 -10.90 7.87
C ALA A 268 -40.14 -12.15 6.99
N GLY A 269 -38.91 -12.45 6.56
CA GLY A 269 -38.63 -13.62 5.71
C GLY A 269 -38.32 -14.87 6.52
N GLN A 270 -38.18 -15.98 5.80
CA GLN A 270 -37.86 -17.29 6.40
C GLN A 270 -36.51 -17.76 5.85
N VAL A 271 -35.90 -18.72 6.57
CA VAL A 271 -34.58 -19.24 6.18
C VAL A 271 -34.77 -20.24 5.04
N GLY A 272 -33.83 -20.25 4.11
CA GLY A 272 -33.91 -21.12 2.92
C GLY A 272 -32.64 -21.11 2.10
N VAL A 273 -32.56 -22.01 1.12
CA VAL A 273 -31.43 -22.07 0.20
C VAL A 273 -31.80 -21.42 -1.14
N SER A 274 -31.04 -20.41 -1.54
CA SER A 274 -31.13 -19.85 -2.90
C SER A 274 -29.80 -19.25 -3.33
N HIS A 275 -29.50 -19.32 -4.62
CA HIS A 275 -28.23 -18.85 -5.19
C HIS A 275 -26.99 -19.41 -4.46
N GLY A 276 -27.08 -20.69 -4.03
CA GLY A 276 -25.98 -21.39 -3.39
C GLY A 276 -25.67 -21.06 -1.93
N MET A 277 -26.58 -20.37 -1.24
CA MET A 277 -26.32 -19.94 0.14
C MET A 277 -27.55 -20.18 1.02
N LEU A 278 -27.29 -20.36 2.31
CA LEU A 278 -28.34 -20.40 3.33
C LEU A 278 -28.46 -19.03 3.96
N SER A 279 -29.61 -18.39 3.77
CA SER A 279 -29.89 -17.09 4.37
C SER A 279 -31.41 -16.88 4.47
N TYR A 280 -31.83 -15.66 4.79
CA TYR A 280 -33.24 -15.30 4.85
C TYR A 280 -33.76 -14.89 3.48
N PHE A 281 -35.01 -15.27 3.19
CA PHE A 281 -35.70 -14.94 1.96
C PHE A 281 -37.17 -14.72 2.27
N LEU A 282 -37.81 -13.77 1.57
CA LEU A 282 -39.27 -13.60 1.65
C LEU A 282 -39.94 -14.78 0.95
N GLN A 283 -40.94 -15.37 1.60
CA GLN A 283 -41.56 -16.61 1.10
C GLN A 283 -43.08 -16.61 1.12
N ASP A 284 -43.67 -17.28 0.13
CA ASP A 284 -45.14 -17.36 -0.04
C ASP A 284 -45.81 -18.28 0.98
N GLY A 287 -42.44 -21.92 2.11
CA GLY A 287 -42.76 -22.05 0.69
C GLY A 287 -41.66 -21.53 -0.22
N GLN A 288 -42.04 -21.16 -1.45
CA GLN A 288 -41.09 -20.68 -2.46
C GLN A 288 -40.76 -19.20 -2.27
N ILE A 289 -39.75 -18.73 -3.00
CA ILE A 289 -39.30 -17.34 -2.91
C ILE A 289 -40.34 -16.46 -3.60
N LYS A 290 -40.76 -15.38 -2.95
CA LYS A 290 -41.80 -14.49 -3.48
C LYS A 290 -41.22 -13.13 -3.91
N PRO A 291 -42.01 -12.32 -4.65
CA PRO A 291 -41.49 -11.01 -5.08
C PRO A 291 -41.24 -10.04 -3.93
N SER A 292 -40.35 -9.09 -4.18
CA SER A 292 -40.03 -8.00 -3.25
C SER A 292 -40.37 -6.67 -3.89
N HIS A 293 -40.38 -5.63 -3.07
CA HIS A 293 -40.63 -4.26 -3.53
C HIS A 293 -39.96 -3.21 -2.63
N SER A 294 -39.43 -2.17 -3.27
CA SER A 294 -39.06 -0.94 -2.59
C SER A 294 -39.03 0.22 -3.59
N ILE A 295 -39.32 1.41 -3.08
CA ILE A 295 -39.11 2.64 -3.85
C ILE A 295 -37.63 2.81 -4.22
N ALA A 296 -36.73 2.42 -3.32
CA ALA A 296 -35.29 2.37 -3.60
C ALA A 296 -34.99 1.09 -4.40
N PRO A 297 -34.63 1.21 -5.69
CA PRO A 297 -34.43 0.00 -6.50
C PRO A 297 -33.27 -0.88 -6.03
N GLY A 298 -32.23 -0.28 -5.45
CA GLY A 298 -31.12 -0.99 -4.83
C GLY A 298 -31.48 -1.91 -3.66
N LEU A 299 -32.58 -1.62 -2.96
CA LEU A 299 -33.06 -2.43 -1.85
C LEU A 299 -34.11 -3.47 -2.28
N ASP A 300 -34.36 -3.61 -3.58
CA ASP A 300 -35.45 -4.42 -4.09
C ASP A 300 -34.92 -5.80 -4.45
N TYR A 301 -34.81 -6.64 -3.43
CA TYR A 301 -34.33 -8.03 -3.56
C TYR A 301 -34.94 -8.88 -2.44
N PRO A 302 -35.52 -10.05 -2.78
CA PRO A 302 -36.20 -10.83 -1.72
C PRO A 302 -35.27 -11.51 -0.69
N GLY A 303 -33.99 -11.63 -1.01
CA GLY A 303 -32.99 -12.23 -0.12
C GLY A 303 -32.12 -11.24 0.61
N VAL A 304 -31.14 -11.76 1.36
CA VAL A 304 -30.20 -10.95 2.11
C VAL A 304 -28.92 -11.75 2.36
N GLY A 305 -27.81 -11.05 2.54
CA GLY A 305 -26.51 -11.66 2.79
C GLY A 305 -26.47 -12.56 4.03
N PRO A 306 -25.70 -13.66 3.96
CA PRO A 306 -25.65 -14.58 5.11
C PRO A 306 -24.91 -14.01 6.33
N GLU A 307 -23.92 -13.15 6.13
CA GLU A 307 -23.21 -12.55 7.27
C GLU A 307 -24.14 -11.65 8.11
N HIS A 308 -25.16 -11.06 7.49
CA HIS A 308 -26.18 -10.32 8.25
C HIS A 308 -27.11 -11.23 9.02
N ALA A 309 -27.47 -12.37 8.43
CA ALA A 309 -28.25 -13.39 9.13
C ALA A 309 -27.53 -13.82 10.40
N TYR A 310 -26.24 -14.14 10.24
CA TYR A 310 -25.35 -14.46 11.37
C TYR A 310 -25.31 -13.39 12.46
N LEU A 311 -25.16 -12.12 12.07
CA LEU A 311 -25.11 -11.01 13.03
C LEU A 311 -26.44 -10.84 13.79
N LYS A 312 -27.54 -10.93 13.02
CA LYS A 312 -28.89 -10.88 13.60
C LYS A 312 -29.08 -11.98 14.65
N LYS A 313 -28.55 -13.17 14.38
CA LYS A 313 -28.73 -14.34 15.27
C LYS A 313 -27.98 -14.16 16.60
N ILE A 314 -26.68 -13.89 16.50
CA ILE A 314 -25.82 -13.50 17.65
C ILE A 314 -26.29 -12.20 18.35
N GLN A 315 -27.12 -11.41 17.67
CA GLN A 315 -27.66 -10.13 18.20
C GLN A 315 -26.56 -9.05 18.32
N ARG A 316 -25.52 -9.20 17.51
CA ARG A 316 -24.45 -8.21 17.40
C ARG A 316 -24.98 -6.97 16.67
N ALA A 317 -25.82 -7.18 15.67
CA ALA A 317 -26.47 -6.09 14.93
C ALA A 317 -27.99 -6.27 15.02
N GLU A 318 -28.70 -5.15 15.19
CA GLU A 318 -30.18 -5.13 15.17
C GLU A 318 -30.64 -4.70 13.79
N TYR A 319 -31.76 -5.27 13.34
CA TYR A 319 -32.30 -4.97 12.02
C TYR A 319 -33.74 -4.44 12.10
N VAL A 320 -33.97 -3.34 11.37
CA VAL A 320 -35.24 -2.60 11.39
C VAL A 320 -35.69 -2.31 9.96
N ALA A 321 -36.90 -1.78 9.82
CA ALA A 321 -37.47 -1.43 8.53
C ALA A 321 -37.97 0.01 8.53
N VAL A 322 -37.83 0.63 7.36
CA VAL A 322 -38.27 2.00 7.11
C VAL A 322 -39.10 1.99 5.83
N THR A 323 -40.28 2.62 5.85
CA THR A 323 -41.16 2.59 4.68
C THR A 323 -40.67 3.50 3.54
N ASP A 324 -41.30 3.35 2.38
CA ASP A 324 -41.11 4.21 1.21
C ASP A 324 -41.33 5.67 1.61
N GLU A 325 -42.48 5.93 2.24
CA GLU A 325 -42.86 7.25 2.72
C GLU A 325 -41.82 7.89 3.63
N GLU A 326 -41.33 7.12 4.60
CA GLU A 326 -40.31 7.59 5.55
C GLU A 326 -38.99 7.91 4.86
N ALA A 327 -38.52 7.02 3.99
CA ALA A 327 -37.30 7.27 3.21
C ALA A 327 -37.43 8.50 2.30
N LEU A 328 -38.60 8.68 1.71
CA LEU A 328 -38.91 9.84 0.89
C LEU A 328 -38.81 11.13 1.71
N LYS A 329 -39.41 11.15 2.89
CA LYS A 329 -39.31 12.32 3.78
C LYS A 329 -37.85 12.64 4.13
N ALA A 330 -37.05 11.60 4.41
CA ALA A 330 -35.62 11.79 4.70
C ALA A 330 -34.80 12.28 3.50
N PHE A 331 -35.17 11.84 2.30
CA PHE A 331 -34.56 12.31 1.05
C PHE A 331 -34.70 13.83 0.96
N HIS A 332 -35.93 14.34 1.12
CA HIS A 332 -36.20 15.77 1.08
C HIS A 332 -35.56 16.54 2.24
N GLU A 333 -35.59 15.95 3.43
CA GLU A 333 -35.04 16.59 4.62
C GLU A 333 -33.53 16.80 4.52
N LEU A 334 -32.80 15.76 4.12
CA LEU A 334 -31.34 15.89 3.99
C LEU A 334 -30.94 16.87 2.87
N SER A 335 -31.67 16.87 1.76
CA SER A 335 -31.44 17.84 0.68
C SER A 335 -31.58 19.27 1.18
N ARG A 336 -32.70 19.54 1.85
CA ARG A 336 -33.04 20.88 2.32
C ARG A 336 -32.15 21.37 3.46
N THR A 337 -31.74 20.45 4.33
CA THR A 337 -31.07 20.82 5.58
C THR A 337 -29.54 20.84 5.45
N GLU A 338 -28.98 19.93 4.64
CA GLU A 338 -27.51 19.76 4.56
C GLU A 338 -26.90 19.97 3.16
N GLY A 339 -27.73 20.23 2.15
CA GLY A 339 -27.25 20.37 0.77
C GLY A 339 -26.73 19.08 0.14
N ILE A 340 -27.23 17.95 0.62
CA ILE A 340 -26.83 16.63 0.11
C ILE A 340 -28.09 15.88 -0.32
N ILE A 341 -28.16 15.56 -1.61
CA ILE A 341 -29.27 14.80 -2.17
C ILE A 341 -28.84 13.33 -2.07
N PRO A 342 -29.43 12.57 -1.11
CA PRO A 342 -29.03 11.17 -0.90
C PRO A 342 -29.69 10.23 -1.89
N ALA A 343 -29.08 9.08 -2.14
CA ALA A 343 -29.78 7.99 -2.83
C ALA A 343 -30.97 7.57 -1.97
N LEU A 344 -32.04 7.12 -2.62
CA LEU A 344 -33.24 6.65 -1.89
C LEU A 344 -32.96 5.43 -1.01
N GLU A 345 -31.98 4.62 -1.42
CA GLU A 345 -31.49 3.51 -0.58
C GLU A 345 -30.96 4.10 0.72
N SER A 346 -30.02 5.04 0.59
CA SER A 346 -29.38 5.73 1.73
C SER A 346 -30.38 6.49 2.61
N ALA A 347 -31.39 7.08 1.98
CA ALA A 347 -32.47 7.77 2.69
C ALA A 347 -33.18 6.90 3.73
N HIS A 348 -33.24 5.59 3.50
CA HIS A 348 -33.73 4.64 4.49
C HIS A 348 -32.90 4.73 5.78
N ALA A 349 -31.57 4.72 5.63
CA ALA A 349 -30.65 4.81 6.76
C ALA A 349 -30.78 6.14 7.49
N VAL A 350 -30.87 7.23 6.73
CA VAL A 350 -31.04 8.57 7.29
C VAL A 350 -32.35 8.66 8.06
N ALA A 351 -33.43 8.16 7.46
CA ALA A 351 -34.76 8.19 8.08
C ALA A 351 -34.76 7.55 9.47
N TYR A 352 -34.08 6.41 9.61
CA TYR A 352 -34.02 5.72 10.90
C TYR A 352 -33.06 6.42 11.87
N ALA A 353 -31.93 6.91 11.36
CA ALA A 353 -30.96 7.64 12.20
C ALA A 353 -31.57 8.91 12.81
N MET A 354 -32.46 9.56 12.06
CA MET A 354 -33.17 10.74 12.56
C MET A 354 -34.09 10.42 13.74
N LYS A 355 -34.91 9.37 13.59
CA LYS A 355 -35.78 8.89 14.69
C LYS A 355 -34.99 8.45 15.90
N LEU A 356 -33.85 7.80 15.66
CA LEU A 356 -32.99 7.26 16.71
C LEU A 356 -32.27 8.39 17.46
N ALA A 357 -31.76 9.35 16.70
CA ALA A 357 -31.09 10.53 17.28
C ALA A 357 -31.95 11.27 18.29
N LYS A 358 -33.25 11.38 17.99
CA LYS A 358 -34.23 12.06 18.85
C LYS A 358 -34.30 11.45 20.25
N GLU A 359 -34.25 10.12 20.33
CA GLU A 359 -34.25 9.41 21.60
C GLU A 359 -32.94 9.57 22.39
N MET A 360 -31.83 9.79 21.69
CA MET A 360 -30.49 9.79 22.29
C MET A 360 -30.04 11.16 22.80
N SER A 361 -28.92 11.17 23.53
CA SER A 361 -28.38 12.39 24.14
C SER A 361 -27.33 13.07 23.26
N ARG A 362 -27.05 14.34 23.59
CA ARG A 362 -26.20 15.20 22.76
C ARG A 362 -24.71 14.86 22.81
N ASP A 363 -24.29 14.12 23.84
CA ASP A 363 -22.95 13.55 23.92
C ASP A 363 -22.75 12.34 23.00
N GLU A 364 -23.84 11.65 22.63
CA GLU A 364 -23.76 10.40 21.87
C GLU A 364 -23.63 10.62 20.35
N ILE A 365 -23.08 9.62 19.67
CA ILE A 365 -22.68 9.73 18.26
C ILE A 365 -23.35 8.66 17.41
N ILE A 366 -23.91 9.08 16.28
CA ILE A 366 -24.40 8.17 15.24
C ILE A 366 -23.65 8.41 13.94
N ILE A 367 -23.15 7.34 13.33
CA ILE A 367 -22.61 7.38 11.97
C ILE A 367 -23.61 6.69 11.05
N VAL A 368 -24.09 7.44 10.06
CA VAL A 368 -24.95 6.91 9.01
C VAL A 368 -24.10 6.67 7.77
N ASN A 369 -24.13 5.47 7.20
CA ASN A 369 -23.46 5.22 5.93
C ASN A 369 -24.33 5.83 4.85
N LEU A 370 -23.88 6.94 4.26
CA LEU A 370 -24.58 7.54 3.12
C LEU A 370 -24.07 6.84 1.87
N SER A 371 -24.72 5.74 1.54
CA SER A 371 -24.19 4.76 0.58
C SER A 371 -24.18 5.25 -0.86
N GLY A 372 -25.05 6.21 -1.20
CA GLY A 372 -25.03 6.83 -2.53
C GLY A 372 -25.66 8.20 -2.63
N ARG A 373 -25.45 8.83 -3.79
CA ARG A 373 -26.09 10.12 -4.13
C ARG A 373 -27.41 9.88 -4.86
N GLY A 374 -28.27 10.90 -4.83
CA GLY A 374 -29.64 10.80 -5.35
C GLY A 374 -29.90 11.24 -6.78
N ASP A 375 -28.86 11.56 -7.54
CA ASP A 375 -29.00 11.99 -8.95
C ASP A 375 -29.75 10.98 -9.79
N LYS A 376 -29.41 9.71 -9.59
CA LYS A 376 -30.08 8.58 -10.25
C LYS A 376 -31.57 8.44 -9.92
N ASP A 377 -31.99 8.92 -8.75
CA ASP A 377 -33.38 8.79 -8.27
C ASP A 377 -34.30 9.98 -8.56
N LEU A 378 -33.76 11.03 -9.21
CA LEU A 378 -34.51 12.28 -9.37
C LEU A 378 -35.77 12.11 -10.22
N ASP A 379 -35.68 11.32 -11.28
CA ASP A 379 -36.84 11.00 -12.10
C ASP A 379 -37.97 10.37 -11.28
N ILE A 380 -37.60 9.42 -10.42
CA ILE A 380 -38.57 8.74 -9.53
C ILE A 380 -39.19 9.72 -8.52
N VAL A 381 -38.35 10.55 -7.91
CA VAL A 381 -38.81 11.51 -6.89
C VAL A 381 -39.65 12.62 -7.53
N LEU A 382 -39.35 12.98 -8.77
CA LEU A 382 -40.13 13.98 -9.51
C LEU A 382 -41.57 13.51 -9.76
N LYS A 383 -41.72 12.25 -10.17
CA LYS A 383 -43.04 11.64 -10.39
C LYS A 383 -43.89 11.62 -9.12
N VAL A 384 -43.29 11.27 -7.98
CA VAL A 384 -44.01 11.27 -6.70
C VAL A 384 -44.32 12.70 -6.25
N SER A 385 -43.34 13.59 -6.36
CA SER A 385 -43.55 15.03 -6.15
C SER A 385 -44.37 15.63 -7.29
N MET B 1 -8.40 45.88 -9.81
CA MET B 1 -9.63 45.97 -10.64
C MET B 1 -9.41 45.64 -12.13
N TRP B 2 -8.18 45.83 -12.62
CA TRP B 2 -7.84 45.57 -14.01
C TRP B 2 -6.87 44.40 -14.16
N PHE B 3 -6.99 43.70 -15.28
CA PHE B 3 -6.00 42.75 -15.76
C PHE B 3 -5.53 43.32 -17.09
N GLY B 4 -4.53 44.19 -17.03
CA GLY B 4 -4.12 44.97 -18.20
C GLY B 4 -5.26 45.90 -18.59
N GLU B 5 -5.73 45.75 -19.83
CA GLU B 5 -6.84 46.58 -20.31
C GLU B 5 -8.24 46.06 -19.99
N PHE B 6 -8.35 44.87 -19.39
CA PHE B 6 -9.63 44.21 -19.19
C PHE B 6 -10.04 44.20 -17.71
N GLY B 7 -11.35 44.14 -17.47
CA GLY B 7 -11.92 44.17 -16.13
C GLY B 7 -12.74 45.42 -15.86
N GLY B 8 -12.49 46.08 -14.73
CA GLY B 8 -13.19 47.31 -14.38
C GLY B 8 -14.44 47.09 -13.55
N GLN B 9 -15.15 48.20 -13.31
CA GLN B 9 -16.44 48.20 -12.62
C GLN B 9 -17.46 49.00 -13.41
N TYR B 10 -17.78 48.53 -14.61
CA TYR B 10 -18.69 49.23 -15.51
C TYR B 10 -20.16 49.03 -15.11
N VAL B 11 -20.54 49.69 -14.03
CA VAL B 11 -21.86 49.55 -13.42
C VAL B 11 -22.42 50.89 -12.99
N PRO B 12 -23.76 50.98 -12.82
CA PRO B 12 -24.32 52.22 -12.25
C PRO B 12 -23.76 52.54 -10.85
N GLU B 13 -23.96 53.79 -10.43
CA GLU B 13 -23.39 54.28 -9.18
C GLU B 13 -23.98 53.56 -7.96
N THR B 14 -25.24 53.14 -8.08
CA THR B 14 -25.92 52.35 -7.05
C THR B 14 -25.22 51.02 -6.72
N LEU B 15 -24.44 50.47 -7.66
CA LEU B 15 -23.65 49.25 -7.40
C LEU B 15 -22.27 49.46 -6.79
N ILE B 16 -21.74 50.68 -6.82
CA ILE B 16 -20.36 50.93 -6.38
C ILE B 16 -20.24 50.74 -4.86
N GLY B 17 -21.24 51.21 -4.12
CA GLY B 17 -21.30 51.04 -2.67
C GLY B 17 -21.22 49.57 -2.24
N PRO B 18 -22.17 48.74 -2.72
CA PRO B 18 -22.14 47.29 -2.49
C PRO B 18 -20.85 46.59 -2.90
N LEU B 19 -20.28 46.98 -4.04
CA LEU B 19 -19.03 46.37 -4.52
C LEU B 19 -17.83 46.74 -3.67
N LYS B 20 -17.82 47.97 -3.13
CA LYS B 20 -16.76 48.43 -2.22
C LYS B 20 -16.84 47.70 -0.88
N GLU B 21 -18.06 47.52 -0.35
CA GLU B 21 -18.27 46.74 0.87
C GLU B 21 -17.83 45.28 0.72
N LEU B 22 -18.11 44.70 -0.45
CA LEU B 22 -17.68 43.33 -0.75
C LEU B 22 -16.15 43.25 -0.87
N GLU B 23 -15.56 44.23 -1.54
CA GLU B 23 -14.10 44.32 -1.71
C GLU B 23 -13.37 44.44 -0.36
N LYS B 24 -13.94 45.24 0.55
CA LYS B 24 -13.37 45.41 1.90
C LYS B 24 -13.51 44.13 2.75
N ALA B 25 -14.70 43.53 2.73
CA ALA B 25 -14.95 42.29 3.46
C ALA B 25 -14.03 41.15 2.98
N TYR B 26 -13.95 41.00 1.66
CA TYR B 26 -13.09 39.98 1.07
C TYR B 26 -11.61 40.18 1.43
N LYS B 27 -11.13 41.41 1.33
CA LYS B 27 -9.74 41.74 1.71
C LYS B 27 -9.43 41.38 3.17
N ARG B 28 -10.40 41.56 4.05
CA ARG B 28 -10.27 41.19 5.45
C ARG B 28 -10.32 39.67 5.66
N PHE B 29 -11.34 39.02 5.11
CA PHE B 29 -11.58 37.59 5.38
C PHE B 29 -10.70 36.61 4.59
N LYS B 30 -10.19 37.01 3.42
CA LYS B 30 -9.40 36.08 2.57
C LYS B 30 -8.17 35.48 3.25
N ASP B 31 -7.54 36.25 4.14
CA ASP B 31 -6.37 35.79 4.92
C ASP B 31 -6.70 35.57 6.40
N ASP B 32 -7.96 35.68 6.79
CA ASP B 32 -8.39 35.50 8.18
C ASP B 32 -8.31 34.02 8.55
N GLU B 33 -7.68 33.72 9.69
CA GLU B 33 -7.44 32.34 10.14
C GLU B 33 -8.72 31.54 10.34
N GLU B 34 -9.74 32.20 10.92
CA GLU B 34 -11.03 31.57 11.19
C GLU B 34 -11.83 31.29 9.92
N PHE B 35 -11.83 32.23 8.97
CA PHE B 35 -12.53 32.04 7.70
C PHE B 35 -11.97 30.86 6.90
N ASN B 36 -10.64 30.83 6.76
CA ASN B 36 -9.96 29.75 6.03
C ASN B 36 -10.03 28.39 6.75
N ARG B 37 -10.07 28.39 8.08
CA ARG B 37 -10.31 27.17 8.85
C ARG B 37 -11.67 26.56 8.47
N GLN B 38 -12.72 27.38 8.53
CA GLN B 38 -14.07 26.93 8.22
C GLN B 38 -14.24 26.55 6.75
N LEU B 39 -13.65 27.34 5.85
CA LEU B 39 -13.70 27.07 4.42
C LEU B 39 -13.07 25.73 4.08
N ASN B 40 -11.86 25.51 4.58
CA ASN B 40 -11.12 24.27 4.32
C ASN B 40 -11.81 23.05 4.94
N TYR B 41 -12.43 23.26 6.10
CA TYR B 41 -13.22 22.24 6.80
C TYR B 41 -14.42 21.81 5.97
N TYR B 42 -15.18 22.78 5.45
CA TYR B 42 -16.33 22.50 4.60
C TYR B 42 -15.92 21.88 3.26
N LEU B 43 -14.84 22.39 2.66
CA LEU B 43 -14.30 21.80 1.43
C LEU B 43 -13.87 20.35 1.60
N LYS B 44 -13.25 20.07 2.75
CA LYS B 44 -12.78 18.73 3.07
C LYS B 44 -13.96 17.78 3.35
N THR B 45 -14.75 18.09 4.37
CA THR B 45 -15.73 17.14 4.92
C THR B 45 -17.05 17.10 4.13
N TRP B 46 -17.45 18.23 3.53
CA TRP B 46 -18.71 18.32 2.79
C TRP B 46 -18.53 18.19 1.27
N ALA B 47 -17.55 18.91 0.71
CA ALA B 47 -17.28 18.87 -0.73
C ALA B 47 -16.39 17.70 -1.18
N GLY B 48 -15.57 17.19 -0.27
CA GLY B 48 -14.71 16.03 -0.55
C GLY B 48 -13.36 16.36 -1.18
N ARG B 49 -12.81 17.54 -0.88
CA ARG B 49 -11.47 17.90 -1.32
C ARG B 49 -10.43 17.24 -0.40
N PRO B 50 -9.24 16.90 -0.91
CA PRO B 50 -8.82 17.14 -2.28
C PRO B 50 -9.37 16.11 -3.28
N THR B 51 -9.51 16.52 -4.54
CA THR B 51 -9.83 15.57 -5.61
C THR B 51 -8.53 14.97 -6.12
N PRO B 52 -8.58 13.75 -6.67
CA PRO B 52 -7.35 13.13 -7.20
C PRO B 52 -6.88 13.65 -8.56
N LEU B 53 -5.62 13.37 -8.85
CA LEU B 53 -5.04 13.53 -10.18
C LEU B 53 -4.88 12.13 -10.73
N TYR B 54 -5.55 11.84 -11.85
CA TYR B 54 -5.65 10.49 -12.39
C TYR B 54 -4.89 10.35 -13.70
N TYR B 55 -3.98 9.38 -13.78
CA TYR B 55 -3.28 9.07 -15.02
C TYR B 55 -4.18 8.25 -15.94
N ALA B 56 -4.62 8.83 -17.06
CA ALA B 56 -5.47 8.13 -18.02
C ALA B 56 -4.58 7.27 -18.92
N LYS B 57 -4.17 6.13 -18.35
CA LYS B 57 -3.16 5.27 -18.95
C LYS B 57 -3.63 4.64 -20.27
N ARG B 58 -4.87 4.14 -20.30
CA ARG B 58 -5.42 3.55 -21.52
C ARG B 58 -5.54 4.60 -22.65
N LEU B 59 -6.09 5.77 -22.33
CA LEU B 59 -6.22 6.85 -23.30
C LEU B 59 -4.86 7.29 -23.84
N THR B 60 -3.91 7.49 -22.94
CA THR B 60 -2.51 7.81 -23.29
C THR B 60 -1.93 6.82 -24.30
N GLU B 61 -2.01 5.53 -23.96
CA GLU B 61 -1.49 4.44 -24.82
C GLU B 61 -2.17 4.37 -26.18
N LYS B 62 -3.49 4.55 -26.19
CA LYS B 62 -4.28 4.50 -27.42
C LYS B 62 -3.88 5.59 -28.41
N ILE B 63 -3.72 6.81 -27.92
CA ILE B 63 -3.22 7.93 -28.73
C ILE B 63 -1.74 7.73 -29.06
N GLY B 64 -0.98 7.18 -28.11
CA GLY B 64 0.43 6.87 -28.31
C GLY B 64 1.29 8.11 -28.38
N GLY B 65 1.03 9.05 -27.48
CA GLY B 65 1.77 10.32 -27.42
C GLY B 65 2.07 10.67 -25.97
N ALA B 66 1.91 11.94 -25.62
CA ALA B 66 2.20 12.42 -24.27
C ALA B 66 1.27 11.82 -23.22
N LYS B 67 1.71 11.87 -21.96
CA LYS B 67 0.93 11.38 -20.82
C LYS B 67 -0.20 12.35 -20.50
N VAL B 68 -1.42 11.81 -20.45
CA VAL B 68 -2.61 12.61 -20.20
C VAL B 68 -3.12 12.29 -18.78
N TYR B 69 -2.97 13.25 -17.88
CA TYR B 69 -3.57 13.20 -16.55
C TYR B 69 -4.88 14.00 -16.54
N LEU B 70 -5.82 13.54 -15.71
CA LEU B 70 -7.09 14.22 -15.52
C LEU B 70 -7.21 14.64 -14.06
N LYS B 71 -7.34 15.95 -13.83
CA LYS B 71 -7.62 16.47 -12.51
C LYS B 71 -9.11 16.28 -12.27
N ARG B 72 -9.46 15.48 -11.27
CA ARG B 72 -10.82 14.95 -11.14
C ARG B 72 -11.78 15.86 -10.36
N GLU B 73 -12.06 17.05 -10.91
CA GLU B 73 -13.11 17.90 -10.34
C GLU B 73 -14.51 17.31 -10.52
N ASP B 74 -14.66 16.33 -11.42
CA ASP B 74 -15.90 15.55 -11.50
C ASP B 74 -16.30 14.87 -10.17
N LEU B 75 -15.34 14.64 -9.26
CA LEU B 75 -15.61 13.97 -7.98
C LEU B 75 -15.98 14.89 -6.81
N VAL B 76 -15.87 16.21 -6.95
CA VAL B 76 -16.35 17.09 -5.87
C VAL B 76 -17.87 16.96 -5.73
N HIS B 77 -18.36 17.18 -4.51
CA HIS B 77 -19.79 17.19 -4.21
C HIS B 77 -20.60 18.07 -5.15
N GLY B 78 -21.59 17.46 -5.80
CA GLY B 78 -22.42 18.11 -6.83
C GLY B 78 -22.00 17.83 -8.26
N GLY B 79 -20.79 17.31 -8.47
CA GLY B 79 -20.33 16.85 -9.78
C GLY B 79 -19.58 17.88 -10.63
N ALA B 80 -19.34 19.08 -10.10
CA ALA B 80 -18.59 20.10 -10.84
C ALA B 80 -17.77 21.00 -9.92
N HIS B 81 -16.70 21.57 -10.49
CA HIS B 81 -15.84 22.56 -9.82
C HIS B 81 -16.58 23.74 -9.18
N1 LLP B 82 -17.38 22.77 -16.81
C2 LLP B 82 -18.36 22.35 -15.99
C2' LLP B 82 -18.46 20.92 -15.55
C3 LLP B 82 -19.36 23.32 -15.53
O3 LLP B 82 -20.36 22.98 -14.70
C4 LLP B 82 -19.26 24.73 -15.96
C4' LLP B 82 -20.29 25.74 -15.50
C5 LLP B 82 -18.13 25.05 -16.86
C6 LLP B 82 -17.25 24.04 -17.23
C5' LLP B 82 -17.94 26.46 -17.40
OP4 LLP B 82 -17.67 27.39 -16.37
P LLP B 82 -16.25 28.13 -16.23
OP1 LLP B 82 -16.60 29.28 -15.34
OP2 LLP B 82 -15.35 27.11 -15.57
OP3 LLP B 82 -15.79 28.47 -17.64
N LLP B 82 -17.80 24.04 -9.64
CA LLP B 82 -18.58 25.19 -9.17
CB LLP B 82 -19.97 25.18 -9.79
CG LLP B 82 -19.89 25.40 -11.29
CD LLP B 82 -21.16 26.06 -11.78
CE LLP B 82 -20.97 26.56 -13.20
NZ LLP B 82 -20.72 25.49 -14.13
C LLP B 82 -18.79 25.25 -7.69
O LLP B 82 -18.92 26.34 -7.13
N THR B 83 -18.85 24.08 -7.07
CA THR B 83 -18.97 23.96 -5.61
C THR B 83 -17.91 24.73 -4.82
N ASN B 84 -16.66 24.73 -5.30
CA ASN B 84 -15.54 25.42 -4.63
C ASN B 84 -15.84 26.91 -4.45
N ASN B 85 -16.36 27.51 -5.51
CA ASN B 85 -16.77 28.91 -5.54
C ASN B 85 -18.03 29.15 -4.70
N ALA B 86 -19.02 28.27 -4.87
CA ALA B 86 -20.28 28.39 -4.12
C ALA B 86 -20.07 28.39 -2.60
N ILE B 87 -19.21 27.49 -2.12
CA ILE B 87 -18.90 27.39 -0.68
C ILE B 87 -18.14 28.63 -0.22
N GLY B 88 -17.08 28.99 -0.94
CA GLY B 88 -16.26 30.16 -0.62
C GLY B 88 -17.09 31.43 -0.47
N GLN B 89 -17.90 31.74 -1.49
CA GLN B 89 -18.71 32.97 -1.49
C GLN B 89 -19.86 32.93 -0.50
N ALA B 90 -20.50 31.77 -0.37
CA ALA B 90 -21.58 31.60 0.61
C ALA B 90 -21.06 31.74 2.04
N LEU B 91 -19.84 31.27 2.30
CA LEU B 91 -19.21 31.43 3.61
C LEU B 91 -18.79 32.88 3.84
N LEU B 92 -18.20 33.50 2.81
CA LEU B 92 -17.90 34.93 2.86
C LEU B 92 -19.16 35.71 3.18
N ALA B 93 -20.25 35.38 2.48
CA ALA B 93 -21.57 36.00 2.71
C ALA B 93 -22.03 35.88 4.16
N LYS B 94 -21.84 34.70 4.76
CA LYS B 94 -22.21 34.48 6.15
C LYS B 94 -21.34 35.31 7.11
N PHE B 95 -20.03 35.31 6.87
CA PHE B 95 -19.10 36.15 7.65
C PHE B 95 -19.36 37.66 7.52
N MET B 96 -19.98 38.10 6.42
CA MET B 96 -20.42 39.49 6.25
C MET B 96 -21.80 39.78 6.87
N GLY B 97 -22.40 38.77 7.51
CA GLY B 97 -23.70 38.89 8.15
C GLY B 97 -24.88 38.84 7.19
N LYS B 98 -24.67 38.35 5.98
CA LYS B 98 -25.76 38.23 4.99
C LYS B 98 -26.56 36.98 5.31
N THR B 99 -27.86 37.04 5.06
CA THR B 99 -28.79 35.94 5.31
C THR B 99 -29.35 35.30 4.04
N ARG B 100 -29.18 35.96 2.90
CA ARG B 100 -29.76 35.54 1.63
C ARG B 100 -28.68 35.50 0.55
N LEU B 101 -28.76 34.50 -0.33
CA LEU B 101 -27.89 34.39 -1.50
C LEU B 101 -28.76 34.51 -2.73
N ILE B 102 -28.29 35.26 -3.72
CA ILE B 102 -28.86 35.19 -5.06
C ILE B 102 -27.79 34.80 -6.06
N ALA B 103 -28.21 34.22 -7.17
CA ALA B 103 -27.28 33.82 -8.22
C ALA B 103 -27.98 33.72 -9.56
N GLU B 104 -27.20 33.93 -10.62
CA GLU B 104 -27.61 33.63 -11.97
C GLU B 104 -27.31 32.17 -12.26
N THR B 105 -28.06 31.59 -13.17
CA THR B 105 -27.65 30.33 -13.77
C THR B 105 -28.25 30.18 -15.15
N GLY B 106 -27.51 29.51 -16.03
CA GLY B 106 -27.96 29.22 -17.40
C GLY B 106 -28.12 27.72 -17.56
N ALA B 107 -27.02 26.99 -17.40
CA ALA B 107 -27.02 25.52 -17.45
C ALA B 107 -27.76 24.92 -16.26
N GLY B 108 -27.83 25.66 -15.16
CA GLY B 108 -28.44 25.20 -13.93
C GLY B 108 -27.42 24.70 -12.91
N GLN B 109 -26.19 24.44 -13.36
CA GLN B 109 -25.16 23.85 -12.53
CA GLN B 109 -25.17 23.84 -12.50
C GLN B 109 -24.73 24.80 -11.41
N HIS B 110 -24.55 26.08 -11.74
CA HIS B 110 -24.23 27.08 -10.72
C HIS B 110 -25.39 27.30 -9.77
N GLY B 111 -26.59 27.29 -10.33
CA GLY B 111 -27.80 27.37 -9.54
C GLY B 111 -27.86 26.25 -8.50
N VAL B 112 -27.52 25.05 -8.92
CA VAL B 112 -27.52 23.88 -8.02
C VAL B 112 -26.44 24.02 -6.95
N ALA B 113 -25.23 24.39 -7.36
CA ALA B 113 -24.12 24.58 -6.42
C ALA B 113 -24.42 25.65 -5.36
N THR B 114 -25.03 26.75 -5.79
CA THR B 114 -25.41 27.83 -4.88
C THR B 114 -26.49 27.37 -3.92
N ALA B 115 -27.49 26.68 -4.45
CA ALA B 115 -28.56 26.10 -3.62
C ALA B 115 -28.02 25.10 -2.58
N MET B 116 -27.00 24.32 -2.94
CA MET B 116 -26.40 23.35 -2.01
C MET B 116 -25.65 24.07 -0.89
N ALA B 117 -24.82 25.05 -1.26
CA ALA B 117 -24.08 25.88 -0.30
C ALA B 117 -25.02 26.67 0.59
N GLY B 118 -26.09 27.19 0.01
CA GLY B 118 -27.12 27.88 0.78
C GLY B 118 -27.80 26.98 1.81
N ALA B 119 -28.16 25.77 1.39
CA ALA B 119 -28.76 24.77 2.29
C ALA B 119 -27.81 24.47 3.45
N LEU B 120 -26.58 24.11 3.12
CA LEU B 120 -25.51 23.85 4.10
C LEU B 120 -25.38 24.90 5.21
N LEU B 121 -25.39 26.18 4.80
CA LEU B 121 -25.14 27.31 5.71
C LEU B 121 -26.39 28.00 6.27
N GLY B 122 -27.56 27.42 6.04
CA GLY B 122 -28.81 27.93 6.60
C GLY B 122 -29.25 29.28 6.06
N MET B 123 -28.98 29.50 4.78
CA MET B 123 -29.22 30.77 4.12
C MET B 123 -30.35 30.61 3.10
N LYS B 124 -31.14 31.67 2.92
CA LYS B 124 -32.18 31.72 1.89
C LYS B 124 -31.50 31.82 0.52
N VAL B 125 -32.08 31.16 -0.49
CA VAL B 125 -31.53 31.14 -1.83
C VAL B 125 -32.59 31.43 -2.89
N ASP B 126 -32.37 32.48 -3.69
CA ASP B 126 -33.16 32.75 -4.90
C ASP B 126 -32.25 32.69 -6.13
N ILE B 127 -32.66 31.93 -7.14
CA ILE B 127 -31.86 31.75 -8.36
C ILE B 127 -32.59 32.40 -9.52
N TYR B 128 -31.93 33.35 -10.18
CA TYR B 128 -32.45 33.96 -11.40
C TYR B 128 -32.01 33.11 -12.59
N MET B 129 -32.97 32.75 -13.42
CA MET B 129 -32.73 31.84 -14.52
C MET B 129 -33.61 32.24 -15.70
N GLY B 130 -32.98 32.50 -16.84
CA GLY B 130 -33.71 32.84 -18.05
C GLY B 130 -34.71 31.77 -18.43
N ALA B 131 -35.91 32.20 -18.79
CA ALA B 131 -37.01 31.29 -19.12
C ALA B 131 -36.67 30.22 -20.16
N GLU B 132 -35.84 30.55 -21.14
CA GLU B 132 -35.41 29.56 -22.13
C GLU B 132 -34.57 28.45 -21.48
N ASP B 133 -33.73 28.84 -20.51
CA ASP B 133 -32.89 27.90 -19.78
C ASP B 133 -33.70 27.05 -18.80
N VAL B 134 -34.71 27.65 -18.17
CA VAL B 134 -35.64 26.94 -17.29
C VAL B 134 -36.31 25.79 -18.04
N GLU B 135 -36.81 26.07 -19.23
CA GLU B 135 -37.42 25.05 -20.10
C GLU B 135 -36.46 23.91 -20.48
N ARG B 136 -35.21 24.28 -20.74
CA ARG B 136 -34.17 23.38 -21.21
C ARG B 136 -33.52 22.54 -20.11
N GLN B 137 -33.70 22.93 -18.85
CA GLN B 137 -32.95 22.36 -17.73
C GLN B 137 -33.90 21.99 -16.60
N LYS B 138 -34.93 21.21 -16.93
CA LYS B 138 -36.00 20.85 -16.00
C LYS B 138 -35.45 20.13 -14.77
N MET B 139 -34.46 19.26 -14.97
CA MET B 139 -33.88 18.50 -13.85
C MET B 139 -33.04 19.33 -12.89
N ASN B 140 -32.21 20.25 -13.41
CA ASN B 140 -31.48 21.16 -12.54
C ASN B 140 -32.41 22.09 -11.76
N VAL B 141 -33.50 22.53 -12.38
CA VAL B 141 -34.52 23.33 -11.69
C VAL B 141 -35.12 22.51 -10.53
N PHE B 142 -35.38 21.23 -10.78
CA PHE B 142 -35.87 20.33 -9.75
C PHE B 142 -34.86 20.09 -8.61
N ARG B 143 -33.58 19.91 -8.96
N ARG B 143 -33.58 19.92 -8.96
CA ARG B 143 -32.50 19.83 -7.96
CA ARG B 143 -32.52 19.81 -7.95
C ARG B 143 -32.52 21.04 -7.04
C ARG B 143 -32.50 21.04 -7.04
N MET B 144 -32.59 22.23 -7.63
CA MET B 144 -32.61 23.49 -6.88
C MET B 144 -33.79 23.57 -5.92
N LYS B 145 -34.97 23.18 -6.40
CA LYS B 145 -36.19 23.11 -5.60
C LYS B 145 -36.05 22.10 -4.43
N LEU B 146 -35.56 20.89 -4.72
CA LEU B 146 -35.24 19.88 -3.68
C LEU B 146 -34.28 20.45 -2.64
N LEU B 147 -33.29 21.24 -3.09
CA LEU B 147 -32.31 21.83 -2.18
C LEU B 147 -32.83 23.02 -1.36
N GLY B 148 -34.08 23.41 -1.57
CA GLY B 148 -34.72 24.45 -0.80
C GLY B 148 -34.64 25.83 -1.44
N ALA B 149 -34.06 25.92 -2.64
CA ALA B 149 -33.93 27.19 -3.35
C ALA B 149 -35.19 27.52 -4.11
N ASN B 150 -35.42 28.82 -4.27
CA ASN B 150 -36.50 29.35 -5.07
C ASN B 150 -35.92 29.78 -6.43
N VAL B 151 -36.46 29.24 -7.53
CA VAL B 151 -36.03 29.62 -8.87
C VAL B 151 -36.98 30.68 -9.43
N ILE B 152 -36.43 31.79 -9.91
CA ILE B 152 -37.21 32.91 -10.44
C ILE B 152 -36.97 32.96 -11.95
N PRO B 153 -38.01 32.64 -12.75
CA PRO B 153 -37.86 32.73 -14.21
C PRO B 153 -37.70 34.18 -14.67
N VAL B 154 -36.71 34.43 -15.52
CA VAL B 154 -36.49 35.78 -16.07
C VAL B 154 -37.06 35.78 -17.50
N ASN B 155 -38.08 36.61 -17.71
CA ASN B 155 -38.80 36.72 -18.99
C ASN B 155 -38.39 37.91 -19.84
N SER B 156 -37.58 38.82 -19.28
CA SER B 156 -37.13 40.02 -19.99
C SER B 156 -35.99 39.69 -20.96
N GLY B 157 -35.80 40.57 -21.94
CA GLY B 157 -34.73 40.46 -22.92
C GLY B 157 -34.75 39.17 -23.71
N SER B 158 -33.59 38.56 -23.87
CA SER B 158 -33.44 37.28 -24.56
C SER B 158 -33.83 36.04 -23.73
N ARG B 159 -34.21 36.23 -22.45
CA ARG B 159 -34.67 35.15 -21.57
C ARG B 159 -33.63 34.05 -21.36
N THR B 160 -32.37 34.46 -21.23
CA THR B 160 -31.27 33.52 -21.03
C THR B 160 -30.25 34.09 -20.03
N LEU B 161 -29.05 33.52 -20.04
CA LEU B 161 -28.05 33.78 -18.99
C LEU B 161 -27.71 35.26 -18.82
N LYS B 162 -27.44 35.96 -19.92
CA LYS B 162 -27.11 37.39 -19.84
C LYS B 162 -28.24 38.21 -19.19
N ASP B 163 -29.48 37.81 -19.44
CA ASP B 163 -30.65 38.51 -18.89
C ASP B 163 -30.83 38.21 -17.41
N ALA B 164 -30.55 36.96 -17.01
CA ALA B 164 -30.54 36.55 -15.60
C ALA B 164 -29.52 37.33 -14.77
N ILE B 165 -28.33 37.52 -15.34
CA ILE B 165 -27.27 38.30 -14.66
C ILE B 165 -27.74 39.73 -14.40
N ASN B 166 -28.36 40.34 -15.41
CA ASN B 166 -28.84 41.73 -15.28
C ASN B 166 -29.97 41.83 -14.26
N GLU B 167 -30.86 40.84 -14.25
CA GLU B 167 -31.95 40.82 -13.26
C GLU B 167 -31.42 40.57 -11.85
N ALA B 168 -30.39 39.73 -11.72
CA ALA B 168 -29.73 39.50 -10.43
C ALA B 168 -29.02 40.76 -9.91
N LEU B 169 -28.36 41.50 -10.79
CA LEU B 169 -27.78 42.81 -10.42
C LEU B 169 -28.83 43.82 -9.95
N ARG B 170 -29.98 43.87 -10.62
CA ARG B 170 -31.11 44.73 -10.21
C ARG B 170 -31.68 44.38 -8.83
N ASP B 171 -31.68 43.09 -8.49
CA ASP B 171 -32.10 42.63 -7.17
C ASP B 171 -31.09 43.08 -6.13
N TRP B 172 -29.81 42.82 -6.42
CA TRP B 172 -28.74 43.05 -5.46
C TRP B 172 -28.63 44.52 -5.03
N VAL B 173 -28.82 45.45 -5.96
CA VAL B 173 -28.82 46.89 -5.60
C VAL B 173 -29.81 47.21 -4.49
N ALA B 174 -31.02 46.63 -4.56
CA ALA B 174 -32.06 46.86 -3.57
C ALA B 174 -31.91 46.03 -2.29
N THR B 175 -31.22 44.88 -2.36
CA THR B 175 -31.17 43.91 -1.25
C THR B 175 -29.77 43.60 -0.68
N PHE B 176 -28.72 44.32 -1.12
CA PHE B 176 -27.31 43.99 -0.77
C PHE B 176 -26.98 43.94 0.72
N GLU B 177 -27.72 44.70 1.52
CA GLU B 177 -27.56 44.73 2.98
C GLU B 177 -27.73 43.36 3.67
N TYR B 178 -28.67 42.56 3.20
CA TYR B 178 -28.89 41.19 3.70
C TYR B 178 -28.60 40.08 2.66
N THR B 179 -28.38 40.46 1.39
CA THR B 179 -28.17 39.53 0.29
C THR B 179 -26.76 39.61 -0.27
N HIS B 180 -26.14 38.46 -0.49
CA HIS B 180 -24.91 38.39 -1.28
C HIS B 180 -25.26 37.88 -2.67
N TYR B 181 -24.77 38.57 -3.70
CA TYR B 181 -24.92 38.10 -5.07
C TYR B 181 -23.77 37.15 -5.40
N LEU B 182 -24.09 35.86 -5.53
CA LEU B 182 -23.10 34.80 -5.73
C LEU B 182 -22.90 34.55 -7.23
N ILE B 183 -21.92 35.22 -7.82
CA ILE B 183 -21.62 35.10 -9.25
C ILE B 183 -20.86 33.79 -9.50
N GLY B 184 -21.20 33.13 -10.60
CA GLY B 184 -20.80 31.75 -10.86
C GLY B 184 -19.60 31.51 -11.75
N SER B 185 -19.01 32.57 -12.31
CA SER B 185 -17.77 32.45 -13.05
C SER B 185 -16.89 33.69 -12.83
N VAL B 186 -15.73 33.71 -13.47
CA VAL B 186 -14.75 34.81 -13.28
C VAL B 186 -15.09 36.04 -14.13
N VAL B 187 -16.31 36.55 -13.91
CA VAL B 187 -16.93 37.56 -14.75
C VAL B 187 -17.57 38.59 -13.84
N GLY B 188 -18.20 39.59 -14.43
CA GLY B 188 -18.84 40.65 -13.66
C GLY B 188 -17.86 41.74 -13.25
N PRO B 189 -18.32 42.72 -12.47
CA PRO B 189 -17.47 43.81 -12.02
C PRO B 189 -16.51 43.37 -10.91
N HIS B 190 -15.37 44.03 -10.81
CA HIS B 190 -14.45 43.84 -9.67
C HIS B 190 -15.23 44.03 -8.37
N PRO B 191 -15.06 43.18 -7.36
CA PRO B 191 -13.97 42.19 -7.23
C PRO B 191 -14.30 40.74 -7.66
N TYR B 192 -15.39 40.53 -8.39
CA TYR B 192 -15.86 39.17 -8.68
C TYR B 192 -14.88 38.29 -9.47
N PRO B 193 -14.29 38.81 -10.57
CA PRO B 193 -13.31 37.99 -11.30
C PRO B 193 -12.13 37.50 -10.45
N THR B 194 -11.69 38.33 -9.52
CA THR B 194 -10.62 37.97 -8.58
C THR B 194 -11.09 36.96 -7.51
N ILE B 195 -12.24 37.22 -6.90
CA ILE B 195 -12.78 36.38 -5.83
C ILE B 195 -13.03 34.93 -6.33
N VAL B 196 -13.65 34.81 -7.50
CA VAL B 196 -13.97 33.49 -8.06
C VAL B 196 -12.69 32.73 -8.44
N ARG B 197 -11.74 33.44 -9.07
CA ARG B 197 -10.42 32.86 -9.36
C ARG B 197 -9.71 32.38 -8.08
N ASP B 198 -9.73 33.22 -7.04
CA ASP B 198 -9.08 32.87 -5.77
C ASP B 198 -9.70 31.61 -5.17
N PHE B 199 -11.03 31.51 -5.17
CA PHE B 199 -11.73 30.33 -4.63
C PHE B 199 -11.62 29.06 -5.50
N GLN B 200 -11.27 29.20 -6.78
CA GLN B 200 -11.03 28.05 -7.64
C GLN B 200 -9.56 27.62 -7.73
N SER B 201 -8.64 28.48 -7.30
CA SER B 201 -7.19 28.22 -7.42
C SER B 201 -6.67 27.02 -6.62
N VAL B 202 -7.45 26.56 -5.64
CA VAL B 202 -7.24 25.26 -4.97
C VAL B 202 -7.09 24.08 -5.94
N ILE B 203 -7.77 24.14 -7.08
CA ILE B 203 -7.65 23.10 -8.10
C ILE B 203 -6.20 22.99 -8.58
N GLY B 204 -5.64 24.13 -8.98
CA GLY B 204 -4.26 24.18 -9.45
C GLY B 204 -3.22 23.92 -8.39
N ARG B 205 -3.46 24.39 -7.16
CA ARG B 205 -2.56 24.14 -6.04
C ARG B 205 -2.44 22.66 -5.70
N GLU B 206 -3.59 21.98 -5.64
CA GLU B 206 -3.65 20.51 -5.51
C GLU B 206 -2.98 19.82 -6.71
N ALA B 207 -3.33 20.25 -7.91
CA ALA B 207 -2.78 19.67 -9.14
C ALA B 207 -1.26 19.76 -9.20
N LYS B 208 -0.72 20.92 -8.80
CA LYS B 208 0.73 21.12 -8.79
C LYS B 208 1.44 20.18 -7.82
N ALA B 209 0.89 20.05 -6.61
CA ALA B 209 1.43 19.14 -5.61
C ALA B 209 1.32 17.68 -6.06
N GLN B 210 0.16 17.30 -6.60
CA GLN B 210 -0.07 15.93 -7.06
C GLN B 210 0.83 15.51 -8.22
N ILE B 211 1.04 16.40 -9.20
CA ILE B 211 1.88 16.08 -10.36
C ILE B 211 3.38 15.98 -10.00
N LEU B 212 3.86 16.89 -9.14
CA LEU B 212 5.25 16.81 -8.64
C LEU B 212 5.46 15.53 -7.83
N GLU B 213 4.43 15.12 -7.10
CA GLU B 213 4.45 13.84 -6.37
C GLU B 213 4.41 12.63 -7.30
N ALA B 214 3.53 12.67 -8.31
CA ALA B 214 3.37 11.57 -9.27
C ALA B 214 4.52 11.46 -10.28
N GLU B 215 5.02 12.59 -10.79
CA GLU B 215 6.00 12.60 -11.89
C GLU B 215 7.31 13.36 -11.64
N GLY B 216 7.48 13.96 -10.45
CA GLY B 216 8.71 14.67 -10.11
C GLY B 216 8.97 15.98 -10.85
N GLN B 217 7.96 16.49 -11.57
CA GLN B 217 8.14 17.69 -12.39
C GLN B 217 6.82 18.38 -12.74
N LEU B 218 6.93 19.60 -13.23
CA LEU B 218 5.79 20.37 -13.74
C LEU B 218 5.28 19.72 -15.04
N PRO B 219 3.98 19.88 -15.35
CA PRO B 219 3.49 19.39 -16.65
C PRO B 219 3.96 20.28 -17.79
N ASP B 220 3.98 19.74 -19.01
CA ASP B 220 4.30 20.54 -20.19
C ASP B 220 3.12 21.42 -20.61
N VAL B 221 1.91 20.87 -20.54
CA VAL B 221 0.69 21.59 -20.90
C VAL B 221 -0.44 21.35 -19.88
N ILE B 222 -1.18 22.41 -19.58
CA ILE B 222 -2.43 22.29 -18.82
C ILE B 222 -3.56 22.76 -19.71
N VAL B 223 -4.59 21.93 -19.82
CA VAL B 223 -5.71 22.16 -20.72
C VAL B 223 -6.99 22.21 -19.90
N ALA B 224 -7.78 23.26 -20.11
CA ALA B 224 -9.07 23.42 -19.43
C ALA B 224 -10.07 24.05 -20.37
N CYS B 225 -11.34 23.67 -20.25
CA CYS B 225 -12.38 24.30 -21.05
C CYS B 225 -12.70 25.68 -20.47
N VAL B 226 -13.21 26.57 -21.32
CA VAL B 226 -13.51 27.95 -20.93
C VAL B 226 -14.93 28.32 -21.37
N GLY B 227 -15.80 28.58 -20.40
CA GLY B 227 -17.08 29.21 -20.65
C GLY B 227 -16.90 30.66 -20.29
N GLY B 228 -17.15 30.99 -19.03
CA GLY B 228 -16.75 32.25 -18.43
C GLY B 228 -15.29 32.23 -18.00
N GLY B 229 -14.80 31.05 -17.59
CA GLY B 229 -13.39 30.82 -17.33
C GLY B 229 -12.91 30.43 -15.93
N SER B 230 -13.82 30.12 -15.01
CA SER B 230 -13.43 29.87 -13.62
C SER B 230 -12.64 28.56 -13.37
N ASN B 231 -13.00 27.47 -14.03
CA ASN B 231 -12.26 26.20 -13.81
C ASN B 231 -10.87 26.30 -14.42
N ALA B 232 -10.78 26.98 -15.57
CA ALA B 232 -9.49 27.23 -16.22
C ALA B 232 -8.63 28.15 -15.36
N MET B 233 -9.19 29.21 -14.83
CA MET B 233 -8.40 30.10 -13.98
C MET B 233 -7.93 29.38 -12.73
N GLY B 234 -8.81 28.62 -12.11
CA GLY B 234 -8.47 27.81 -10.93
C GLY B 234 -7.26 26.91 -11.13
N ILE B 235 -7.24 26.17 -12.24
CA ILE B 235 -6.12 25.27 -12.51
C ILE B 235 -4.90 26.02 -13.10
N PHE B 236 -5.13 27.09 -13.87
CA PHE B 236 -4.04 27.91 -14.46
C PHE B 236 -3.24 28.68 -13.41
N TYR B 237 -3.94 29.40 -12.53
CA TYR B 237 -3.36 30.52 -11.76
C TYR B 237 -2.11 30.16 -10.95
N PRO B 238 -2.09 28.99 -10.29
CA PRO B 238 -0.87 28.59 -9.59
C PRO B 238 0.32 28.19 -10.49
N PHE B 239 0.12 28.12 -11.80
CA PHE B 239 1.19 27.88 -12.78
C PHE B 239 1.54 29.11 -13.62
N VAL B 240 0.88 30.25 -13.40
CA VAL B 240 1.14 31.46 -14.20
C VAL B 240 2.61 31.87 -14.13
N ASN B 241 3.21 31.76 -12.94
CA ASN B 241 4.62 32.11 -12.73
C ASN B 241 5.62 31.03 -13.16
N ASP B 242 5.14 29.82 -13.47
CA ASP B 242 5.99 28.74 -14.01
C ASP B 242 6.04 28.83 -15.54
N LYS B 243 7.06 29.55 -16.04
CA LYS B 243 7.15 29.92 -17.46
C LYS B 243 7.15 28.75 -18.46
N LYS B 244 7.70 27.61 -18.07
CA LYS B 244 7.76 26.43 -18.95
C LYS B 244 6.41 25.77 -19.21
N VAL B 245 5.42 25.98 -18.33
CA VAL B 245 4.12 25.31 -18.43
C VAL B 245 3.19 26.07 -19.37
N LYS B 246 2.86 25.45 -20.50
CA LYS B 246 1.90 26.02 -21.46
C LYS B 246 0.48 25.88 -20.93
N LEU B 247 -0.29 26.97 -20.96
CA LEU B 247 -1.70 26.95 -20.55
C LEU B 247 -2.57 27.07 -21.79
N VAL B 248 -3.51 26.13 -21.95
CA VAL B 248 -4.43 26.13 -23.10
C VAL B 248 -5.88 26.14 -22.64
N GLY B 249 -6.60 27.22 -22.94
CA GLY B 249 -8.03 27.32 -22.69
C GLY B 249 -8.79 26.88 -23.93
N VAL B 250 -9.84 26.08 -23.75
CA VAL B 250 -10.62 25.52 -24.85
C VAL B 250 -12.07 26.03 -24.84
N GLU B 251 -12.42 26.82 -25.85
CA GLU B 251 -13.75 27.44 -25.96
C GLU B 251 -14.68 26.57 -26.78
N ALA B 252 -15.97 26.84 -26.67
CA ALA B 252 -17.00 26.12 -27.42
C ALA B 252 -17.00 26.58 -28.88
N GLY B 253 -16.58 25.67 -29.76
CA GLY B 253 -16.65 25.88 -31.19
C GLY B 253 -18.02 25.63 -31.81
N GLY B 254 -18.95 25.06 -31.03
CA GLY B 254 -20.35 24.94 -31.46
C GLY B 254 -20.53 24.15 -32.74
N LYS B 255 -21.33 24.68 -33.68
CA LYS B 255 -21.46 24.09 -35.03
C LYS B 255 -20.26 24.39 -35.95
N GLY B 256 -19.30 25.18 -35.48
CA GLY B 256 -18.15 25.61 -36.28
C GLY B 256 -17.98 27.11 -36.12
N LEU B 257 -16.73 27.56 -36.17
CA LEU B 257 -16.41 28.97 -35.94
C LEU B 257 -16.98 29.89 -37.03
N GLU B 258 -17.11 29.39 -38.25
CA GLU B 258 -17.75 30.13 -39.36
C GLU B 258 -19.26 29.86 -39.49
N SER B 259 -19.85 29.10 -38.56
CA SER B 259 -21.29 28.80 -38.58
C SER B 259 -22.13 29.90 -37.91
N GLY B 260 -21.49 30.75 -37.11
CA GLY B 260 -22.20 31.73 -36.28
C GLY B 260 -22.92 31.14 -35.07
N LYS B 261 -22.69 29.86 -34.78
CA LYS B 261 -23.34 29.15 -33.67
C LYS B 261 -22.24 28.52 -32.81
N HIS B 262 -21.69 29.34 -31.91
CA HIS B 262 -20.60 28.95 -31.02
C HIS B 262 -20.54 29.92 -29.83
N SER B 263 -19.56 29.75 -28.94
CA SER B 263 -19.37 30.67 -27.79
C SER B 263 -17.91 31.07 -27.58
N ALA B 264 -17.14 31.03 -28.67
CA ALA B 264 -15.72 31.32 -28.66
C ALA B 264 -15.44 32.82 -28.71
N SER B 265 -15.63 33.47 -27.56
CA SER B 265 -15.45 34.92 -27.39
C SER B 265 -14.03 35.42 -27.63
N LEU B 266 -13.05 34.72 -27.07
CA LEU B 266 -11.64 35.05 -27.27
C LEU B 266 -11.19 34.81 -28.72
N ASN B 267 -11.71 33.76 -29.33
CA ASN B 267 -11.34 33.39 -30.70
C ASN B 267 -11.96 34.31 -31.78
N ALA B 268 -13.24 34.64 -31.64
CA ALA B 268 -13.99 35.35 -32.67
C ALA B 268 -14.82 36.56 -32.19
N GLY B 269 -14.74 36.90 -30.90
CA GLY B 269 -15.46 38.04 -30.37
C GLY B 269 -14.62 39.29 -30.53
N GLN B 270 -15.11 40.39 -29.97
CA GLN B 270 -14.40 41.66 -30.01
C GLN B 270 -14.45 42.26 -28.62
N VAL B 271 -13.64 43.30 -28.40
CA VAL B 271 -13.58 43.96 -27.11
C VAL B 271 -14.91 44.68 -26.90
N GLY B 272 -15.43 44.61 -25.68
CA GLY B 272 -16.76 45.12 -25.37
C GLY B 272 -16.97 45.27 -23.87
N VAL B 273 -18.10 45.86 -23.49
CA VAL B 273 -18.45 46.04 -22.09
C VAL B 273 -19.84 45.49 -21.88
N SER B 274 -19.94 44.54 -20.94
CA SER B 274 -21.23 43.98 -20.55
C SER B 274 -21.09 43.35 -19.16
N HIS B 275 -22.15 43.40 -18.38
CA HIS B 275 -22.19 42.83 -17.02
C HIS B 275 -21.12 43.38 -16.08
N GLY B 276 -20.74 44.63 -16.26
CA GLY B 276 -19.79 45.29 -15.37
C GLY B 276 -18.32 45.13 -15.71
N MET B 277 -18.01 44.46 -16.82
CA MET B 277 -16.63 44.16 -17.17
C MET B 277 -16.30 44.54 -18.61
N LEU B 278 -15.05 44.96 -18.80
CA LEU B 278 -14.47 45.14 -20.10
C LEU B 278 -13.74 43.84 -20.44
N SER B 279 -14.21 43.16 -21.48
CA SER B 279 -13.64 41.88 -21.90
C SER B 279 -13.99 41.59 -23.37
N TYR B 280 -13.82 40.34 -23.81
CA TYR B 280 -14.23 39.93 -25.16
C TYR B 280 -15.66 39.35 -25.17
N PHE B 281 -16.46 39.84 -26.11
CA PHE B 281 -17.84 39.42 -26.27
C PHE B 281 -18.13 39.14 -27.74
N LEU B 282 -19.04 38.20 -27.99
CA LEU B 282 -19.60 38.01 -29.32
C LEU B 282 -20.69 39.06 -29.48
N GLN B 283 -20.56 39.88 -30.52
CA GLN B 283 -21.57 40.90 -30.82
C GLN B 283 -21.61 41.19 -32.32
N ASP B 284 -22.78 41.67 -32.76
CA ASP B 284 -23.04 41.94 -34.18
C ASP B 284 -22.27 43.16 -34.71
N GLU B 286 -23.48 46.53 -34.64
CA GLU B 286 -24.60 47.15 -33.92
C GLU B 286 -24.31 47.39 -32.43
N GLY B 287 -23.37 46.63 -31.86
CA GLY B 287 -23.06 46.71 -30.42
C GLY B 287 -23.84 45.72 -29.59
N GLN B 288 -24.77 45.00 -30.23
CA GLN B 288 -25.67 44.09 -29.53
C GLN B 288 -24.92 42.80 -29.19
N ILE B 289 -24.83 42.49 -27.90
CA ILE B 289 -24.34 41.21 -27.43
C ILE B 289 -25.22 40.08 -28.01
N LYS B 290 -24.65 39.30 -28.94
CA LYS B 290 -25.45 38.37 -29.76
C LYS B 290 -25.52 36.98 -29.10
N PRO B 291 -26.54 36.17 -29.48
CA PRO B 291 -26.69 34.86 -28.84
C PRO B 291 -25.53 33.92 -29.13
N SER B 292 -25.13 33.17 -28.10
CA SER B 292 -24.11 32.14 -28.23
C SER B 292 -24.79 30.77 -28.32
N HIS B 293 -24.00 29.75 -28.60
CA HIS B 293 -24.46 28.36 -28.62
C HIS B 293 -23.33 27.37 -28.25
N SER B 294 -23.72 26.30 -27.57
CA SER B 294 -22.86 25.13 -27.39
C SER B 294 -23.75 23.94 -26.99
N ILE B 295 -23.38 22.75 -27.46
CA ILE B 295 -24.01 21.52 -26.96
C ILE B 295 -23.78 21.39 -25.44
N ALA B 296 -22.64 21.90 -24.95
CA ALA B 296 -22.36 21.96 -23.53
C ALA B 296 -22.96 23.23 -22.90
N PRO B 297 -24.02 23.07 -22.08
CA PRO B 297 -24.75 24.25 -21.61
C PRO B 297 -23.93 25.21 -20.72
N GLY B 298 -22.91 24.72 -20.04
CA GLY B 298 -22.02 25.55 -19.24
C GLY B 298 -21.06 26.45 -20.02
N LEU B 299 -20.81 26.11 -21.29
CA LEU B 299 -19.97 26.92 -22.17
C LEU B 299 -20.79 27.91 -23.01
N ASP B 300 -22.11 27.93 -22.81
CA ASP B 300 -23.02 28.74 -23.61
C ASP B 300 -23.17 30.13 -22.99
N TYR B 301 -22.18 30.98 -23.25
CA TYR B 301 -22.17 32.38 -22.77
C TYR B 301 -21.40 33.22 -23.81
N PRO B 302 -21.98 34.34 -24.27
CA PRO B 302 -21.29 35.13 -25.31
C PRO B 302 -20.01 35.86 -24.88
N GLY B 303 -19.78 35.97 -23.57
CA GLY B 303 -18.59 36.64 -23.05
C GLY B 303 -17.51 35.71 -22.53
N VAL B 304 -16.52 36.29 -21.86
CA VAL B 304 -15.45 35.54 -21.22
C VAL B 304 -14.83 36.41 -20.14
N GLY B 305 -14.28 35.77 -19.11
CA GLY B 305 -13.66 36.50 -18.00
C GLY B 305 -12.51 37.40 -18.45
N PRO B 306 -12.35 38.59 -17.83
CA PRO B 306 -11.31 39.52 -18.26
C PRO B 306 -9.88 39.01 -18.08
N GLU B 307 -9.66 38.15 -17.09
CA GLU B 307 -8.31 37.63 -16.85
C GLU B 307 -7.83 36.74 -17.99
N HIS B 308 -8.76 36.06 -18.67
CA HIS B 308 -8.43 35.27 -19.86
C HIS B 308 -8.12 36.15 -21.06
N ALA B 309 -8.88 37.22 -21.23
CA ALA B 309 -8.56 38.23 -22.25
C ALA B 309 -7.13 38.73 -22.04
N TYR B 310 -6.80 39.06 -20.79
CA TYR B 310 -5.45 39.46 -20.40
C TYR B 310 -4.37 38.42 -20.69
N LEU B 311 -4.56 37.18 -20.24
CA LEU B 311 -3.58 36.11 -20.46
C LEU B 311 -3.37 35.84 -21.94
N LYS B 312 -4.43 35.95 -22.74
CA LYS B 312 -4.35 35.85 -24.20
C LYS B 312 -3.54 37.01 -24.78
N LYS B 313 -3.82 38.23 -24.32
CA LYS B 313 -3.16 39.46 -24.81
C LYS B 313 -1.64 39.42 -24.57
N ILE B 314 -1.23 39.08 -23.35
CA ILE B 314 0.21 38.93 -23.01
C ILE B 314 0.83 37.58 -23.47
N GLN B 315 0.04 36.77 -24.16
CA GLN B 315 0.45 35.47 -24.70
C GLN B 315 0.94 34.46 -23.66
N ARG B 316 0.46 34.58 -22.42
CA ARG B 316 0.80 33.61 -21.37
C ARG B 316 0.02 32.31 -21.57
N ALA B 317 -1.23 32.45 -22.02
CA ALA B 317 -2.09 31.32 -22.37
C ALA B 317 -2.51 31.42 -23.84
N GLU B 318 -2.74 30.25 -24.44
CA GLU B 318 -3.25 30.12 -25.80
C GLU B 318 -4.69 29.67 -25.69
N TYR B 319 -5.54 30.11 -26.62
CA TYR B 319 -6.96 29.74 -26.60
C TYR B 319 -7.36 29.15 -27.93
N VAL B 320 -8.10 28.04 -27.87
CA VAL B 320 -8.52 27.30 -29.04
C VAL B 320 -10.02 27.01 -28.92
N ALA B 321 -10.57 26.41 -29.97
CA ALA B 321 -11.98 26.03 -30.01
C ALA B 321 -12.10 24.58 -30.42
N VAL B 322 -13.10 23.91 -29.86
CA VAL B 322 -13.43 22.53 -30.18
C VAL B 322 -14.93 22.48 -30.49
N THR B 323 -15.32 21.80 -31.55
CA THR B 323 -16.73 21.76 -31.99
C THR B 323 -17.60 20.86 -31.11
N ASP B 324 -18.92 20.95 -31.32
CA ASP B 324 -19.90 20.10 -30.62
C ASP B 324 -19.61 18.61 -30.90
N GLU B 325 -19.39 18.29 -32.17
CA GLU B 325 -19.09 16.92 -32.61
C GLU B 325 -17.81 16.36 -32.01
N GLU B 326 -16.74 17.17 -32.00
CA GLU B 326 -15.48 16.77 -31.39
C GLU B 326 -15.64 16.49 -29.89
N ALA B 327 -16.34 17.37 -29.18
CA ALA B 327 -16.61 17.17 -27.75
C ALA B 327 -17.44 15.92 -27.49
N LEU B 328 -18.41 15.67 -28.36
CA LEU B 328 -19.29 14.51 -28.26
C LEU B 328 -18.50 13.21 -28.45
N LYS B 329 -17.57 13.19 -29.41
CA LYS B 329 -16.67 12.04 -29.58
C LYS B 329 -15.78 11.83 -28.36
N ALA B 330 -15.27 12.92 -27.79
CA ALA B 330 -14.44 12.83 -26.58
C ALA B 330 -15.21 12.34 -25.35
N PHE B 331 -16.50 12.69 -25.28
CA PHE B 331 -17.40 12.23 -24.21
C PHE B 331 -17.58 10.69 -24.26
N HIS B 332 -17.87 10.16 -25.45
CA HIS B 332 -17.96 8.72 -25.68
C HIS B 332 -16.63 8.02 -25.46
N GLU B 333 -15.55 8.61 -25.97
CA GLU B 333 -14.22 8.01 -25.90
C GLU B 333 -13.71 7.84 -24.47
N LEU B 334 -13.78 8.90 -23.67
CA LEU B 334 -13.36 8.82 -22.26
C LEU B 334 -14.19 7.82 -21.46
N SER B 335 -15.50 7.79 -21.72
CA SER B 335 -16.41 6.89 -21.02
C SER B 335 -16.03 5.43 -21.23
N ARG B 336 -15.76 5.03 -22.47
CA ARG B 336 -15.43 3.64 -22.77
C ARG B 336 -13.94 3.29 -22.60
N THR B 337 -13.06 4.28 -22.55
CA THR B 337 -11.61 4.04 -22.38
C THR B 337 -11.14 4.09 -20.93
N GLU B 338 -11.71 4.98 -20.12
CA GLU B 338 -11.32 5.11 -18.71
C GLU B 338 -12.45 4.88 -17.71
N GLY B 339 -13.66 4.58 -18.18
CA GLY B 339 -14.82 4.44 -17.29
C GLY B 339 -15.21 5.70 -16.55
N ILE B 340 -14.94 6.87 -17.15
CA ILE B 340 -15.27 8.17 -16.57
C ILE B 340 -16.15 8.91 -17.56
N ILE B 341 -17.41 9.16 -17.18
CA ILE B 341 -18.33 9.90 -18.03
C ILE B 341 -18.11 11.40 -17.72
N PRO B 342 -17.52 12.14 -18.65
CA PRO B 342 -17.22 13.55 -18.36
C PRO B 342 -18.41 14.45 -18.63
N ALA B 343 -18.41 15.64 -18.03
CA ALA B 343 -19.34 16.68 -18.44
C ALA B 343 -19.02 17.04 -19.87
N LEU B 344 -20.05 17.36 -20.65
CA LEU B 344 -19.86 17.82 -22.02
C LEU B 344 -18.95 19.05 -22.12
N GLU B 345 -18.97 19.90 -21.08
CA GLU B 345 -18.07 21.07 -20.98
C GLU B 345 -16.63 20.56 -20.95
N SER B 346 -16.37 19.63 -20.02
CA SER B 346 -15.04 19.06 -19.80
C SER B 346 -14.57 18.24 -21.01
N ALA B 347 -15.52 17.66 -21.75
CA ALA B 347 -15.23 16.92 -22.97
C ALA B 347 -14.54 17.74 -24.06
N HIS B 348 -14.76 19.06 -24.05
CA HIS B 348 -14.03 19.96 -24.96
C HIS B 348 -12.55 19.97 -24.67
N ALA B 349 -12.20 20.08 -23.40
CA ALA B 349 -10.80 20.03 -22.97
C ALA B 349 -10.17 18.65 -23.25
N VAL B 350 -10.95 17.59 -23.05
CA VAL B 350 -10.49 16.24 -23.38
C VAL B 350 -10.24 16.13 -24.89
N ALA B 351 -11.19 16.59 -25.69
CA ALA B 351 -11.09 16.55 -27.14
C ALA B 351 -9.85 17.23 -27.66
N TYR B 352 -9.51 18.40 -27.10
CA TYR B 352 -8.29 19.11 -27.52
C TYR B 352 -7.03 18.38 -27.05
N ALA B 353 -7.02 17.94 -25.80
CA ALA B 353 -5.89 17.20 -25.23
C ALA B 353 -5.52 15.95 -26.05
N MET B 354 -6.53 15.27 -26.60
CA MET B 354 -6.29 14.07 -27.42
C MET B 354 -5.55 14.42 -28.72
N LYS B 355 -5.96 15.51 -29.37
CA LYS B 355 -5.28 16.03 -30.56
C LYS B 355 -3.85 16.48 -30.24
N LEU B 356 -3.70 17.15 -29.08
CA LEU B 356 -2.43 17.71 -28.65
C LEU B 356 -1.42 16.64 -28.21
N ALA B 357 -1.91 15.61 -27.53
CA ALA B 357 -1.05 14.49 -27.08
C ALA B 357 -0.40 13.74 -28.25
N LYS B 358 -1.16 13.51 -29.31
CA LYS B 358 -0.69 12.81 -30.52
C LYS B 358 0.55 13.46 -31.15
N GLU B 359 0.58 14.79 -31.14
CA GLU B 359 1.74 15.56 -31.62
C GLU B 359 2.93 15.47 -30.65
N MET B 360 2.66 15.62 -29.36
CA MET B 360 3.72 15.72 -28.35
C MET B 360 4.48 14.42 -28.08
N SER B 361 5.67 14.58 -27.51
CA SER B 361 6.54 13.46 -27.15
C SER B 361 5.99 12.65 -25.99
N ARG B 362 6.45 11.41 -25.91
CA ARG B 362 5.99 10.44 -24.92
C ARG B 362 6.52 10.73 -23.51
N ASP B 363 7.68 11.40 -23.43
CA ASP B 363 8.23 11.88 -22.16
C ASP B 363 7.43 13.04 -21.56
N GLU B 364 6.69 13.79 -22.40
CA GLU B 364 5.97 14.98 -21.96
C GLU B 364 4.62 14.67 -21.28
N ILE B 365 4.07 15.67 -20.59
CA ILE B 365 2.94 15.51 -19.67
C ILE B 365 1.87 16.57 -19.91
N ILE B 366 0.61 16.13 -20.02
CA ILE B 366 -0.54 17.03 -20.13
C ILE B 366 -1.47 16.79 -18.94
N ILE B 367 -1.89 17.87 -18.27
CA ILE B 367 -2.98 17.82 -17.30
C ILE B 367 -4.23 18.41 -17.95
N VAL B 368 -5.33 17.67 -17.93
CA VAL B 368 -6.63 18.16 -18.38
C VAL B 368 -7.48 18.38 -17.14
N ASN B 369 -8.11 19.54 -17.03
CA ASN B 369 -9.02 19.78 -15.93
C ASN B 369 -10.37 19.15 -16.27
N LEU B 370 -10.69 18.03 -15.62
CA LEU B 370 -11.98 17.38 -15.81
C LEU B 370 -12.97 18.06 -14.88
N SER B 371 -13.43 19.23 -15.34
CA SER B 371 -14.22 20.18 -14.53
C SER B 371 -15.52 19.60 -13.92
N GLY B 372 -16.11 18.61 -14.58
CA GLY B 372 -17.31 17.97 -14.04
C GLY B 372 -17.63 16.60 -14.59
N ARG B 373 -18.69 16.00 -14.07
CA ARG B 373 -19.18 14.69 -14.52
C ARG B 373 -20.36 14.83 -15.48
N GLY B 374 -20.58 13.77 -16.26
CA GLY B 374 -21.58 13.76 -17.34
C GLY B 374 -22.96 13.25 -17.04
N ASP B 375 -23.27 13.01 -15.76
CA ASP B 375 -24.59 12.52 -15.37
C ASP B 375 -25.68 13.47 -15.84
N LYS B 376 -25.50 14.74 -15.52
CA LYS B 376 -26.38 15.83 -15.99
C LYS B 376 -26.64 15.90 -17.52
N ASP B 377 -25.69 15.40 -18.32
CA ASP B 377 -25.75 15.48 -19.79
C ASP B 377 -26.27 14.23 -20.50
N LEU B 378 -26.69 13.19 -19.76
CA LEU B 378 -27.12 11.93 -20.39
C LEU B 378 -28.36 12.09 -21.27
N ASP B 379 -29.37 12.82 -20.79
CA ASP B 379 -30.58 13.11 -21.59
C ASP B 379 -30.22 13.77 -22.92
N ILE B 380 -29.38 14.80 -22.86
CA ILE B 380 -28.89 15.50 -24.07
C ILE B 380 -28.16 14.55 -25.02
N VAL B 381 -27.21 13.80 -24.50
CA VAL B 381 -26.41 12.88 -25.32
C VAL B 381 -27.31 11.76 -25.88
N LEU B 382 -28.28 11.31 -25.09
CA LEU B 382 -29.26 10.32 -25.57
C LEU B 382 -30.02 10.83 -26.79
N LYS B 383 -30.47 12.08 -26.77
CA LYS B 383 -31.18 12.69 -27.89
C LYS B 383 -30.30 12.86 -29.12
N VAL B 384 -29.12 13.45 -28.93
CA VAL B 384 -28.26 13.87 -30.04
C VAL B 384 -27.44 12.70 -30.61
N SER B 385 -26.82 11.89 -29.75
CA SER B 385 -26.11 10.66 -30.21
C SER B 385 -27.07 9.53 -30.53
N GLY B 386 -28.29 9.58 -30.00
CA GLY B 386 -29.27 8.52 -30.22
C GLY B 386 -29.12 7.39 -29.22
N ASN B 387 -30.15 6.57 -29.11
CA ASN B 387 -30.11 5.37 -28.28
C ASN B 387 -29.26 4.32 -28.99
N VAL B 388 -28.53 3.53 -28.21
CA VAL B 388 -27.54 2.57 -28.74
C VAL B 388 -27.76 1.19 -28.10
N MET C 1 14.85 16.98 -10.52
CA MET C 1 16.34 17.13 -10.42
C MET C 1 16.79 17.88 -9.16
N TRP C 2 15.92 18.75 -8.63
CA TRP C 2 16.26 19.59 -7.48
C TRP C 2 15.34 19.32 -6.31
N PHE C 3 15.90 19.50 -5.12
CA PHE C 3 15.17 19.49 -3.86
C PHE C 3 15.43 20.87 -3.27
N GLY C 4 14.49 21.78 -3.48
CA GLY C 4 14.72 23.20 -3.26
C GLY C 4 15.98 23.60 -4.03
N GLU C 5 16.99 24.06 -3.29
CA GLU C 5 18.26 24.55 -3.89
C GLU C 5 19.30 23.44 -4.13
N PHE C 6 19.07 22.24 -3.59
CA PHE C 6 20.08 21.17 -3.64
C PHE C 6 19.76 20.12 -4.70
N GLY C 7 20.79 19.39 -5.10
CA GLY C 7 20.69 18.30 -6.07
C GLY C 7 21.42 18.66 -7.36
N GLY C 8 20.69 18.61 -8.47
CA GLY C 8 21.23 19.00 -9.76
C GLY C 8 21.88 17.88 -10.53
N GLN C 9 22.63 18.27 -11.56
CA GLN C 9 23.27 17.36 -12.48
C GLN C 9 24.59 18.00 -12.92
N TYR C 10 25.45 18.22 -11.92
CA TYR C 10 26.71 18.95 -12.12
C TYR C 10 27.78 17.99 -12.59
N VAL C 11 27.76 17.72 -13.89
CA VAL C 11 28.64 16.73 -14.50
C VAL C 11 29.27 17.29 -15.77
N PRO C 12 30.33 16.64 -16.27
CA PRO C 12 30.78 16.95 -17.63
C PRO C 12 29.74 16.54 -18.68
N GLU C 13 29.80 17.17 -19.85
CA GLU C 13 28.85 16.92 -20.94
C GLU C 13 28.77 15.44 -21.38
N THR C 14 29.87 14.71 -21.27
CA THR C 14 29.91 13.27 -21.61
C THR C 14 28.99 12.39 -20.73
N LEU C 15 28.70 12.84 -19.52
CA LEU C 15 27.74 12.15 -18.63
C LEU C 15 26.27 12.52 -18.87
N ILE C 16 25.97 13.60 -19.60
CA ILE C 16 24.58 14.06 -19.72
C ILE C 16 23.72 13.08 -20.54
N GLY C 17 24.27 12.59 -21.65
CA GLY C 17 23.61 11.58 -22.47
C GLY C 17 23.19 10.33 -21.71
N PRO C 18 24.17 9.61 -21.11
CA PRO C 18 23.90 8.47 -20.23
C PRO C 18 22.83 8.70 -19.16
N LEU C 19 22.92 9.85 -18.46
CA LEU C 19 21.95 10.20 -17.42
C LEU C 19 20.56 10.51 -17.98
N LYS C 20 20.50 11.15 -19.15
CA LYS C 20 19.24 11.36 -19.87
C LYS C 20 18.61 10.04 -20.32
N GLU C 21 19.44 9.11 -20.80
CA GLU C 21 18.96 7.75 -21.15
C GLU C 21 18.45 7.01 -19.92
N LEU C 22 19.22 7.05 -18.83
CA LEU C 22 18.81 6.44 -17.56
C LEU C 22 17.51 7.06 -17.04
N GLU C 23 17.39 8.38 -17.10
CA GLU C 23 16.17 9.06 -16.67
C GLU C 23 14.96 8.66 -17.52
N LYS C 24 15.12 8.65 -18.84
CA LYS C 24 14.07 8.21 -19.76
C LYS C 24 13.64 6.75 -19.52
N ALA C 25 14.61 5.86 -19.33
CA ALA C 25 14.32 4.45 -19.03
C ALA C 25 13.64 4.28 -17.68
N TYR C 26 14.10 5.01 -16.67
CA TYR C 26 13.52 4.91 -15.32
C TYR C 26 12.05 5.33 -15.30
N LYS C 27 11.75 6.47 -15.92
CA LYS C 27 10.36 6.95 -16.01
C LYS C 27 9.45 5.99 -16.79
N ARG C 28 10.02 5.28 -17.77
CA ARG C 28 9.30 4.28 -18.55
C ARG C 28 8.94 3.03 -17.73
N PHE C 29 9.86 2.56 -16.89
CA PHE C 29 9.67 1.32 -16.11
C PHE C 29 9.18 1.53 -14.67
N LYS C 30 9.36 2.73 -14.12
CA LYS C 30 8.94 3.06 -12.75
C LYS C 30 7.56 2.51 -12.35
N ASP C 31 6.54 2.85 -13.14
CA ASP C 31 5.14 2.45 -12.91
C ASP C 31 4.64 1.39 -13.90
N ASP C 32 5.56 0.76 -14.63
CA ASP C 32 5.23 -0.34 -15.55
C ASP C 32 4.80 -1.58 -14.75
N GLU C 33 3.80 -2.30 -15.28
CA GLU C 33 3.23 -3.46 -14.59
C GLU C 33 4.22 -4.63 -14.49
N GLU C 34 4.84 -4.98 -15.62
CA GLU C 34 5.75 -6.13 -15.67
C GLU C 34 7.02 -5.92 -14.84
N PHE C 35 7.64 -4.74 -14.97
CA PHE C 35 8.81 -4.39 -14.17
C PHE C 35 8.51 -4.49 -12.68
N ASN C 36 7.41 -3.88 -12.25
CA ASN C 36 6.99 -3.93 -10.84
C ASN C 36 6.61 -5.34 -10.38
N ARG C 37 6.04 -6.15 -11.27
CA ARG C 37 5.70 -7.54 -10.96
C ARG C 37 6.96 -8.38 -10.68
N GLN C 38 7.98 -8.20 -11.49
CA GLN C 38 9.29 -8.84 -11.28
C GLN C 38 10.03 -8.30 -10.06
N LEU C 39 10.00 -6.97 -9.86
CA LEU C 39 10.65 -6.36 -8.70
C LEU C 39 10.07 -6.90 -7.40
N ASN C 40 8.74 -6.88 -7.28
CA ASN C 40 8.06 -7.42 -6.09
C ASN C 40 8.27 -8.93 -5.93
N TYR C 41 8.37 -9.65 -7.06
CA TYR C 41 8.65 -11.09 -7.04
C TYR C 41 10.03 -11.39 -6.44
N TYR C 42 11.06 -10.70 -6.93
CA TYR C 42 12.41 -10.84 -6.40
C TYR C 42 12.51 -10.32 -4.96
N LEU C 43 11.85 -9.20 -4.67
CA LEU C 43 11.81 -8.67 -3.30
C LEU C 43 11.14 -9.64 -2.31
N LYS C 44 10.07 -10.28 -2.75
CA LYS C 44 9.40 -11.28 -1.94
C LYS C 44 10.22 -12.58 -1.81
N THR C 45 10.51 -13.23 -2.92
CA THR C 45 11.02 -14.60 -2.89
C THR C 45 12.52 -14.70 -2.60
N TRP C 46 13.31 -13.74 -3.10
CA TRP C 46 14.77 -13.75 -2.94
C TRP C 46 15.23 -12.91 -1.76
N ALA C 47 14.68 -11.70 -1.62
CA ALA C 47 15.11 -10.77 -0.56
C ALA C 47 14.41 -10.99 0.78
N GLY C 48 13.21 -11.56 0.74
CA GLY C 48 12.44 -11.86 1.94
C GLY C 48 11.64 -10.70 2.49
N ARG C 49 11.24 -9.77 1.62
CA ARG C 49 10.33 -8.70 2.01
C ARG C 49 8.90 -9.28 2.15
N PRO C 50 8.05 -8.76 3.05
CA PRO C 50 8.36 -7.63 3.93
C PRO C 50 9.19 -8.01 5.16
N THR C 51 9.84 -7.03 5.75
CA THR C 51 10.58 -7.20 7.00
C THR C 51 9.69 -6.79 8.17
N PRO C 52 9.79 -7.47 9.32
CA PRO C 52 8.90 -7.12 10.43
C PRO C 52 9.19 -5.78 11.12
N LEU C 53 8.18 -5.26 11.81
CA LEU C 53 8.29 -4.15 12.73
C LEU C 53 8.19 -4.73 14.14
N TYR C 54 9.24 -4.58 14.94
CA TYR C 54 9.38 -5.27 16.22
C TYR C 54 9.32 -4.29 17.38
N TYR C 55 8.47 -4.61 18.37
CA TYR C 55 8.41 -3.85 19.62
C TYR C 55 9.51 -4.31 20.57
N ALA C 56 10.52 -3.46 20.78
CA ALA C 56 11.63 -3.75 21.70
C ALA C 56 11.16 -3.48 23.13
N LYS C 57 10.42 -4.44 23.69
CA LYS C 57 9.79 -4.32 25.01
C LYS C 57 10.81 -4.06 26.12
N ARG C 58 11.79 -4.95 26.24
CA ARG C 58 12.83 -4.82 27.27
C ARG C 58 13.67 -3.55 27.16
N LEU C 59 13.95 -3.10 25.92
CA LEU C 59 14.64 -1.82 25.70
C LEU C 59 13.80 -0.64 26.17
N THR C 60 12.54 -0.62 25.73
CA THR C 60 11.55 0.38 26.16
C THR C 60 11.44 0.50 27.69
N GLU C 61 11.29 -0.63 28.36
CA GLU C 61 11.14 -0.65 29.82
C GLU C 61 12.43 -0.25 30.57
N LYS C 62 13.59 -0.64 30.04
CA LYS C 62 14.88 -0.30 30.65
C LYS C 62 15.14 1.21 30.65
N ILE C 63 15.00 1.83 29.47
CA ILE C 63 15.14 3.28 29.33
C ILE C 63 14.00 3.96 30.12
N GLY C 64 12.80 3.39 30.01
CA GLY C 64 11.68 3.73 30.88
C GLY C 64 10.78 4.85 30.38
N GLY C 65 10.79 5.09 29.07
CA GLY C 65 10.06 6.20 28.46
C GLY C 65 9.17 5.76 27.32
N ALA C 66 9.45 6.28 26.12
CA ALA C 66 8.63 6.01 24.93
C ALA C 66 8.78 4.58 24.43
N LYS C 67 7.76 4.11 23.72
CA LYS C 67 7.76 2.79 23.08
C LYS C 67 8.72 2.82 21.89
N VAL C 68 9.76 2.00 21.96
CA VAL C 68 10.77 1.92 20.90
C VAL C 68 10.43 0.73 19.99
N TYR C 69 10.15 1.03 18.72
CA TYR C 69 9.94 0.02 17.68
C TYR C 69 11.13 0.00 16.73
N LEU C 70 11.51 -1.19 16.27
CA LEU C 70 12.62 -1.39 15.35
C LEU C 70 12.09 -1.93 14.03
N LYS C 71 12.27 -1.19 12.94
CA LYS C 71 11.98 -1.68 11.59
C LYS C 71 13.15 -2.56 11.15
N ARG C 72 12.88 -3.83 10.86
CA ARG C 72 13.91 -4.87 10.83
C ARG C 72 14.53 -5.14 9.45
N GLU C 73 15.13 -4.11 8.87
CA GLU C 73 15.88 -4.23 7.61
C GLU C 73 17.10 -5.11 7.77
N ASP C 74 17.58 -5.29 9.00
CA ASP C 74 18.58 -6.31 9.31
C ASP C 74 18.24 -7.74 8.83
N LEU C 75 16.94 -8.02 8.64
CA LEU C 75 16.46 -9.35 8.17
C LEU C 75 16.33 -9.50 6.66
N VAL C 76 16.49 -8.42 5.90
CA VAL C 76 16.49 -8.54 4.44
C VAL C 76 17.73 -9.36 4.01
N HIS C 77 17.61 -10.09 2.91
CA HIS C 77 18.72 -10.89 2.35
C HIS C 77 19.99 -10.06 2.16
N GLY C 78 21.10 -10.54 2.70
CA GLY C 78 22.36 -9.78 2.74
C GLY C 78 22.59 -9.02 4.04
N GLY C 79 21.54 -8.78 4.80
CA GLY C 79 21.64 -8.17 6.12
C GLY C 79 21.57 -6.66 6.17
N ALA C 80 21.28 -6.00 5.05
CA ALA C 80 21.17 -4.53 5.00
C ALA C 80 20.15 -4.05 3.99
N HIS C 81 19.53 -2.90 4.28
CA HIS C 81 18.57 -2.24 3.36
C HIS C 81 19.07 -2.07 1.92
N1 LLP C 82 23.21 1.25 7.58
C2 LLP C 82 23.64 0.09 7.05
C2' LLP C 82 23.33 -1.25 7.69
C3 LLP C 82 24.44 0.13 5.81
O3 LLP C 82 24.89 -0.99 5.22
C4 LLP C 82 24.73 1.44 5.17
C4' LLP C 82 25.55 1.52 3.90
C5 LLP C 82 24.20 2.64 5.87
C6 LLP C 82 23.47 2.46 7.04
C5' LLP C 82 24.46 4.05 5.36
OP4 LLP C 82 23.97 4.22 4.03
P LLP C 82 22.75 5.20 3.76
OP1 LLP C 82 21.55 4.48 4.31
OP2 LLP C 82 23.07 6.46 4.50
OP3 LLP C 82 22.72 5.34 2.26
N LLP C 82 20.39 -2.01 1.74
CA LLP C 82 21.02 -1.82 0.41
CB LLP C 82 22.52 -1.96 0.53
CG LLP C 82 23.11 -0.75 1.24
CD LLP C 82 24.61 -0.78 1.04
CE LLP C 82 25.24 0.45 1.64
NZ LLP C 82 25.34 0.35 3.08
C LLP C 82 20.58 -2.77 -0.66
O LLP C 82 20.60 -2.43 -1.84
N THR C 83 20.22 -4.00 -0.27
CA THR C 83 19.62 -4.97 -1.16
C THR C 83 18.40 -4.45 -1.94
N ASN C 84 17.54 -3.68 -1.28
CA ASN C 84 16.35 -3.10 -1.94
C ASN C 84 16.75 -2.27 -3.18
N ASN C 85 17.77 -1.44 -3.01
CA ASN C 85 18.28 -0.59 -4.09
C ASN C 85 19.02 -1.42 -5.13
N ALA C 86 19.82 -2.38 -4.65
CA ALA C 86 20.61 -3.22 -5.53
C ALA C 86 19.75 -4.03 -6.50
N ILE C 87 18.64 -4.59 -6.00
CA ILE C 87 17.69 -5.33 -6.85
C ILE C 87 16.98 -4.39 -7.83
N GLY C 88 16.42 -3.31 -7.29
CA GLY C 88 15.74 -2.29 -8.08
C GLY C 88 16.53 -1.85 -9.29
N GLN C 89 17.76 -1.40 -9.05
CA GLN C 89 18.62 -0.87 -10.12
C GLN C 89 19.18 -1.94 -11.05
N ALA C 90 19.52 -3.11 -10.50
CA ALA C 90 20.00 -4.22 -11.32
C ALA C 90 18.93 -4.73 -12.27
N LEU C 91 17.69 -4.83 -11.75
CA LEU C 91 16.54 -5.17 -12.58
C LEU C 91 16.28 -4.10 -13.64
N LEU C 92 16.36 -2.81 -13.25
CA LEU C 92 16.24 -1.70 -14.20
C LEU C 92 17.26 -1.85 -15.32
N ALA C 93 18.51 -2.14 -14.95
CA ALA C 93 19.60 -2.34 -15.91
C ALA C 93 19.30 -3.49 -16.87
N LYS C 94 18.80 -4.60 -16.35
CA LYS C 94 18.43 -5.75 -17.18
C LYS C 94 17.29 -5.42 -18.14
N PHE C 95 16.28 -4.68 -17.68
CA PHE C 95 15.20 -4.19 -18.54
C PHE C 95 15.68 -3.20 -19.61
N MET C 96 16.69 -2.39 -19.28
CA MET C 96 17.36 -1.51 -20.27
C MET C 96 18.30 -2.24 -21.24
N GLY C 97 18.46 -3.55 -21.08
CA GLY C 97 19.33 -4.35 -21.95
C GLY C 97 20.81 -4.31 -21.58
N LYS C 98 21.14 -3.83 -20.38
CA LYS C 98 22.53 -3.80 -19.92
C LYS C 98 22.94 -5.18 -19.44
N THR C 99 24.19 -5.56 -19.70
CA THR C 99 24.75 -6.85 -19.28
C THR C 99 25.76 -6.76 -18.13
N ARG C 100 26.18 -5.55 -17.76
CA ARG C 100 27.24 -5.34 -16.78
C ARG C 100 26.80 -4.32 -15.74
N LEU C 101 27.16 -4.56 -14.48
CA LEU C 101 26.94 -3.61 -13.40
C LEU C 101 28.30 -3.16 -12.90
N ILE C 102 28.43 -1.87 -12.62
CA ILE C 102 29.56 -1.34 -11.87
C ILE C 102 29.02 -0.60 -10.66
N ALA C 103 29.82 -0.56 -9.60
CA ALA C 103 29.41 0.10 -8.37
C ALA C 103 30.63 0.49 -7.54
N GLU C 104 30.48 1.59 -6.81
CA GLU C 104 31.44 2.00 -5.80
C GLU C 104 31.15 1.26 -4.49
N THR C 105 32.18 1.06 -3.68
CA THR C 105 31.96 0.67 -2.30
C THR C 105 33.11 1.16 -1.41
N GLY C 106 32.78 1.46 -0.15
CA GLY C 106 33.74 1.88 0.86
C GLY C 106 33.79 0.86 1.97
N ALA C 107 32.67 0.70 2.66
CA ALA C 107 32.52 -0.34 3.68
C ALA C 107 32.53 -1.75 3.07
N GLY C 108 32.12 -1.86 1.80
CA GLY C 108 32.02 -3.15 1.13
C GLY C 108 30.59 -3.65 1.07
N GLN C 109 29.69 -3.01 1.81
CA GLN C 109 28.33 -3.52 2.01
C GLN C 109 27.50 -3.33 0.73
N HIS C 110 27.66 -2.16 0.09
CA HIS C 110 27.02 -1.93 -1.22
C HIS C 110 27.59 -2.83 -2.31
N GLY C 111 28.90 -3.04 -2.30
CA GLY C 111 29.54 -3.93 -3.25
C GLY C 111 29.03 -5.36 -3.15
N VAL C 112 28.83 -5.83 -1.92
CA VAL C 112 28.26 -7.16 -1.69
C VAL C 112 26.83 -7.26 -2.24
N ALA C 113 26.00 -6.26 -1.92
CA ALA C 113 24.61 -6.22 -2.37
C ALA C 113 24.51 -6.17 -3.89
N THR C 114 25.38 -5.38 -4.52
CA THR C 114 25.46 -5.29 -5.97
C THR C 114 25.94 -6.62 -6.57
N ALA C 115 26.97 -7.22 -5.96
CA ALA C 115 27.45 -8.55 -6.36
C ALA C 115 26.34 -9.60 -6.27
N MET C 116 25.57 -9.56 -5.17
CA MET C 116 24.45 -10.49 -4.96
C MET C 116 23.39 -10.33 -6.04
N ALA C 117 22.91 -9.09 -6.21
CA ALA C 117 21.88 -8.78 -7.21
C ALA C 117 22.36 -9.12 -8.63
N GLY C 118 23.63 -8.85 -8.90
CA GLY C 118 24.25 -9.19 -10.18
C GLY C 118 24.34 -10.69 -10.43
N ALA C 119 24.71 -11.45 -9.40
CA ALA C 119 24.71 -12.91 -9.52
C ALA C 119 23.29 -13.40 -9.81
N LEU C 120 22.32 -12.92 -9.03
CA LEU C 120 20.90 -13.26 -9.23
C LEU C 120 20.43 -13.09 -10.68
N LEU C 121 20.76 -11.95 -11.29
CA LEU C 121 20.22 -11.59 -12.59
C LEU C 121 21.12 -11.97 -13.78
N GLY C 122 22.22 -12.67 -13.52
CA GLY C 122 23.15 -13.06 -14.59
C GLY C 122 23.93 -11.91 -15.20
N MET C 123 24.18 -10.86 -14.41
CA MET C 123 24.96 -9.70 -14.82
C MET C 123 26.43 -9.91 -14.51
N LYS C 124 27.30 -9.24 -15.25
CA LYS C 124 28.71 -9.11 -14.86
C LYS C 124 28.79 -7.99 -13.82
N VAL C 125 29.65 -8.15 -12.83
CA VAL C 125 29.79 -7.17 -11.75
C VAL C 125 31.25 -6.79 -11.52
N ASP C 126 31.57 -5.52 -11.74
CA ASP C 126 32.84 -4.93 -11.32
C ASP C 126 32.58 -3.93 -10.20
N ILE C 127 33.34 -4.01 -9.12
CA ILE C 127 33.20 -3.12 -7.98
C ILE C 127 34.47 -2.28 -7.84
N TYR C 128 34.31 -0.97 -7.86
CA TYR C 128 35.41 -0.05 -7.56
C TYR C 128 35.48 0.18 -6.06
N MET C 129 36.66 -0.02 -5.48
CA MET C 129 36.88 0.13 -4.05
C MET C 129 38.23 0.78 -3.81
N GLY C 130 38.26 1.84 -3.01
CA GLY C 130 39.52 2.47 -2.63
C GLY C 130 40.46 1.48 -1.96
N ALA C 131 41.75 1.53 -2.31
CA ALA C 131 42.75 0.58 -1.77
C ALA C 131 42.84 0.57 -0.23
N GLU C 132 42.58 1.71 0.40
CA GLU C 132 42.51 1.81 1.87
C GLU C 132 41.33 1.03 2.41
N ASP C 133 40.21 1.09 1.70
CA ASP C 133 39.03 0.31 2.06
C ASP C 133 39.19 -1.19 1.75
N VAL C 134 39.86 -1.53 0.65
CA VAL C 134 40.14 -2.94 0.29
C VAL C 134 40.87 -3.68 1.43
N GLU C 135 41.89 -3.02 2.00
CA GLU C 135 42.67 -3.62 3.08
C GLU C 135 41.94 -3.66 4.43
N ARG C 136 41.04 -2.71 4.67
CA ARG C 136 40.25 -2.70 5.90
C ARG C 136 39.05 -3.64 5.88
N GLN C 137 38.61 -4.08 4.70
CA GLN C 137 37.38 -4.86 4.56
C GLN C 137 37.64 -6.18 3.84
N LYS C 138 38.60 -6.94 4.36
CA LYS C 138 39.03 -8.22 3.77
C LYS C 138 37.89 -9.22 3.55
N MET C 139 37.00 -9.31 4.54
CA MET C 139 35.86 -10.24 4.47
C MET C 139 34.81 -9.85 3.43
N ASN C 140 34.50 -8.56 3.31
CA ASN C 140 33.58 -8.10 2.26
C ASN C 140 34.17 -8.26 0.86
N VAL C 141 35.47 -8.04 0.72
CA VAL C 141 36.18 -8.32 -0.54
C VAL C 141 36.05 -9.81 -0.89
N PHE C 142 36.24 -10.67 0.11
CA PHE C 142 36.04 -12.12 -0.06
C PHE C 142 34.59 -12.45 -0.43
N ARG C 143 33.62 -11.85 0.27
CA ARG C 143 32.20 -12.05 -0.05
C ARG C 143 31.92 -11.75 -1.50
N MET C 144 32.37 -10.57 -1.94
CA MET C 144 32.21 -10.14 -3.32
C MET C 144 32.80 -11.14 -4.33
N LYS C 145 33.99 -11.64 -4.00
CA LYS C 145 34.66 -12.63 -4.85
C LYS C 145 33.91 -13.96 -4.90
N LEU C 146 33.36 -14.39 -3.77
CA LEU C 146 32.51 -15.61 -3.73
C LEU C 146 31.27 -15.46 -4.58
N LEU C 147 30.73 -14.24 -4.60
CA LEU C 147 29.55 -13.92 -5.38
C LEU C 147 29.86 -13.72 -6.87
N GLY C 148 31.13 -13.79 -7.26
CA GLY C 148 31.56 -13.73 -8.64
C GLY C 148 31.92 -12.33 -9.14
N ALA C 149 32.04 -11.37 -8.23
CA ALA C 149 32.32 -9.99 -8.60
C ALA C 149 33.82 -9.75 -8.64
N ASN C 150 34.23 -8.82 -9.48
CA ASN C 150 35.62 -8.40 -9.62
C ASN C 150 35.77 -7.14 -8.77
N VAL C 151 36.68 -7.19 -7.80
CA VAL C 151 36.96 -6.04 -6.94
C VAL C 151 38.19 -5.32 -7.49
N ILE C 152 37.98 -4.11 -8.03
CA ILE C 152 39.04 -3.31 -8.64
C ILE C 152 39.52 -2.27 -7.62
N PRO C 153 40.77 -2.40 -7.12
CA PRO C 153 41.28 -1.38 -6.20
C PRO C 153 41.41 -0.01 -6.88
N VAL C 154 41.12 1.06 -6.15
CA VAL C 154 41.30 2.42 -6.65
C VAL C 154 42.43 3.07 -5.88
N ASN C 155 43.52 3.35 -6.59
CA ASN C 155 44.74 3.92 -6.03
C ASN C 155 44.84 5.45 -6.21
N SER C 156 43.90 6.03 -6.95
CA SER C 156 43.89 7.47 -7.23
C SER C 156 43.40 8.29 -6.04
N GLY C 157 43.96 9.49 -5.88
CA GLY C 157 43.51 10.44 -4.86
C GLY C 157 43.76 9.95 -3.45
N SER C 158 42.74 10.06 -2.59
CA SER C 158 42.82 9.58 -1.21
C SER C 158 42.55 8.06 -1.02
N ARG C 159 42.36 7.30 -2.10
CA ARG C 159 42.25 5.82 -2.05
C ARG C 159 41.07 5.31 -1.18
N THR C 160 39.93 6.00 -1.25
CA THR C 160 38.75 5.67 -0.47
C THR C 160 37.46 5.87 -1.28
N LEU C 161 36.32 6.05 -0.60
CA LEU C 161 35.01 6.08 -1.26
C LEU C 161 34.86 7.15 -2.35
N LYS C 162 35.15 8.40 -2.00
CA LYS C 162 35.08 9.51 -2.97
C LYS C 162 35.81 9.16 -4.27
N ASP C 163 36.99 8.55 -4.15
CA ASP C 163 37.84 8.22 -5.29
C ASP C 163 37.29 7.03 -6.09
N ALA C 164 36.62 6.10 -5.40
CA ALA C 164 35.95 4.98 -6.07
C ALA C 164 34.77 5.45 -6.89
N ILE C 165 34.01 6.41 -6.37
CA ILE C 165 32.91 7.05 -7.10
C ILE C 165 33.43 7.72 -8.39
N ASN C 166 34.53 8.46 -8.27
CA ASN C 166 35.16 9.14 -9.44
C ASN C 166 35.58 8.14 -10.52
N GLU C 167 36.23 7.06 -10.09
CA GLU C 167 36.71 6.04 -11.03
C GLU C 167 35.56 5.27 -11.68
N ALA C 168 34.44 5.11 -10.95
CA ALA C 168 33.26 4.45 -11.50
C ALA C 168 32.59 5.31 -12.58
N LEU C 169 32.47 6.61 -12.32
CA LEU C 169 31.94 7.55 -13.30
C LEU C 169 32.77 7.59 -14.59
N ARG C 170 34.09 7.47 -14.48
CA ARG C 170 34.97 7.41 -15.67
C ARG C 170 34.79 6.12 -16.48
N ASP C 171 34.56 5.00 -15.80
CA ASP C 171 34.20 3.73 -16.45
C ASP C 171 32.86 3.87 -17.18
N TRP C 172 31.86 4.39 -16.48
CA TRP C 172 30.51 4.50 -17.03
C TRP C 172 30.41 5.37 -18.30
N VAL C 173 31.19 6.46 -18.36
CA VAL C 173 31.25 7.33 -19.55
C VAL C 173 31.63 6.48 -20.77
N ALA C 174 32.63 5.62 -20.61
CA ALA C 174 33.09 4.74 -21.68
C ALA C 174 32.10 3.63 -22.02
N THR C 175 31.48 3.03 -21.00
CA THR C 175 30.76 1.74 -21.15
C THR C 175 29.23 1.73 -20.97
N PHE C 176 28.62 2.89 -20.75
CA PHE C 176 27.16 3.02 -20.47
C PHE C 176 26.19 2.30 -21.42
N GLU C 177 26.60 2.07 -22.66
CA GLU C 177 25.76 1.33 -23.63
C GLU C 177 25.41 -0.09 -23.18
N TYR C 178 26.36 -0.78 -22.53
CA TYR C 178 26.12 -2.13 -21.96
C TYR C 178 26.31 -2.22 -20.43
N THR C 179 26.69 -1.11 -19.79
CA THR C 179 26.97 -1.08 -18.36
C THR C 179 26.00 -0.15 -17.65
N HIS C 180 25.43 -0.59 -16.53
CA HIS C 180 24.72 0.32 -15.63
C HIS C 180 25.60 0.59 -14.43
N TYR C 181 25.77 1.88 -14.09
CA TYR C 181 26.43 2.27 -12.86
C TYR C 181 25.41 2.28 -11.73
N LEU C 182 25.60 1.36 -10.78
CA LEU C 182 24.66 1.12 -9.70
C LEU C 182 25.15 1.85 -8.45
N ILE C 183 24.68 3.09 -8.28
CA ILE C 183 25.04 3.93 -7.14
C ILE C 183 24.34 3.46 -5.88
N GLY C 184 25.06 3.51 -4.76
CA GLY C 184 24.67 2.86 -3.52
C GLY C 184 24.02 3.69 -2.46
N SER C 185 23.87 5.00 -2.68
CA SER C 185 23.09 5.83 -1.77
C SER C 185 22.37 6.94 -2.57
N VAL C 186 21.58 7.75 -1.87
CA VAL C 186 20.81 8.83 -2.53
C VAL C 186 21.72 10.03 -2.88
N VAL C 187 22.74 9.77 -3.69
CA VAL C 187 23.78 10.73 -4.01
C VAL C 187 24.08 10.63 -5.50
N GLY C 188 24.97 11.49 -5.99
CA GLY C 188 25.31 11.52 -7.39
C GLY C 188 24.40 12.48 -8.15
N PRO C 189 24.62 12.60 -9.46
CA PRO C 189 23.75 13.47 -10.26
C PRO C 189 22.37 12.86 -10.43
N HIS C 190 21.39 13.69 -10.77
CA HIS C 190 20.04 13.23 -11.14
C HIS C 190 20.18 12.28 -12.34
N PRO C 191 19.42 11.17 -12.38
CA PRO C 191 18.29 10.87 -11.48
C PRO C 191 18.57 10.01 -10.24
N TYR C 192 19.85 9.76 -9.93
CA TYR C 192 20.22 8.80 -8.90
C TYR C 192 19.64 9.05 -7.49
N PRO C 193 19.72 10.30 -6.98
CA PRO C 193 19.10 10.58 -5.68
C PRO C 193 17.62 10.22 -5.61
N THR C 194 16.89 10.42 -6.71
CA THR C 194 15.47 10.10 -6.79
C THR C 194 15.21 8.61 -6.92
N ILE C 195 15.95 7.95 -7.83
CA ILE C 195 15.82 6.51 -8.06
C ILE C 195 16.09 5.71 -6.79
N VAL C 196 17.21 6.00 -6.13
CA VAL C 196 17.62 5.25 -4.95
C VAL C 196 16.60 5.43 -3.82
N ARG C 197 16.11 6.65 -3.65
CA ARG C 197 15.06 6.93 -2.68
C ARG C 197 13.77 6.16 -3.01
N ASP C 198 13.39 6.16 -4.29
CA ASP C 198 12.21 5.44 -4.73
C ASP C 198 12.30 3.93 -4.45
N PHE C 199 13.44 3.30 -4.73
CA PHE C 199 13.60 1.86 -4.44
C PHE C 199 13.71 1.55 -2.95
N GLN C 200 14.07 2.54 -2.13
CA GLN C 200 14.12 2.36 -0.68
C GLN C 200 12.83 2.71 0.06
N SER C 201 11.93 3.44 -0.58
CA SER C 201 10.66 3.86 0.03
C SER C 201 9.72 2.69 0.43
N VAL C 202 10.00 1.49 -0.08
CA VAL C 202 9.34 0.27 0.43
C VAL C 202 9.46 0.14 1.96
N ILE C 203 10.59 0.56 2.52
CA ILE C 203 10.81 0.47 3.97
C ILE C 203 9.76 1.28 4.76
N GLY C 204 9.56 2.53 4.34
CA GLY C 204 8.61 3.42 4.99
C GLY C 204 7.16 3.03 4.81
N ARG C 205 6.80 2.57 3.61
CA ARG C 205 5.43 2.10 3.33
C ARG C 205 5.06 0.92 4.23
N GLU C 206 5.94 -0.08 4.30
CA GLU C 206 5.74 -1.25 5.16
C GLU C 206 5.69 -0.85 6.63
N ALA C 207 6.61 0.01 7.06
CA ALA C 207 6.65 0.49 8.45
C ALA C 207 5.36 1.23 8.83
N LYS C 208 4.81 2.00 7.88
CA LYS C 208 3.57 2.74 8.10
C LYS C 208 2.39 1.78 8.34
N ALA C 209 2.23 0.80 7.47
CA ALA C 209 1.15 -0.19 7.62
C ALA C 209 1.34 -1.04 8.88
N GLN C 210 2.58 -1.45 9.14
CA GLN C 210 2.89 -2.25 10.33
C GLN C 210 2.60 -1.54 11.65
N ILE C 211 2.99 -0.27 11.75
CA ILE C 211 2.76 0.51 12.99
C ILE C 211 1.27 0.79 13.21
N LEU C 212 0.52 1.05 12.13
CA LEU C 212 -0.93 1.26 12.23
C LEU C 212 -1.67 0.05 12.79
N GLU C 213 -1.21 -1.16 12.44
CA GLU C 213 -1.80 -2.39 12.98
C GLU C 213 -1.37 -2.67 14.43
N ALA C 214 -0.09 -2.41 14.75
CA ALA C 214 0.42 -2.62 16.11
C ALA C 214 -0.15 -1.66 17.16
N GLU C 215 -0.12 -0.35 16.88
CA GLU C 215 -0.49 0.70 17.85
C GLU C 215 -1.73 1.53 17.49
N GLY C 216 -2.28 1.37 16.27
CA GLY C 216 -3.47 2.11 15.85
C GLY C 216 -3.27 3.58 15.52
N GLN C 217 -2.02 3.98 15.29
CA GLN C 217 -1.70 5.38 14.96
C GLN C 217 -0.29 5.49 14.36
N LEU C 218 0.02 6.67 13.82
CA LEU C 218 1.35 6.95 13.27
C LEU C 218 2.34 7.22 14.41
N PRO C 219 3.65 7.00 14.16
CA PRO C 219 4.62 7.24 15.24
C PRO C 219 4.83 8.73 15.50
N ASP C 220 5.27 9.07 16.71
CA ASP C 220 5.61 10.45 17.05
C ASP C 220 6.96 10.83 16.42
N VAL C 221 7.92 9.89 16.41
CA VAL C 221 9.25 10.13 15.85
C VAL C 221 9.78 8.95 15.03
N ILE C 222 10.48 9.25 13.93
CA ILE C 222 11.28 8.28 13.18
C ILE C 222 12.76 8.65 13.28
N VAL C 223 13.58 7.69 13.71
CA VAL C 223 15.02 7.87 13.85
C VAL C 223 15.72 6.94 12.87
N ALA C 224 16.55 7.49 12.00
CA ALA C 224 17.37 6.70 11.08
C ALA C 224 18.78 7.27 11.00
N CYS C 225 19.76 6.40 10.83
CA CYS C 225 21.13 6.85 10.60
C CYS C 225 21.25 7.37 9.18
N VAL C 226 22.15 8.33 8.98
CA VAL C 226 22.36 8.99 7.69
C VAL C 226 23.85 8.97 7.38
N GLY C 227 24.22 8.17 6.37
CA GLY C 227 25.56 8.20 5.77
C GLY C 227 25.44 9.09 4.56
N GLY C 228 25.16 8.49 3.40
CA GLY C 228 24.71 9.24 2.22
C GLY C 228 23.22 9.56 2.32
N GLY C 229 22.46 8.67 2.94
CA GLY C 229 21.06 8.92 3.31
C GLY C 229 19.93 8.07 2.74
N SER C 230 20.23 6.92 2.12
CA SER C 230 19.19 6.10 1.45
C SER C 230 18.23 5.35 2.40
N ASN C 231 18.74 4.80 3.51
CA ASN C 231 17.88 4.11 4.48
C ASN C 231 16.96 5.12 5.18
N ALA C 232 17.50 6.30 5.51
CA ALA C 232 16.70 7.35 6.13
C ALA C 232 15.63 7.85 5.17
N MET C 233 15.99 8.12 3.92
CA MET C 233 15.01 8.53 2.91
C MET C 233 13.95 7.47 2.69
N GLY C 234 14.35 6.20 2.61
CA GLY C 234 13.40 5.11 2.41
C GLY C 234 12.33 5.07 3.47
N ILE C 235 12.73 5.20 4.73
CA ILE C 235 11.77 5.20 5.84
C ILE C 235 11.07 6.56 6.01
N PHE C 236 11.78 7.68 5.81
CA PHE C 236 11.20 9.03 5.92
C PHE C 236 10.11 9.31 4.89
N TYR C 237 10.40 9.00 3.63
CA TYR C 237 9.63 9.54 2.50
C TYR C 237 8.12 9.33 2.56
N PRO C 238 7.66 8.11 2.90
CA PRO C 238 6.19 7.93 2.95
C PRO C 238 5.49 8.68 4.10
N PHE C 239 6.23 9.11 5.12
CA PHE C 239 5.69 9.93 6.21
C PHE C 239 5.90 11.44 6.04
N VAL C 240 6.50 11.88 4.93
CA VAL C 240 6.80 13.32 4.71
C VAL C 240 5.59 14.24 4.86
N ASN C 241 4.43 13.79 4.38
CA ASN C 241 3.18 14.56 4.42
C ASN C 241 2.35 14.38 5.70
N ASP C 242 2.78 13.47 6.57
CA ASP C 242 2.17 13.30 7.90
C ASP C 242 2.86 14.26 8.88
N LYS C 243 2.31 15.46 9.01
CA LYS C 243 2.91 16.57 9.75
C LYS C 243 3.32 16.25 11.19
N LYS C 244 2.51 15.45 11.88
CA LYS C 244 2.74 15.06 13.28
C LYS C 244 3.99 14.20 13.52
N VAL C 245 4.51 13.57 12.48
CA VAL C 245 5.64 12.65 12.58
C VAL C 245 6.96 13.44 12.47
N LYS C 246 7.66 13.56 13.60
CA LYS C 246 9.00 14.15 13.63
C LYS C 246 10.01 13.18 13.00
N LEU C 247 10.91 13.71 12.18
CA LEU C 247 11.90 12.92 11.45
C LEU C 247 13.29 13.31 11.94
N VAL C 248 14.04 12.34 12.46
CA VAL C 248 15.40 12.60 12.94
C VAL C 248 16.40 11.76 12.17
N GLY C 249 17.28 12.42 11.44
CA GLY C 249 18.44 11.78 10.82
C GLY C 249 19.61 11.84 11.79
N VAL C 250 20.35 10.75 11.93
CA VAL C 250 21.49 10.69 12.87
C VAL C 250 22.75 10.46 12.05
N GLU C 251 23.65 11.43 12.06
CA GLU C 251 24.92 11.37 11.34
C GLU C 251 26.02 10.87 12.27
N ALA C 252 27.11 10.39 11.67
CA ALA C 252 28.27 9.92 12.43
C ALA C 252 29.01 11.10 13.10
N GLY C 253 28.96 11.13 14.43
CA GLY C 253 29.66 12.13 15.23
C GLY C 253 31.10 11.75 15.51
N GLY C 254 31.48 10.51 15.16
CA GLY C 254 32.86 10.07 15.18
C GLY C 254 33.48 10.20 16.55
N LYS C 255 34.65 10.84 16.59
CA LYS C 255 35.36 11.08 17.84
C LYS C 255 34.90 12.36 18.54
N GLY C 256 33.83 12.99 18.05
CA GLY C 256 33.31 14.25 18.57
C GLY C 256 33.23 15.28 17.45
N LEU C 257 32.17 16.08 17.46
CA LEU C 257 31.93 17.08 16.40
C LEU C 257 33.02 18.16 16.30
N GLU C 258 33.48 18.63 17.45
CA GLU C 258 34.58 19.61 17.50
C GLU C 258 35.98 19.01 17.28
N SER C 259 36.08 17.68 17.26
CA SER C 259 37.35 17.01 17.03
C SER C 259 37.81 17.04 15.58
N GLY C 260 36.88 17.29 14.64
CA GLY C 260 37.19 17.21 13.21
C GLY C 260 37.42 15.80 12.68
N LYS C 261 37.05 14.78 13.45
CA LYS C 261 37.13 13.39 13.02
C LYS C 261 35.71 12.84 13.09
N HIS C 262 34.93 13.14 12.05
CA HIS C 262 33.52 12.72 11.96
C HIS C 262 33.04 12.74 10.50
N SER C 263 31.77 12.41 10.29
CA SER C 263 31.16 12.44 8.96
C SER C 263 29.82 13.19 8.93
N ALA C 264 29.55 14.00 9.95
CA ALA C 264 28.37 14.84 10.03
C ALA C 264 28.40 16.04 9.07
N SER C 265 28.08 15.79 7.81
CA SER C 265 28.09 16.79 6.75
C SER C 265 27.01 17.85 6.92
N LEU C 266 25.80 17.41 7.28
CA LEU C 266 24.69 18.34 7.55
C LEU C 266 24.93 19.24 8.76
N ASN C 267 25.57 18.70 9.80
CA ASN C 267 25.90 19.47 10.99
C ASN C 267 26.94 20.55 10.70
N ALA C 268 28.00 20.20 9.96
CA ALA C 268 29.00 21.18 9.51
C ALA C 268 28.38 22.30 8.68
N GLY C 269 27.52 21.93 7.72
CA GLY C 269 26.80 22.91 6.91
C GLY C 269 27.59 23.60 5.80
N GLN C 270 28.72 23.04 5.38
CA GLN C 270 29.51 23.62 4.28
C GLN C 270 29.05 23.09 2.92
N VAL C 271 28.46 23.97 2.11
CA VAL C 271 27.94 23.61 0.77
C VAL C 271 29.10 23.39 -0.21
N GLY C 272 28.85 22.58 -1.23
CA GLY C 272 29.85 22.25 -2.25
C GLY C 272 29.24 21.45 -3.38
N VAL C 273 30.01 21.24 -4.44
CA VAL C 273 29.55 20.46 -5.59
C VAL C 273 30.61 19.40 -5.89
N SER C 274 30.19 18.15 -5.81
CA SER C 274 31.08 17.00 -6.00
C SER C 274 30.24 15.76 -6.34
N HIS C 275 30.83 14.84 -7.10
CA HIS C 275 30.15 13.63 -7.61
C HIS C 275 28.82 13.93 -8.30
N GLY C 276 28.72 15.03 -9.02
CA GLY C 276 27.51 15.38 -9.77
C GLY C 276 26.40 16.08 -9.02
N MET C 277 26.60 16.42 -7.74
CA MET C 277 25.52 16.97 -6.94
C MET C 277 25.95 18.20 -6.16
N LEU C 278 24.97 19.03 -5.82
CA LEU C 278 25.17 20.15 -4.93
C LEU C 278 24.49 19.78 -3.61
N SER C 279 25.31 19.68 -2.57
CA SER C 279 24.85 19.29 -1.25
C SER C 279 25.88 19.76 -0.23
N TYR C 280 25.82 19.21 0.99
CA TYR C 280 26.80 19.54 2.02
C TYR C 280 27.97 18.55 2.01
N PHE C 281 29.20 19.09 2.05
CA PHE C 281 30.44 18.31 2.08
C PHE C 281 31.36 18.87 3.15
N LEU C 282 32.05 17.99 3.88
CA LEU C 282 33.00 18.42 4.90
C LEU C 282 34.25 19.00 4.22
N GLN C 283 34.64 20.21 4.64
CA GLN C 283 35.70 20.97 3.99
C GLN C 283 36.72 21.52 4.99
N ASP C 284 37.98 21.59 4.55
CA ASP C 284 39.08 22.13 5.37
C ASP C 284 38.96 23.64 5.55
N GLU C 286 39.85 26.59 4.49
CA GLU C 286 40.62 26.60 3.25
C GLU C 286 39.78 26.23 2.00
N GLY C 287 38.73 25.41 2.19
CA GLY C 287 37.79 25.08 1.11
C GLY C 287 37.87 23.70 0.48
N GLN C 288 38.97 22.97 0.69
CA GLN C 288 39.15 21.63 0.09
C GLN C 288 38.33 20.58 0.85
N ILE C 289 37.68 19.67 0.11
CA ILE C 289 36.96 18.54 0.71
C ILE C 289 37.97 17.72 1.52
N LYS C 290 37.59 17.36 2.75
CA LYS C 290 38.52 16.74 3.70
C LYS C 290 38.07 15.34 4.11
N PRO C 291 38.99 14.53 4.69
CA PRO C 291 38.60 13.17 5.09
C PRO C 291 37.50 13.14 6.16
N SER C 292 36.59 12.18 6.04
CA SER C 292 35.61 11.89 7.08
C SER C 292 36.09 10.70 7.91
N HIS C 293 35.39 10.42 9.00
CA HIS C 293 35.68 9.27 9.86
C HIS C 293 34.43 8.79 10.58
N SER C 294 34.29 7.47 10.70
CA SER C 294 33.31 6.86 11.59
C SER C 294 33.74 5.42 11.90
N ILE C 295 33.40 4.97 13.11
CA ILE C 295 33.54 3.56 13.48
C ILE C 295 32.59 2.68 12.63
N ALA C 296 31.44 3.24 12.27
CA ALA C 296 30.50 2.61 11.36
C ALA C 296 30.91 2.90 9.92
N PRO C 297 31.51 1.92 9.22
CA PRO C 297 32.10 2.20 7.90
C PRO C 297 31.11 2.70 6.84
N GLY C 298 29.84 2.29 6.94
CA GLY C 298 28.79 2.78 6.07
C GLY C 298 28.39 4.24 6.20
N LEU C 299 28.71 4.86 7.33
CA LEU C 299 28.45 6.29 7.55
C LEU C 299 29.67 7.15 7.25
N ASP C 300 30.79 6.54 6.83
CA ASP C 300 32.04 7.23 6.58
C ASP C 300 32.10 7.78 5.14
N TYR C 301 31.48 8.95 4.95
CA TYR C 301 31.46 9.66 3.65
C TYR C 301 31.45 11.18 3.93
N PRO C 302 32.31 11.95 3.23
CA PRO C 302 32.31 13.40 3.53
C PRO C 302 31.06 14.18 3.12
N GLY C 303 30.26 13.64 2.19
CA GLY C 303 29.03 14.29 1.74
C GLY C 303 27.76 13.74 2.33
N VAL C 304 26.63 14.20 1.78
CA VAL C 304 25.30 13.65 2.10
C VAL C 304 24.36 13.88 0.92
N GLY C 305 23.28 13.11 0.84
CA GLY C 305 22.30 13.25 -0.22
C GLY C 305 21.63 14.62 -0.23
N PRO C 306 21.37 15.18 -1.43
CA PRO C 306 20.76 16.51 -1.53
C PRO C 306 19.35 16.59 -0.95
N GLU C 307 18.57 15.50 -1.00
CA GLU C 307 17.23 15.51 -0.43
C GLU C 307 17.24 15.73 1.10
N HIS C 308 18.29 15.24 1.78
CA HIS C 308 18.46 15.53 3.21
C HIS C 308 18.86 16.99 3.47
N ALA C 309 19.69 17.55 2.59
CA ALA C 309 20.05 18.97 2.67
C ALA C 309 18.78 19.83 2.60
N TYR C 310 17.88 19.44 1.69
CA TYR C 310 16.58 20.08 1.52
C TYR C 310 15.68 19.98 2.76
N LEU C 311 15.51 18.79 3.30
CA LEU C 311 14.64 18.58 4.47
C LEU C 311 15.13 19.35 5.70
N LYS C 312 16.46 19.43 5.87
CA LYS C 312 17.04 20.25 6.94
C LYS C 312 16.74 21.73 6.72
N LYS C 313 16.88 22.18 5.46
CA LYS C 313 16.62 23.56 5.07
C LYS C 313 15.22 24.02 5.47
N ILE C 314 14.18 23.28 5.04
CA ILE C 314 12.78 23.59 5.38
C ILE C 314 12.36 23.12 6.79
N GLN C 315 13.26 22.46 7.50
CA GLN C 315 13.04 22.00 8.88
C GLN C 315 11.93 20.95 8.98
N ARG C 316 11.79 20.13 7.93
CA ARG C 316 10.92 18.95 7.99
C ARG C 316 11.59 17.82 8.77
N ALA C 317 12.90 17.66 8.59
CA ALA C 317 13.69 16.71 9.34
C ALA C 317 14.69 17.44 10.23
N GLU C 318 14.87 16.92 11.44
CA GLU C 318 15.90 17.40 12.36
C GLU C 318 17.10 16.46 12.21
N TYR C 319 18.31 17.02 12.20
CA TYR C 319 19.50 16.22 12.08
C TYR C 319 20.40 16.39 13.29
N VAL C 320 20.90 15.26 13.78
CA VAL C 320 21.69 15.19 15.00
C VAL C 320 22.90 14.30 14.76
N ALA C 321 23.75 14.16 15.78
CA ALA C 321 24.95 13.33 15.72
C ALA C 321 25.11 12.48 16.97
N VAL C 322 25.55 11.25 16.76
CA VAL C 322 25.92 10.32 17.81
C VAL C 322 27.39 9.94 17.58
N THR C 323 28.18 9.88 18.67
CA THR C 323 29.61 9.52 18.58
C THR C 323 29.84 8.00 18.39
N ASP C 324 31.10 7.65 18.08
CA ASP C 324 31.56 6.25 18.01
C ASP C 324 31.28 5.53 19.32
N GLU C 325 31.58 6.23 20.41
CA GLU C 325 31.44 5.69 21.78
C GLU C 325 29.98 5.39 22.12
N GLU C 326 29.08 6.30 21.76
CA GLU C 326 27.65 6.12 22.02
C GLU C 326 27.05 5.00 21.16
N ALA C 327 27.44 4.96 19.88
CA ALA C 327 26.99 3.90 18.99
C ALA C 327 27.46 2.52 19.46
N LEU C 328 28.71 2.45 19.91
CA LEU C 328 29.29 1.21 20.45
C LEU C 328 28.57 0.77 21.73
N LYS C 329 28.16 1.71 22.57
CA LYS C 329 27.36 1.40 23.76
C LYS C 329 25.97 0.87 23.38
N ALA C 330 25.34 1.48 22.39
CA ALA C 330 24.02 1.00 21.91
C ALA C 330 24.10 -0.33 21.17
N PHE C 331 25.21 -0.58 20.49
CA PHE C 331 25.47 -1.89 19.88
C PHE C 331 25.38 -3.00 20.93
N HIS C 332 26.15 -2.83 22.01
CA HIS C 332 26.18 -3.82 23.12
C HIS C 332 24.82 -3.93 23.82
N GLU C 333 24.15 -2.78 23.98
CA GLU C 333 22.88 -2.71 24.69
C GLU C 333 21.76 -3.48 23.99
N LEU C 334 21.58 -3.26 22.69
CA LEU C 334 20.53 -3.96 21.95
C LEU C 334 20.78 -5.47 21.87
N SER C 335 22.04 -5.86 21.73
CA SER C 335 22.44 -7.27 21.72
C SER C 335 22.06 -7.97 23.03
N ARG C 336 22.45 -7.36 24.15
CA ARG C 336 22.11 -7.86 25.51
C ARG C 336 20.62 -7.87 25.81
N THR C 337 19.94 -6.80 25.41
CA THR C 337 18.56 -6.54 25.85
C THR C 337 17.50 -7.17 24.97
N GLU C 338 17.74 -7.22 23.66
CA GLU C 338 16.77 -7.76 22.70
C GLU C 338 17.23 -8.98 21.89
N GLY C 339 18.50 -9.38 22.03
CA GLY C 339 19.04 -10.48 21.23
C GLY C 339 19.11 -10.15 19.74
N ILE C 340 19.33 -8.86 19.45
CA ILE C 340 19.49 -8.34 18.09
C ILE C 340 20.82 -7.59 18.02
N ILE C 341 21.76 -8.16 17.28
CA ILE C 341 23.07 -7.53 17.07
C ILE C 341 22.88 -6.58 15.88
N PRO C 342 22.87 -5.26 16.12
CA PRO C 342 22.63 -4.31 15.03
C PRO C 342 23.92 -3.92 14.32
N ALA C 343 23.80 -3.50 13.05
CA ALA C 343 24.92 -2.87 12.35
C ALA C 343 25.35 -1.63 13.14
N LEU C 344 26.65 -1.37 13.21
CA LEU C 344 27.18 -0.15 13.87
C LEU C 344 26.59 1.15 13.31
N GLU C 345 26.26 1.17 12.02
CA GLU C 345 25.53 2.27 11.39
C GLU C 345 24.19 2.41 12.11
N SER C 346 23.43 1.31 12.16
CA SER C 346 22.11 1.27 12.82
C SER C 346 22.17 1.61 14.31
N ALA C 347 23.27 1.23 14.95
CA ALA C 347 23.52 1.53 16.37
C ALA C 347 23.61 3.03 16.69
N HIS C 348 23.96 3.84 15.68
CA HIS C 348 23.85 5.31 15.79
C HIS C 348 22.40 5.72 15.99
N ALA C 349 21.50 5.22 15.14
CA ALA C 349 20.07 5.49 15.31
C ALA C 349 19.51 4.93 16.62
N VAL C 350 19.99 3.76 17.05
CA VAL C 350 19.55 3.19 18.32
C VAL C 350 20.02 4.04 19.49
N ALA C 351 21.28 4.48 19.46
CA ALA C 351 21.84 5.31 20.53
C ALA C 351 21.04 6.59 20.72
N TYR C 352 20.71 7.27 19.62
CA TYR C 352 19.91 8.51 19.70
C TYR C 352 18.48 8.24 20.17
N ALA C 353 17.88 7.16 19.71
CA ALA C 353 16.53 6.78 20.17
C ALA C 353 16.47 6.52 21.68
N MET C 354 17.51 5.90 22.24
CA MET C 354 17.62 5.68 23.70
C MET C 354 17.71 7.00 24.48
N LYS C 355 18.46 7.97 23.95
CA LYS C 355 18.49 9.34 24.51
C LYS C 355 17.11 10.00 24.44
N LEU C 356 16.52 9.95 23.25
CA LEU C 356 15.24 10.62 22.96
C LEU C 356 14.08 10.01 23.76
N ALA C 357 14.04 8.68 23.84
CA ALA C 357 12.97 7.96 24.56
C ALA C 357 12.87 8.35 26.04
N LYS C 358 14.02 8.55 26.70
CA LYS C 358 14.08 8.89 28.13
C LYS C 358 13.26 10.13 28.50
N GLU C 359 13.29 11.14 27.64
CA GLU C 359 12.53 12.38 27.84
C GLU C 359 11.01 12.22 27.65
N MET C 360 10.62 11.32 26.74
CA MET C 360 9.24 11.14 26.32
C MET C 360 8.46 10.22 27.26
N SER C 361 7.13 10.21 27.12
CA SER C 361 6.24 9.39 27.95
C SER C 361 5.97 8.03 27.30
N ARG C 362 5.36 7.12 28.07
CA ARG C 362 5.07 5.75 27.61
C ARG C 362 3.99 5.65 26.52
N ASP C 363 3.16 6.68 26.38
CA ASP C 363 2.16 6.76 25.31
C ASP C 363 2.78 6.95 23.93
N GLU C 364 3.95 7.57 23.88
CA GLU C 364 4.60 8.00 22.64
C GLU C 364 5.44 6.91 21.97
N ILE C 365 5.50 6.95 20.64
CA ILE C 365 6.10 5.87 19.84
C ILE C 365 7.26 6.37 18.99
N ILE C 366 8.41 5.68 19.09
CA ILE C 366 9.55 5.92 18.23
C ILE C 366 9.73 4.70 17.33
N ILE C 367 9.94 4.94 16.04
CA ILE C 367 10.39 3.91 15.10
C ILE C 367 11.87 4.16 14.78
N VAL C 368 12.73 3.21 15.14
CA VAL C 368 14.13 3.24 14.71
C VAL C 368 14.21 2.37 13.48
N ASN C 369 14.88 2.86 12.44
CA ASN C 369 15.15 2.03 11.27
C ASN C 369 16.41 1.24 11.57
N LEU C 370 16.25 -0.08 11.75
CA LEU C 370 17.39 -0.93 12.03
C LEU C 370 17.92 -1.39 10.68
N SER C 371 18.74 -0.53 10.07
CA SER C 371 19.12 -0.64 8.66
C SER C 371 19.94 -1.89 8.33
N GLY C 372 20.65 -2.45 9.31
CA GLY C 372 21.34 -3.72 9.11
C GLY C 372 21.65 -4.50 10.36
N ARG C 373 22.19 -5.70 10.15
CA ARG C 373 22.64 -6.57 11.25
C ARG C 373 24.13 -6.37 11.47
N GLY C 374 24.58 -6.69 12.69
CA GLY C 374 25.94 -6.42 13.13
C GLY C 374 26.96 -7.53 12.98
N ASP C 375 26.60 -8.63 12.31
CA ASP C 375 27.52 -9.76 12.07
C ASP C 375 28.80 -9.29 11.36
N LYS C 376 28.61 -8.44 10.34
CA LYS C 376 29.72 -7.79 9.62
C LYS C 376 30.68 -6.98 10.51
N ASP C 377 30.16 -6.44 11.62
CA ASP C 377 30.93 -5.58 12.52
C ASP C 377 31.62 -6.28 13.71
N LEU C 378 31.49 -7.59 13.83
CA LEU C 378 31.98 -8.28 15.03
C LEU C 378 33.51 -8.14 15.21
N ASP C 379 34.26 -8.27 14.12
CA ASP C 379 35.72 -8.09 14.14
C ASP C 379 36.16 -6.73 14.70
N ILE C 380 35.50 -5.67 14.24
CA ILE C 380 35.75 -4.30 14.71
C ILE C 380 35.46 -4.18 16.21
N VAL C 381 34.29 -4.65 16.64
CA VAL C 381 33.87 -4.52 18.04
C VAL C 381 34.76 -5.38 18.96
N LEU C 382 35.24 -6.50 18.44
CA LEU C 382 36.21 -7.34 19.15
C LEU C 382 37.58 -6.66 19.29
N LYS C 383 38.03 -5.99 18.22
CA LYS C 383 39.30 -5.25 18.26
C LYS C 383 39.27 -4.08 19.25
N VAL C 384 38.13 -3.38 19.30
CA VAL C 384 37.95 -2.22 20.18
C VAL C 384 37.89 -2.61 21.67
N SER C 385 37.32 -3.78 21.98
CA SER C 385 37.34 -4.31 23.35
C SER C 385 38.76 -4.62 23.82
N GLY C 386 39.48 -5.44 23.05
CA GLY C 386 40.87 -5.81 23.35
C GLY C 386 40.95 -6.94 24.35
N MET D 1 7.19 -41.28 22.72
CA MET D 1 8.59 -41.65 23.15
C MET D 1 9.29 -42.52 22.12
N TRP D 2 8.55 -43.48 21.55
CA TRP D 2 9.10 -44.44 20.59
C TRP D 2 8.69 -44.12 19.17
N PHE D 3 9.67 -44.15 18.27
CA PHE D 3 9.44 -44.17 16.83
C PHE D 3 9.90 -45.55 16.38
N GLY D 4 8.95 -46.47 16.29
CA GLY D 4 9.26 -47.89 16.05
C GLY D 4 10.26 -48.41 17.07
N GLU D 5 11.40 -48.89 16.60
CA GLU D 5 12.46 -49.42 17.47
C GLU D 5 13.43 -48.37 18.05
N PHE D 6 13.23 -47.09 17.73
CA PHE D 6 14.15 -46.01 18.12
C PHE D 6 13.47 -44.92 18.97
N GLY D 7 14.24 -44.34 19.89
CA GLY D 7 13.76 -43.29 20.79
C GLY D 7 14.12 -43.61 22.23
N GLY D 8 13.13 -43.57 23.11
CA GLY D 8 13.29 -44.00 24.51
C GLY D 8 13.63 -42.87 25.46
N GLN D 9 14.08 -43.27 26.65
CA GLN D 9 14.35 -42.35 27.76
C GLN D 9 15.40 -42.97 28.69
N TYR D 10 16.58 -43.22 28.13
CA TYR D 10 17.67 -43.90 28.85
C TYR D 10 18.43 -42.95 29.77
N VAL D 11 17.83 -42.71 30.94
CA VAL D 11 18.35 -41.73 31.91
C VAL D 11 18.19 -42.22 33.35
N PRO D 12 19.06 -41.75 34.27
CA PRO D 12 18.87 -42.04 35.69
C PRO D 12 17.56 -41.46 36.26
N GLU D 13 17.18 -41.92 37.45
CA GLU D 13 15.92 -41.49 38.09
C GLU D 13 15.88 -39.97 38.39
N THR D 14 17.06 -39.39 38.66
CA THR D 14 17.18 -37.96 38.94
C THR D 14 16.82 -37.06 37.74
N LEU D 15 16.87 -37.62 36.53
CA LEU D 15 16.39 -36.95 35.30
C LEU D 15 14.95 -37.31 34.89
N ILE D 16 14.43 -38.44 35.38
CA ILE D 16 13.04 -38.86 35.09
C ILE D 16 12.00 -37.89 35.69
N GLY D 17 12.31 -37.33 36.86
CA GLY D 17 11.46 -36.30 37.48
C GLY D 17 11.30 -35.06 36.61
N PRO D 18 12.42 -34.40 36.24
CA PRO D 18 12.41 -33.23 35.33
C PRO D 18 11.73 -33.47 33.97
N LEU D 19 12.04 -34.60 33.34
CA LEU D 19 11.52 -34.90 31.98
C LEU D 19 10.01 -35.16 31.95
N LYS D 20 9.45 -35.68 33.04
CA LYS D 20 7.99 -35.85 33.18
C LYS D 20 7.28 -34.51 33.41
N GLU D 21 7.86 -33.68 34.28
CA GLU D 21 7.42 -32.29 34.46
C GLU D 21 7.49 -31.50 33.14
N LEU D 22 8.54 -31.73 32.36
CA LEU D 22 8.66 -31.13 31.02
C LEU D 22 7.63 -31.68 30.04
N GLU D 23 7.42 -32.99 30.07
CA GLU D 23 6.42 -33.64 29.21
C GLU D 23 5.02 -33.10 29.51
N LYS D 24 4.69 -33.08 30.80
CA LYS D 24 3.40 -32.55 31.26
C LYS D 24 3.23 -31.06 30.92
N ALA D 25 4.29 -30.29 31.11
CA ALA D 25 4.31 -28.86 30.74
C ALA D 25 4.06 -28.65 29.24
N TYR D 26 4.69 -29.47 28.41
CA TYR D 26 4.51 -29.40 26.95
C TYR D 26 3.09 -29.78 26.51
N LYS D 27 2.58 -30.88 27.05
CA LYS D 27 1.21 -31.35 26.76
C LYS D 27 0.18 -30.24 27.01
N ARG D 28 0.29 -29.59 28.15
CA ARG D 28 -0.57 -28.48 28.54
C ARG D 28 -0.46 -27.29 27.57
N PHE D 29 0.76 -26.83 27.29
CA PHE D 29 0.97 -25.58 26.55
C PHE D 29 1.05 -25.70 25.02
N LYS D 30 1.25 -26.90 24.47
CA LYS D 30 1.47 -27.04 23.01
C LYS D 30 0.31 -26.52 22.15
N ASP D 31 -0.93 -26.73 22.61
CA ASP D 31 -2.14 -26.23 21.93
C ASP D 31 -2.88 -25.15 22.71
N ASP D 32 -2.29 -24.67 23.82
CA ASP D 32 -2.82 -23.53 24.58
C ASP D 32 -2.81 -22.30 23.68
N GLU D 33 -3.91 -21.55 23.70
CA GLU D 33 -4.10 -20.40 22.80
C GLU D 33 -3.09 -19.28 23.06
N GLU D 34 -2.90 -18.93 24.34
CA GLU D 34 -2.00 -17.84 24.71
C GLU D 34 -0.52 -18.16 24.51
N PHE D 35 -0.11 -19.42 24.66
CA PHE D 35 1.27 -19.82 24.36
C PHE D 35 1.57 -19.69 22.87
N ASN D 36 0.67 -20.22 22.03
CA ASN D 36 0.81 -20.13 20.58
C ASN D 36 0.73 -18.68 20.06
N ARG D 37 -0.11 -17.86 20.69
CA ARG D 37 -0.21 -16.44 20.35
C ARG D 37 1.14 -15.75 20.56
N GLN D 38 1.75 -15.98 21.72
CA GLN D 38 3.08 -15.46 22.03
C GLN D 38 4.17 -16.06 21.13
N LEU D 39 4.11 -17.37 20.88
CA LEU D 39 5.08 -18.02 19.99
C LEU D 39 5.05 -17.43 18.57
N ASN D 40 3.86 -17.37 17.98
CA ASN D 40 3.68 -16.83 16.62
C ASN D 40 3.99 -15.33 16.53
N TYR D 41 3.71 -14.60 17.60
CA TYR D 41 4.09 -13.18 17.71
C TYR D 41 5.61 -13.02 17.65
N TYR D 42 6.34 -13.83 18.43
CA TYR D 42 7.81 -13.74 18.43
C TYR D 42 8.43 -14.25 17.12
N LEU D 43 7.88 -15.33 16.57
CA LEU D 43 8.34 -15.83 15.25
C LEU D 43 8.15 -14.78 14.14
N LYS D 44 7.03 -14.06 14.19
CA LYS D 44 6.70 -13.07 13.18
C LYS D 44 7.57 -11.80 13.33
N THR D 45 7.39 -11.08 14.44
CA THR D 45 7.98 -9.77 14.60
C THR D 45 9.47 -9.78 14.94
N TRP D 46 9.95 -10.83 15.60
CA TRP D 46 11.36 -10.90 16.00
C TRP D 46 12.18 -11.79 15.09
N ALA D 47 11.71 -13.02 14.85
CA ALA D 47 12.42 -13.96 13.97
C ALA D 47 12.25 -13.67 12.47
N GLY D 48 11.12 -13.06 12.10
CA GLY D 48 10.83 -12.75 10.71
C GLY D 48 10.14 -13.82 9.89
N ARG D 49 9.47 -14.77 10.55
CA ARG D 49 8.65 -15.76 9.83
C ARG D 49 7.44 -15.06 9.22
N PRO D 50 6.95 -15.48 8.04
CA PRO D 50 7.45 -16.64 7.30
C PRO D 50 8.64 -16.33 6.41
N THR D 51 9.54 -17.30 6.25
CA THR D 51 10.62 -17.22 5.28
C THR D 51 10.05 -17.58 3.89
N PRO D 52 10.64 -17.04 2.81
CA PRO D 52 10.13 -17.31 1.47
C PRO D 52 10.57 -18.64 0.88
N LEU D 53 9.83 -19.08 -0.15
CA LEU D 53 10.25 -20.19 -0.98
C LEU D 53 10.74 -19.60 -2.30
N TYR D 54 12.03 -19.81 -2.59
CA TYR D 54 12.69 -19.17 -3.73
C TYR D 54 12.97 -20.17 -4.84
N TYR D 55 12.55 -19.83 -6.07
CA TYR D 55 12.84 -20.66 -7.24
C TYR D 55 14.23 -20.34 -7.80
N ALA D 56 15.19 -21.25 -7.61
CA ALA D 56 16.57 -21.04 -8.09
C ALA D 56 16.69 -21.28 -9.59
N LYS D 57 16.25 -20.28 -10.35
CA LYS D 57 16.09 -20.38 -11.80
C LYS D 57 17.40 -20.65 -12.54
N ARG D 58 18.42 -19.84 -12.26
CA ARG D 58 19.73 -19.98 -12.91
C ARG D 58 20.44 -21.30 -12.56
N LEU D 59 20.31 -21.75 -11.31
CA LEU D 59 20.87 -23.05 -10.91
C LEU D 59 20.14 -24.20 -11.61
N THR D 60 18.81 -24.13 -11.63
CA THR D 60 17.97 -25.07 -12.38
C THR D 60 18.42 -25.17 -13.85
N GLU D 61 18.51 -24.05 -14.54
CA GLU D 61 18.88 -24.07 -15.96
C GLU D 61 20.33 -24.53 -16.21
N LYS D 62 21.24 -24.22 -15.29
CA LYS D 62 22.64 -24.66 -15.42
C LYS D 62 22.77 -26.19 -15.43
N ILE D 63 22.01 -26.85 -14.55
CA ILE D 63 21.98 -28.30 -14.46
C ILE D 63 21.20 -28.89 -15.64
N GLY D 64 20.05 -28.30 -15.96
CA GLY D 64 19.24 -28.71 -17.11
C GLY D 64 18.27 -29.85 -16.84
N GLY D 65 17.93 -30.05 -15.56
CA GLY D 65 16.98 -31.07 -15.13
C GLY D 65 15.81 -30.45 -14.38
N ALA D 66 15.52 -30.98 -13.20
CA ALA D 66 14.33 -30.59 -12.44
C ALA D 66 14.45 -29.20 -11.79
N LYS D 67 13.30 -28.67 -11.38
CA LYS D 67 13.22 -27.37 -10.71
C LYS D 67 13.73 -27.46 -9.28
N VAL D 68 14.67 -26.58 -8.95
CA VAL D 68 15.22 -26.47 -7.60
C VAL D 68 14.64 -25.24 -6.89
N TYR D 69 13.78 -25.50 -5.91
CA TYR D 69 13.28 -24.47 -5.00
C TYR D 69 14.06 -24.52 -3.69
N LEU D 70 14.34 -23.36 -3.13
CA LEU D 70 15.04 -23.24 -1.85
C LEU D 70 14.13 -22.66 -0.78
N LYS D 71 13.86 -23.44 0.27
CA LYS D 71 13.15 -22.92 1.44
C LYS D 71 14.16 -22.10 2.25
N ARG D 72 13.91 -20.81 2.35
CA ARG D 72 14.94 -19.83 2.74
C ARG D 72 15.06 -19.62 4.26
N GLU D 73 15.42 -20.66 5.00
CA GLU D 73 15.66 -20.55 6.45
C GLU D 73 16.88 -19.73 6.77
N ASP D 74 17.75 -19.56 5.78
CA ASP D 74 18.84 -18.59 5.87
C ASP D 74 18.40 -17.14 6.22
N LEU D 75 17.14 -16.78 5.94
CA LEU D 75 16.62 -15.41 6.19
C LEU D 75 15.94 -15.21 7.55
N VAL D 76 15.85 -16.26 8.36
CA VAL D 76 15.33 -16.12 9.72
C VAL D 76 16.38 -15.38 10.58
N HIS D 77 15.90 -14.64 11.57
CA HIS D 77 16.77 -13.92 12.50
C HIS D 77 17.78 -14.88 13.13
N GLY D 78 19.06 -14.51 13.05
CA GLY D 78 20.16 -15.37 13.49
C GLY D 78 20.83 -16.12 12.35
N GLY D 79 20.14 -16.25 11.22
CA GLY D 79 20.69 -16.86 10.02
C GLY D 79 20.55 -18.37 9.91
N ALA D 80 19.79 -18.99 10.80
CA ALA D 80 19.59 -20.46 10.75
C ALA D 80 18.28 -20.87 11.37
N HIS D 81 17.75 -22.01 10.91
CA HIS D 81 16.50 -22.60 11.44
C HIS D 81 16.44 -22.75 12.98
N1 LLP D 82 22.09 -26.38 9.16
C2 LLP D 82 22.39 -25.22 9.81
C2' LLP D 82 22.42 -23.90 9.09
C3 LLP D 82 22.69 -25.29 11.27
O3 LLP D 82 22.98 -24.18 11.97
C4 LLP D 82 22.66 -26.61 11.96
C4' LLP D 82 22.96 -26.72 13.44
C5 LLP D 82 22.33 -27.78 11.12
C6 LLP D 82 22.07 -27.59 9.76
C5' LLP D 82 22.28 -29.19 11.69
OP4 LLP D 82 21.25 -29.31 12.68
P LLP D 82 19.96 -30.24 12.48
OP1 LLP D 82 20.50 -31.51 11.87
OP2 LLP D 82 19.05 -29.48 11.57
OP3 LLP D 82 19.42 -30.45 13.86
N LLP D 82 17.60 -22.93 13.62
CA LLP D 82 17.68 -23.13 15.08
CB LLP D 82 19.13 -23.02 15.56
CG LLP D 82 19.98 -24.13 14.99
CD LLP D 82 21.25 -24.27 15.79
CE LLP D 82 21.92 -25.59 15.45
NZ LLP D 82 22.59 -25.53 14.16
C LLP D 82 16.89 -22.16 15.90
O LLP D 82 16.38 -22.51 16.96
N THR D 83 16.81 -20.92 15.42
CA THR D 83 15.97 -19.89 16.02
C THR D 83 14.54 -20.37 16.31
N ASN D 84 13.93 -21.12 15.40
CA ASN D 84 12.54 -21.61 15.59
C ASN D 84 12.41 -22.44 16.87
N ASN D 85 13.36 -23.35 17.07
CA ASN D 85 13.41 -24.23 18.25
C ASN D 85 13.85 -23.48 19.51
N ALA D 86 14.79 -22.57 19.36
CA ALA D 86 15.28 -21.73 20.46
C ALA D 86 14.16 -20.90 21.07
N ILE D 87 13.33 -20.27 20.23
CA ILE D 87 12.22 -19.43 20.69
C ILE D 87 11.14 -20.27 21.37
N GLY D 88 10.78 -21.40 20.74
CA GLY D 88 9.77 -22.31 21.26
C GLY D 88 10.07 -22.82 22.66
N GLN D 89 11.28 -23.34 22.85
CA GLN D 89 11.70 -23.93 24.13
C GLN D 89 11.95 -22.88 25.20
N ALA D 90 12.60 -21.78 24.84
CA ALA D 90 12.81 -20.66 25.77
C ALA D 90 11.50 -20.07 26.25
N LEU D 91 10.50 -20.02 25.37
CA LEU D 91 9.16 -19.57 25.73
C LEU D 91 8.48 -20.62 26.60
N LEU D 92 8.60 -21.89 26.23
CA LEU D 92 8.05 -22.99 27.05
C LEU D 92 8.58 -22.92 28.48
N ALA D 93 9.89 -22.69 28.62
CA ALA D 93 10.53 -22.49 29.93
C ALA D 93 9.93 -21.32 30.72
N LYS D 94 9.68 -20.20 30.02
CA LYS D 94 9.09 -18.98 30.61
C LYS D 94 7.69 -19.19 31.16
N PHE D 95 6.86 -19.88 30.38
CA PHE D 95 5.51 -20.28 30.84
C PHE D 95 5.58 -21.26 32.03
N MET D 96 6.58 -22.15 32.03
CA MET D 96 6.85 -23.05 33.17
C MET D 96 7.40 -22.36 34.41
N GLY D 97 7.73 -21.07 34.31
CA GLY D 97 8.21 -20.27 35.43
C GLY D 97 9.72 -20.35 35.63
N LYS D 98 10.45 -20.82 34.61
CA LYS D 98 11.91 -20.93 34.70
C LYS D 98 12.51 -19.55 34.41
N THR D 99 13.61 -19.23 35.09
CA THR D 99 14.32 -17.96 34.92
C THR D 99 15.65 -18.11 34.16
N ARG D 100 16.08 -19.35 33.95
CA ARG D 100 17.41 -19.64 33.42
C ARG D 100 17.30 -20.66 32.29
N LEU D 101 18.12 -20.47 31.25
CA LEU D 101 18.23 -21.44 30.17
C LEU D 101 19.65 -21.98 30.18
N ILE D 102 19.80 -23.29 30.01
CA ILE D 102 21.11 -23.90 29.77
C ILE D 102 21.03 -24.63 28.45
N ALA D 103 22.16 -24.74 27.77
CA ALA D 103 22.20 -25.45 26.50
C ALA D 103 23.60 -25.86 26.13
N GLU D 104 23.66 -26.90 25.30
CA GLU D 104 24.90 -27.41 24.73
C GLU D 104 25.18 -26.67 23.44
N THR D 105 26.45 -26.62 23.06
CA THR D 105 26.80 -26.21 21.70
C THR D 105 28.19 -26.73 21.31
N GLY D 106 28.33 -27.09 20.03
CA GLY D 106 29.60 -27.53 19.45
C GLY D 106 30.07 -26.55 18.39
N ALA D 107 29.24 -26.34 17.37
CA ALA D 107 29.49 -25.33 16.33
C ALA D 107 29.37 -23.88 16.83
N GLY D 108 28.65 -23.67 17.93
CA GLY D 108 28.34 -22.32 18.43
C GLY D 108 26.94 -21.87 18.05
N GLN D 109 26.41 -22.43 16.96
CA GLN D 109 25.15 -21.97 16.35
C GLN D 109 23.95 -22.09 17.26
N HIS D 110 23.81 -23.23 17.95
CA HIS D 110 22.73 -23.39 18.93
C HIS D 110 22.95 -22.53 20.16
N GLY D 111 24.20 -22.40 20.60
CA GLY D 111 24.55 -21.53 21.73
C GLY D 111 24.20 -20.07 21.49
N VAL D 112 24.51 -19.60 20.28
CA VAL D 112 24.13 -18.25 19.84
C VAL D 112 22.61 -18.11 19.81
N ALA D 113 21.92 -19.11 19.24
CA ALA D 113 20.46 -19.06 19.10
C ALA D 113 19.76 -19.10 20.46
N THR D 114 20.28 -19.90 21.38
CA THR D 114 19.78 -19.97 22.75
C THR D 114 20.01 -18.62 23.43
N ALA D 115 21.23 -18.09 23.28
CA ALA D 115 21.59 -16.77 23.81
C ALA D 115 20.65 -15.66 23.33
N MET D 116 20.29 -15.69 22.04
CA MET D 116 19.37 -14.71 21.44
C MET D 116 17.97 -14.78 22.04
N ALA D 117 17.40 -15.99 22.01
CA ALA D 117 16.08 -16.26 22.62
C ALA D 117 16.08 -15.89 24.10
N GLY D 118 17.17 -16.24 24.79
CA GLY D 118 17.33 -15.90 26.20
C GLY D 118 17.39 -14.42 26.49
N ALA D 119 18.18 -13.68 25.70
CA ALA D 119 18.22 -12.21 25.77
C ALA D 119 16.83 -11.60 25.49
N LEU D 120 16.20 -12.06 24.41
CA LEU D 120 14.83 -11.67 24.05
C LEU D 120 13.82 -11.74 25.21
N LEU D 121 13.85 -12.84 25.96
CA LEU D 121 12.85 -13.12 27.00
C LEU D 121 13.30 -12.81 28.44
N GLY D 122 14.49 -12.20 28.59
CA GLY D 122 14.97 -11.76 29.91
C GLY D 122 15.32 -12.91 30.85
N MET D 123 16.11 -13.86 30.35
CA MET D 123 16.49 -15.06 31.09
C MET D 123 18.00 -15.22 31.09
N LYS D 124 18.54 -15.69 32.22
CA LYS D 124 19.97 -15.99 32.31
C LYS D 124 20.28 -17.16 31.39
N VAL D 125 21.42 -17.08 30.70
CA VAL D 125 21.83 -18.13 29.78
C VAL D 125 23.26 -18.56 30.11
N ASP D 126 23.42 -19.84 30.47
CA ASP D 126 24.73 -20.47 30.56
C ASP D 126 24.84 -21.48 29.42
N ILE D 127 25.95 -21.43 28.68
CA ILE D 127 26.16 -22.33 27.55
C ILE D 127 27.39 -23.20 27.85
N TYR D 128 27.16 -24.51 27.87
CA TYR D 128 28.24 -25.46 28.05
C TYR D 128 28.88 -25.77 26.70
N MET D 129 30.19 -25.62 26.65
CA MET D 129 30.92 -25.78 25.41
C MET D 129 32.23 -26.52 25.64
N GLY D 130 32.47 -27.56 24.84
CA GLY D 130 33.72 -28.31 24.89
C GLY D 130 34.89 -27.40 24.57
N ALA D 131 35.99 -27.54 25.33
CA ALA D 131 37.17 -26.67 25.17
C ALA D 131 37.76 -26.70 23.75
N GLU D 132 37.68 -27.86 23.09
CA GLU D 132 38.05 -27.98 21.67
C GLU D 132 37.13 -27.13 20.78
N ASP D 133 35.82 -27.16 21.07
CA ASP D 133 34.83 -26.33 20.37
C ASP D 133 34.94 -24.82 20.69
N VAL D 134 35.41 -24.46 21.89
CA VAL D 134 35.69 -23.05 22.23
C VAL D 134 36.86 -22.51 21.39
N GLU D 135 37.95 -23.28 21.34
CA GLU D 135 39.09 -22.94 20.49
C GLU D 135 38.69 -22.82 19.02
N ARG D 136 37.85 -23.74 18.55
CA ARG D 136 37.39 -23.76 17.15
C ARG D 136 36.43 -22.62 16.76
N GLN D 137 35.68 -22.07 17.73
CA GLN D 137 34.58 -21.14 17.44
C GLN D 137 34.68 -19.82 18.24
N LYS D 138 35.81 -19.13 18.09
CA LYS D 138 36.08 -17.89 18.82
C LYS D 138 35.03 -16.79 18.61
N MET D 139 34.49 -16.71 17.39
CA MET D 139 33.52 -15.68 17.01
C MET D 139 32.12 -15.95 17.57
N ASN D 140 31.67 -17.21 17.52
CA ASN D 140 30.39 -17.58 18.15
C ASN D 140 30.44 -17.44 19.68
N VAL D 141 31.59 -17.73 20.27
CA VAL D 141 31.81 -17.47 21.70
C VAL D 141 31.61 -15.98 21.99
N PHE D 142 32.23 -15.13 21.17
CA PHE D 142 32.06 -13.67 21.29
C PHE D 142 30.60 -13.23 21.10
N ARG D 143 29.92 -13.77 20.08
CA ARG D 143 28.49 -13.47 19.85
C ARG D 143 27.64 -13.81 21.08
N MET D 144 27.91 -14.98 21.68
CA MET D 144 27.20 -15.40 22.88
C MET D 144 27.41 -14.44 24.06
N LYS D 145 28.67 -14.09 24.33
CA LYS D 145 29.00 -13.15 25.41
C LYS D 145 28.41 -11.76 25.15
N LEU D 146 28.47 -11.33 23.89
CA LEU D 146 27.84 -10.10 23.45
C LEU D 146 26.32 -10.09 23.67
N LEU D 147 25.68 -11.24 23.42
CA LEU D 147 24.25 -11.41 23.70
C LEU D 147 23.90 -11.57 25.20
N GLY D 148 24.91 -11.58 26.07
CA GLY D 148 24.71 -11.57 27.52
C GLY D 148 24.79 -12.94 28.19
N ALA D 149 24.89 -14.01 27.40
CA ALA D 149 25.02 -15.37 27.95
C ALA D 149 26.43 -15.60 28.48
N ASN D 150 26.55 -16.54 29.41
CA ASN D 150 27.84 -16.96 29.95
C ASN D 150 28.23 -18.27 29.27
N VAL D 151 29.51 -18.40 28.94
CA VAL D 151 30.04 -19.60 28.30
C VAL D 151 30.92 -20.32 29.31
N ILE D 152 30.46 -21.49 29.76
CA ILE D 152 31.19 -22.31 30.71
C ILE D 152 31.96 -23.38 29.93
N PRO D 153 33.31 -23.32 29.93
CA PRO D 153 34.07 -24.37 29.24
C PRO D 153 33.93 -25.76 29.88
N VAL D 154 33.76 -26.79 29.04
CA VAL D 154 33.68 -28.18 29.48
C VAL D 154 35.00 -28.86 29.12
N ASN D 155 35.80 -29.17 30.16
CA ASN D 155 37.09 -29.84 29.98
C ASN D 155 37.04 -31.37 30.18
N SER D 156 35.85 -31.93 30.37
CA SER D 156 35.69 -33.37 30.66
C SER D 156 35.57 -34.19 29.38
N GLY D 157 36.06 -35.44 29.45
CA GLY D 157 36.01 -36.37 28.33
C GLY D 157 36.78 -35.91 27.09
N SER D 158 36.12 -36.00 25.93
CA SER D 158 36.71 -35.58 24.65
C SER D 158 36.71 -34.05 24.42
N ARG D 159 36.10 -33.29 25.34
CA ARG D 159 36.06 -31.81 25.28
C ARG D 159 35.33 -31.32 24.03
N THR D 160 34.09 -31.76 23.86
CA THR D 160 33.29 -31.40 22.68
C THR D 160 31.76 -31.55 22.91
N LEU D 161 30.99 -31.62 21.82
CA LEU D 161 29.51 -31.64 21.84
C LEU D 161 28.89 -32.75 22.69
N LYS D 162 29.38 -33.99 22.54
CA LYS D 162 28.92 -35.12 23.35
C LYS D 162 29.08 -34.86 24.85
N ASP D 163 30.21 -34.25 25.22
CA ASP D 163 30.56 -33.98 26.63
C ASP D 163 29.77 -32.82 27.20
N ALA D 164 29.51 -31.81 26.37
CA ALA D 164 28.67 -30.65 26.76
C ALA D 164 27.24 -31.05 27.11
N ILE D 165 26.67 -31.99 26.35
CA ILE D 165 25.34 -32.52 26.63
C ILE D 165 25.33 -33.18 28.01
N ASN D 166 26.39 -33.94 28.33
CA ASN D 166 26.53 -34.62 29.62
C ASN D 166 26.71 -33.66 30.79
N GLU D 167 27.53 -32.64 30.60
CA GLU D 167 27.75 -31.60 31.62
C GLU D 167 26.51 -30.75 31.86
N ALA D 168 25.79 -30.42 30.78
CA ALA D 168 24.53 -29.68 30.88
C ALA D 168 23.44 -30.51 31.56
N LEU D 169 23.36 -31.79 31.23
CA LEU D 169 22.45 -32.71 31.92
C LEU D 169 22.79 -32.85 33.42
N ARG D 170 24.08 -32.80 33.77
CA ARG D 170 24.52 -32.79 35.17
C ARG D 170 24.13 -31.50 35.90
N ASP D 171 24.22 -30.37 35.22
CA ASP D 171 23.71 -29.08 35.72
C ASP D 171 22.19 -29.13 35.89
N TRP D 172 21.48 -29.69 34.92
CA TRP D 172 20.01 -29.69 34.94
C TRP D 172 19.39 -30.52 36.08
N VAL D 173 19.99 -31.67 36.40
CA VAL D 173 19.47 -32.54 37.48
C VAL D 173 19.36 -31.81 38.82
N ALA D 174 20.33 -30.96 39.13
CA ALA D 174 20.31 -30.11 40.32
C ALA D 174 19.42 -28.85 40.16
N THR D 175 19.46 -28.23 38.98
CA THR D 175 18.87 -26.88 38.79
C THR D 175 17.51 -26.83 38.04
N PHE D 176 16.92 -27.98 37.72
CA PHE D 176 15.67 -28.04 36.92
C PHE D 176 14.49 -27.22 37.46
N GLU D 177 14.45 -27.00 38.77
CA GLU D 177 13.43 -26.15 39.42
C GLU D 177 13.27 -24.76 38.78
N TYR D 178 14.38 -24.11 38.46
CA TYR D 178 14.40 -22.75 37.84
C TYR D 178 15.11 -22.67 36.48
N THR D 179 15.68 -23.77 36.02
CA THR D 179 16.44 -23.82 34.77
C THR D 179 15.78 -24.78 33.79
N HIS D 180 15.72 -24.39 32.52
CA HIS D 180 15.30 -25.30 31.44
C HIS D 180 16.54 -25.66 30.62
N TYR D 181 16.70 -26.95 30.32
CA TYR D 181 17.77 -27.44 29.45
C TYR D 181 17.29 -27.42 27.99
N LEU D 182 17.81 -26.45 27.24
CA LEU D 182 17.38 -26.20 25.86
C LEU D 182 18.23 -27.03 24.89
N ILE D 183 17.67 -28.15 24.42
CA ILE D 183 18.39 -29.07 23.52
C ILE D 183 18.28 -28.58 22.08
N GLY D 184 19.36 -28.74 21.33
CA GLY D 184 19.55 -28.11 20.03
C GLY D 184 19.11 -28.83 18.78
N SER D 185 18.78 -30.11 18.90
CA SER D 185 18.32 -30.92 17.77
C SER D 185 17.31 -31.97 18.24
N VAL D 186 16.77 -32.74 17.29
CA VAL D 186 15.83 -33.83 17.59
C VAL D 186 16.47 -35.07 18.24
N VAL D 187 17.21 -34.83 19.32
CA VAL D 187 18.01 -35.85 19.97
C VAL D 187 17.67 -35.84 21.46
N GLY D 188 18.31 -36.72 22.21
CA GLY D 188 18.17 -36.74 23.66
C GLY D 188 17.02 -37.61 24.11
N PRO D 189 16.78 -37.68 25.42
CA PRO D 189 15.66 -38.47 25.93
C PRO D 189 14.32 -37.82 25.60
N HIS D 190 13.26 -38.63 25.58
CA HIS D 190 11.88 -38.13 25.45
C HIS D 190 11.62 -37.07 26.57
N PRO D 191 10.97 -35.94 26.28
CA PRO D 191 10.26 -35.64 25.04
C PRO D 191 11.02 -34.77 24.03
N TYR D 192 12.34 -34.67 24.15
CA TYR D 192 13.11 -33.72 23.36
C TYR D 192 13.03 -33.91 21.84
N PRO D 193 13.15 -35.15 21.35
CA PRO D 193 13.00 -35.36 19.89
C PRO D 193 11.64 -34.90 19.35
N THR D 194 10.57 -35.13 20.12
CA THR D 194 9.22 -34.71 19.74
C THR D 194 9.07 -33.18 19.80
N ILE D 195 9.55 -32.59 20.90
CA ILE D 195 9.44 -31.14 21.12
C ILE D 195 10.16 -30.31 20.04
N VAL D 196 11.39 -30.72 19.69
CA VAL D 196 12.23 -29.99 18.72
C VAL D 196 11.65 -30.10 17.31
N ARG D 197 11.19 -31.30 16.94
CA ARG D 197 10.53 -31.50 15.65
C ARG D 197 9.24 -30.67 15.53
N ASP D 198 8.44 -30.60 16.60
CA ASP D 198 7.21 -29.80 16.57
C ASP D 198 7.49 -28.32 16.35
N PHE D 199 8.52 -27.78 17.03
CA PHE D 199 8.87 -26.37 16.87
C PHE D 199 9.52 -26.04 15.52
N GLN D 200 10.03 -27.05 14.82
CA GLN D 200 10.57 -26.89 13.48
C GLN D 200 9.59 -27.21 12.34
N SER D 201 8.47 -27.86 12.65
CA SER D 201 7.50 -28.28 11.62
C SER D 201 6.83 -27.12 10.87
N VAL D 202 6.89 -25.92 11.47
CA VAL D 202 6.47 -24.68 10.80
C VAL D 202 7.19 -24.45 9.46
N ILE D 203 8.44 -24.90 9.34
CA ILE D 203 9.20 -24.81 8.08
C ILE D 203 8.43 -25.53 6.97
N GLY D 204 8.05 -26.79 7.25
CA GLY D 204 7.31 -27.61 6.29
C GLY D 204 5.89 -27.15 6.00
N ARG D 205 5.18 -26.64 7.01
CA ARG D 205 3.83 -26.11 6.81
C ARG D 205 3.85 -24.88 5.91
N GLU D 206 4.81 -23.99 6.13
CA GLU D 206 5.01 -22.84 5.24
C GLU D 206 5.38 -23.33 3.82
N ALA D 207 6.36 -24.23 3.75
CA ALA D 207 6.87 -24.75 2.48
C ALA D 207 5.79 -25.45 1.63
N LYS D 208 4.89 -26.17 2.29
CA LYS D 208 3.75 -26.81 1.62
C LYS D 208 2.80 -25.77 1.03
N ALA D 209 2.38 -24.83 1.87
CA ALA D 209 1.52 -23.72 1.43
C ALA D 209 2.14 -22.93 0.26
N GLN D 210 3.45 -22.67 0.34
CA GLN D 210 4.16 -21.87 -0.67
C GLN D 210 4.34 -22.60 -2.01
N ILE D 211 4.60 -23.90 -2.00
CA ILE D 211 4.78 -24.67 -3.25
C ILE D 211 3.45 -24.92 -3.98
N LEU D 212 2.38 -25.12 -3.20
CA LEU D 212 1.03 -25.18 -3.78
C LEU D 212 0.66 -23.87 -4.48
N GLU D 213 1.08 -22.75 -3.90
CA GLU D 213 0.83 -21.43 -4.49
C GLU D 213 1.70 -21.19 -5.74
N ALA D 214 2.95 -21.65 -5.70
CA ALA D 214 3.91 -21.46 -6.79
C ALA D 214 3.68 -22.40 -7.98
N GLU D 215 3.47 -23.68 -7.71
CA GLU D 215 3.41 -24.72 -8.76
C GLU D 215 2.08 -25.46 -8.88
N GLY D 216 1.11 -25.17 -8.02
CA GLY D 216 -0.19 -25.85 -8.03
C GLY D 216 -0.15 -27.32 -7.65
N GLN D 217 0.86 -27.73 -6.90
CA GLN D 217 1.07 -29.14 -6.56
C GLN D 217 2.12 -29.30 -5.46
N LEU D 218 2.15 -30.50 -4.88
CA LEU D 218 3.16 -30.86 -3.91
C LEU D 218 4.47 -31.15 -4.65
N PRO D 219 5.62 -31.09 -3.93
CA PRO D 219 6.90 -31.36 -4.61
C PRO D 219 7.10 -32.85 -4.83
N ASP D 220 7.94 -33.19 -5.80
CA ASP D 220 8.32 -34.60 -6.03
C ASP D 220 9.33 -35.07 -4.97
N VAL D 221 10.26 -34.19 -4.58
CA VAL D 221 11.30 -34.50 -3.59
C VAL D 221 11.57 -33.32 -2.64
N ILE D 222 11.82 -33.63 -1.37
CA ILE D 222 12.31 -32.68 -0.39
C ILE D 222 13.68 -33.17 0.07
N VAL D 223 14.68 -32.31 -0.10
CA VAL D 223 16.06 -32.60 0.29
C VAL D 223 16.47 -31.65 1.43
N ALA D 224 17.01 -32.22 2.50
CA ALA D 224 17.51 -31.45 3.63
C ALA D 224 18.72 -32.14 4.23
N CYS D 225 19.64 -31.36 4.79
CA CYS D 225 20.80 -31.93 5.45
C CYS D 225 20.41 -32.48 6.83
N VAL D 226 21.19 -33.44 7.32
CA VAL D 226 20.93 -34.09 8.59
C VAL D 226 22.20 -34.10 9.44
N GLY D 227 22.16 -33.35 10.54
CA GLY D 227 23.19 -33.39 11.57
C GLY D 227 22.64 -34.27 12.67
N GLY D 228 21.86 -33.65 13.56
CA GLY D 228 21.00 -34.37 14.48
C GLY D 228 19.64 -34.64 13.83
N GLY D 229 19.18 -33.70 13.00
CA GLY D 229 17.96 -33.87 12.19
C GLY D 229 16.79 -32.91 12.35
N SER D 230 16.98 -31.81 13.08
CA SER D 230 15.88 -30.85 13.36
C SER D 230 15.34 -30.09 12.13
N ASN D 231 16.20 -29.62 11.25
CA ASN D 231 15.72 -28.92 10.04
C ASN D 231 15.10 -29.92 9.06
N ALA D 232 15.67 -31.12 8.99
CA ALA D 232 15.11 -32.17 8.13
C ALA D 232 13.72 -32.56 8.61
N MET D 233 13.58 -32.85 9.90
CA MET D 233 12.26 -33.18 10.45
C MET D 233 11.28 -32.02 10.32
N GLY D 234 11.76 -30.81 10.54
CA GLY D 234 10.95 -29.61 10.38
C GLY D 234 10.29 -29.49 9.01
N ILE D 235 11.07 -29.69 7.95
CA ILE D 235 10.52 -29.65 6.60
C ILE D 235 9.84 -30.97 6.17
N PHE D 236 10.35 -32.12 6.66
CA PHE D 236 9.75 -33.43 6.35
C PHE D 236 8.36 -33.63 6.96
N TYR D 237 8.24 -33.38 8.27
CA TYR D 237 7.11 -33.86 9.07
C TYR D 237 5.72 -33.61 8.46
N PRO D 238 5.45 -32.38 8.00
CA PRO D 238 4.13 -32.12 7.41
C PRO D 238 3.87 -32.80 6.06
N PHE D 239 4.91 -33.34 5.41
CA PHE D 239 4.74 -34.11 4.17
C PHE D 239 4.70 -35.63 4.36
N VAL D 240 4.89 -36.12 5.59
CA VAL D 240 5.03 -37.56 5.85
C VAL D 240 3.83 -38.35 5.31
N ASN D 241 2.62 -37.82 5.53
CA ASN D 241 1.38 -38.46 5.05
C ASN D 241 1.07 -38.24 3.57
N ASP D 242 1.78 -37.32 2.90
CA ASP D 242 1.66 -37.11 1.45
C ASP D 242 2.54 -38.13 0.71
N LYS D 243 1.93 -39.26 0.35
CA LYS D 243 2.66 -40.49 -0.05
C LYS D 243 3.56 -40.35 -1.28
N LYS D 244 3.20 -39.47 -2.22
CA LYS D 244 4.02 -39.26 -3.43
C LYS D 244 5.25 -38.35 -3.22
N VAL D 245 5.34 -37.67 -2.08
CA VAL D 245 6.46 -36.78 -1.79
C VAL D 245 7.65 -37.59 -1.25
N LYS D 246 8.74 -37.65 -2.04
CA LYS D 246 9.98 -38.31 -1.62
C LYS D 246 10.71 -37.44 -0.59
N LEU D 247 11.35 -38.09 0.38
CA LEU D 247 12.10 -37.40 1.43
C LEU D 247 13.54 -37.90 1.43
N VAL D 248 14.50 -36.97 1.32
CA VAL D 248 15.92 -37.29 1.30
C VAL D 248 16.70 -36.47 2.32
N GLY D 249 17.22 -37.15 3.34
CA GLY D 249 18.13 -36.57 4.30
C GLY D 249 19.55 -36.76 3.81
N VAL D 250 20.35 -35.70 3.91
CA VAL D 250 21.75 -35.71 3.47
C VAL D 250 22.66 -35.54 4.66
N GLU D 251 23.44 -36.58 4.96
CA GLU D 251 24.40 -36.59 6.05
C GLU D 251 25.77 -36.14 5.54
N ALA D 252 26.65 -35.82 6.49
CA ALA D 252 28.01 -35.40 6.18
C ALA D 252 28.87 -36.61 5.81
N GLY D 253 29.24 -36.69 4.54
CA GLY D 253 30.18 -37.70 4.03
C GLY D 253 31.64 -37.42 4.38
N GLY D 254 31.95 -36.19 4.79
CA GLY D 254 33.27 -35.85 5.34
C GLY D 254 34.39 -35.97 4.32
N LYS D 255 35.45 -36.69 4.68
CA LYS D 255 36.55 -37.00 3.74
C LYS D 255 36.24 -38.16 2.78
N GLY D 256 35.11 -38.84 2.99
CA GLY D 256 34.78 -40.08 2.28
C GLY D 256 34.16 -41.04 3.30
N LEU D 257 33.22 -41.87 2.85
CA LEU D 257 32.60 -42.86 3.75
C LEU D 257 33.56 -43.97 4.17
N GLU D 258 34.45 -44.37 3.25
CA GLU D 258 35.51 -45.34 3.56
C GLU D 258 36.70 -44.71 4.30
N SER D 259 36.79 -43.38 4.37
CA SER D 259 37.93 -42.69 4.99
C SER D 259 37.99 -42.73 6.52
N GLY D 260 36.89 -43.05 7.20
CA GLY D 260 36.82 -43.00 8.66
C GLY D 260 36.71 -41.59 9.25
N LYS D 261 36.48 -40.58 8.41
CA LYS D 261 36.35 -39.18 8.84
C LYS D 261 35.08 -38.58 8.23
N HIS D 262 33.94 -38.88 8.86
CA HIS D 262 32.63 -38.43 8.42
C HIS D 262 31.65 -38.41 9.60
N SER D 263 30.39 -38.02 9.35
CA SER D 263 29.35 -38.03 10.39
C SER D 263 28.04 -38.72 9.99
N ALA D 264 28.09 -39.53 8.93
CA ALA D 264 26.95 -40.31 8.45
C ALA D 264 26.58 -41.48 9.38
N SER D 265 25.81 -41.16 10.41
CA SER D 265 25.38 -42.12 11.41
C SER D 265 24.41 -43.16 10.83
N LEU D 266 23.37 -42.70 10.14
CA LEU D 266 22.40 -43.60 9.50
C LEU D 266 23.04 -44.53 8.46
N ASN D 267 24.05 -44.05 7.75
CA ASN D 267 24.73 -44.84 6.72
C ASN D 267 25.67 -45.92 7.30
N ALA D 268 26.48 -45.52 8.28
CA ALA D 268 27.57 -46.37 8.82
C ALA D 268 27.56 -46.60 10.34
N GLY D 269 26.59 -46.03 11.05
CA GLY D 269 26.52 -46.18 12.50
C GLY D 269 25.91 -47.51 12.90
N GLN D 270 26.02 -47.81 14.20
CA GLN D 270 25.43 -48.99 14.81
C GLN D 270 24.36 -48.53 15.78
N VAL D 271 23.35 -49.39 15.99
CA VAL D 271 22.26 -49.09 16.89
C VAL D 271 22.74 -49.28 18.33
N GLY D 272 22.55 -48.24 19.14
CA GLY D 272 23.02 -48.23 20.52
C GLY D 272 22.44 -47.07 21.31
N VAL D 273 22.76 -47.03 22.61
CA VAL D 273 22.26 -46.00 23.52
C VAL D 273 23.33 -44.96 23.83
N SER D 274 22.99 -43.69 23.66
CA SER D 274 23.78 -42.56 24.15
C SER D 274 22.92 -41.30 24.23
N HIS D 275 23.27 -40.42 25.17
CA HIS D 275 22.53 -39.18 25.45
C HIS D 275 21.03 -39.43 25.65
N GLY D 276 20.69 -40.53 26.32
CA GLY D 276 19.30 -40.83 26.64
C GLY D 276 18.40 -41.37 25.54
N MET D 277 18.96 -41.84 24.44
CA MET D 277 18.14 -42.30 23.31
C MET D 277 18.74 -43.50 22.61
N LEU D 278 17.88 -44.35 22.09
CA LEU D 278 18.28 -45.47 21.25
C LEU D 278 18.19 -45.02 19.80
N SER D 279 19.34 -45.03 19.12
CA SER D 279 19.46 -44.56 17.73
C SER D 279 20.78 -45.03 17.10
N TYR D 280 21.15 -44.48 15.95
CA TYR D 280 22.41 -44.80 15.28
C TYR D 280 23.53 -43.91 15.77
N PHE D 281 24.71 -44.52 15.98
CA PHE D 281 25.93 -43.83 16.38
C PHE D 281 27.14 -44.46 15.68
N LEU D 282 28.08 -43.64 15.22
CA LEU D 282 29.36 -44.13 14.68
C LEU D 282 30.17 -44.79 15.81
N GLN D 283 30.76 -45.94 15.51
CA GLN D 283 31.50 -46.73 16.50
C GLN D 283 32.86 -47.21 15.97
N ASP D 284 33.82 -47.35 16.89
CA ASP D 284 35.22 -47.67 16.55
C ASP D 284 35.49 -49.17 16.49
N GLU D 286 35.86 -52.25 18.78
CA GLU D 286 35.88 -51.84 20.19
C GLU D 286 34.47 -51.47 20.69
N GLY D 287 33.69 -50.80 19.86
CA GLY D 287 32.27 -50.51 20.15
C GLY D 287 31.97 -49.24 20.93
N GLN D 288 33.00 -48.46 21.29
CA GLN D 288 32.81 -47.13 21.86
C GLN D 288 32.40 -46.18 20.74
N ILE D 289 31.82 -45.04 21.11
CA ILE D 289 31.42 -44.04 20.13
C ILE D 289 32.71 -43.42 19.57
N LYS D 290 32.79 -43.35 18.24
CA LYS D 290 33.94 -42.79 17.54
C LYS D 290 33.72 -41.30 17.35
N PRO D 291 34.82 -40.52 17.22
CA PRO D 291 34.66 -39.12 16.84
C PRO D 291 34.11 -38.95 15.42
N SER D 292 33.22 -37.99 15.23
CA SER D 292 32.71 -37.68 13.90
C SER D 292 33.55 -36.58 13.29
N HIS D 293 33.24 -36.23 12.04
CA HIS D 293 33.89 -35.13 11.35
C HIS D 293 33.02 -34.62 10.20
N SER D 294 33.04 -33.30 10.04
CA SER D 294 32.52 -32.63 8.85
C SER D 294 33.13 -31.24 8.76
N ILE D 295 33.38 -30.78 7.54
CA ILE D 295 33.76 -29.38 7.34
C ILE D 295 32.65 -28.43 7.79
N ALA D 296 31.40 -28.88 7.71
CA ALA D 296 30.27 -28.14 8.26
C ALA D 296 30.11 -28.49 9.73
N PRO D 297 30.45 -27.54 10.65
CA PRO D 297 30.46 -27.88 12.08
C PRO D 297 29.09 -28.30 12.66
N GLY D 298 27.99 -27.81 12.06
CA GLY D 298 26.65 -28.24 12.42
C GLY D 298 26.31 -29.70 12.13
N LEU D 299 26.99 -30.31 11.16
CA LEU D 299 26.79 -31.72 10.82
C LEU D 299 27.74 -32.67 11.59
N ASP D 300 28.61 -32.11 12.41
CA ASP D 300 29.65 -32.87 13.12
C ASP D 300 29.09 -33.41 14.44
N TYR D 301 28.38 -34.53 14.35
CA TYR D 301 27.78 -35.20 15.50
C TYR D 301 27.81 -36.71 15.26
N PRO D 302 28.31 -37.51 16.25
CA PRO D 302 28.38 -38.97 16.06
C PRO D 302 27.05 -39.71 15.83
N GLY D 303 25.95 -39.13 16.32
CA GLY D 303 24.63 -39.73 16.22
C GLY D 303 23.65 -39.04 15.29
N VAL D 304 22.39 -39.37 15.50
CA VAL D 304 21.28 -38.85 14.70
C VAL D 304 19.97 -39.07 15.47
N GLY D 305 18.98 -38.23 15.19
CA GLY D 305 17.68 -38.29 15.86
C GLY D 305 16.95 -39.60 15.61
N PRO D 306 16.20 -40.09 16.61
CA PRO D 306 15.54 -41.39 16.46
C PRO D 306 14.40 -41.41 15.43
N GLU D 307 13.77 -40.26 15.16
CA GLU D 307 12.70 -40.21 14.17
C GLU D 307 13.22 -40.41 12.74
N HIS D 308 14.45 -39.98 12.46
CA HIS D 308 15.09 -40.30 11.17
C HIS D 308 15.45 -41.78 11.04
N ALA D 309 15.98 -42.37 12.13
CA ALA D 309 16.23 -43.82 12.15
C ALA D 309 14.95 -44.59 11.87
N TYR D 310 13.83 -44.12 12.46
CA TYR D 310 12.51 -44.71 12.21
C TYR D 310 12.03 -44.52 10.76
N LEU D 311 12.17 -43.30 10.24
CA LEU D 311 11.83 -43.02 8.84
C LEU D 311 12.67 -43.86 7.86
N LYS D 312 13.95 -44.06 8.18
CA LYS D 312 14.83 -44.93 7.39
C LYS D 312 14.40 -46.40 7.45
N LYS D 313 14.10 -46.89 8.64
CA LYS D 313 13.66 -48.28 8.83
C LYS D 313 12.39 -48.62 8.04
N ILE D 314 11.38 -47.76 8.10
CA ILE D 314 10.13 -47.98 7.36
C ILE D 314 10.20 -47.54 5.87
N GLN D 315 11.36 -47.04 5.46
CA GLN D 315 11.59 -46.60 4.07
C GLN D 315 10.70 -45.44 3.59
N ARG D 316 10.26 -44.60 4.52
CA ARG D 316 9.53 -43.36 4.19
C ARG D 316 10.49 -42.29 3.69
N ALA D 317 11.70 -42.24 4.27
CA ALA D 317 12.77 -41.35 3.81
C ALA D 317 13.99 -42.15 3.39
N GLU D 318 14.73 -41.63 2.41
CA GLU D 318 16.04 -42.15 2.01
C GLU D 318 17.13 -41.24 2.57
N TYR D 319 18.26 -41.83 2.96
CA TYR D 319 19.38 -41.06 3.52
C TYR D 319 20.67 -41.31 2.77
N VAL D 320 21.33 -40.21 2.39
CA VAL D 320 22.53 -40.23 1.53
C VAL D 320 23.63 -39.42 2.20
N ALA D 321 24.81 -39.43 1.59
CA ALA D 321 25.96 -38.65 2.07
C ALA D 321 26.60 -37.87 0.93
N VAL D 322 27.07 -36.67 1.27
CA VAL D 322 27.83 -35.81 0.37
C VAL D 322 29.14 -35.45 1.07
N THR D 323 30.23 -35.41 0.32
CA THR D 323 31.56 -35.13 0.90
C THR D 323 31.78 -33.64 1.17
N ASP D 324 32.85 -33.35 1.92
CA ASP D 324 33.32 -31.98 2.17
C ASP D 324 33.55 -31.24 0.85
N GLU D 325 34.28 -31.88 -0.06
CA GLU D 325 34.61 -31.35 -1.39
C GLU D 325 33.35 -31.04 -2.21
N GLU D 326 32.37 -31.94 -2.18
CA GLU D 326 31.10 -31.72 -2.88
C GLU D 326 30.29 -30.56 -2.29
N ALA D 327 30.21 -30.51 -0.95
CA ALA D 327 29.52 -29.41 -0.25
C ALA D 327 30.21 -28.06 -0.51
N LEU D 328 31.53 -28.06 -0.55
CA LEU D 328 32.29 -26.85 -0.85
C LEU D 328 32.01 -26.35 -2.27
N LYS D 329 31.97 -27.25 -3.26
CA LYS D 329 31.59 -26.88 -4.63
C LYS D 329 30.21 -26.23 -4.69
N ALA D 330 29.24 -26.84 -3.99
CA ALA D 330 27.88 -26.31 -3.93
C ALA D 330 27.79 -24.95 -3.22
N PHE D 331 28.60 -24.77 -2.18
CA PHE D 331 28.75 -23.48 -1.49
C PHE D 331 29.15 -22.40 -2.50
N HIS D 332 30.22 -22.65 -3.25
CA HIS D 332 30.69 -21.71 -4.29
C HIS D 332 29.68 -21.54 -5.43
N GLU D 333 29.03 -22.64 -5.82
CA GLU D 333 28.08 -22.62 -6.93
C GLU D 333 26.84 -21.77 -6.66
N LEU D 334 26.19 -22.00 -5.51
CA LEU D 334 24.98 -21.25 -5.16
C LEU D 334 25.27 -19.74 -4.99
N SER D 335 26.41 -19.41 -4.39
CA SER D 335 26.87 -18.02 -4.25
C SER D 335 27.00 -17.33 -5.62
N ARG D 336 27.68 -18.01 -6.54
CA ARG D 336 27.91 -17.49 -7.89
C ARG D 336 26.66 -17.41 -8.77
N THR D 337 25.81 -18.43 -8.67
CA THR D 337 24.70 -18.60 -9.59
C THR D 337 23.42 -17.92 -9.11
N GLU D 338 23.17 -17.90 -7.81
CA GLU D 338 21.95 -17.30 -7.25
C GLU D 338 22.17 -16.13 -6.28
N GLY D 339 23.43 -15.79 -5.99
CA GLY D 339 23.74 -14.71 -5.06
C GLY D 339 23.28 -14.97 -3.64
N ILE D 340 23.32 -16.24 -3.23
CA ILE D 340 22.97 -16.66 -1.88
C ILE D 340 24.15 -17.46 -1.35
N ILE D 341 24.77 -16.98 -0.28
CA ILE D 341 25.87 -17.70 0.35
C ILE D 341 25.22 -18.63 1.40
N PRO D 342 25.23 -19.95 1.15
CA PRO D 342 24.58 -20.88 2.08
C PRO D 342 25.51 -21.26 3.22
N ALA D 343 24.94 -21.69 4.34
CA ALA D 343 25.73 -22.33 5.39
C ALA D 343 26.34 -23.61 4.81
N LEU D 344 27.53 -23.99 5.30
CA LEU D 344 28.18 -25.23 4.84
C LEU D 344 27.34 -26.48 5.13
N GLU D 345 26.45 -26.42 6.11
CA GLU D 345 25.52 -27.51 6.43
C GLU D 345 24.50 -27.64 5.29
N SER D 346 23.87 -26.51 4.99
CA SER D 346 22.90 -26.40 3.89
C SER D 346 23.50 -26.77 2.54
N ALA D 347 24.80 -26.49 2.36
CA ALA D 347 25.49 -26.78 1.11
C ALA D 347 25.53 -28.27 0.78
N HIS D 348 25.48 -29.11 1.81
CA HIS D 348 25.38 -30.57 1.61
C HIS D 348 24.07 -30.92 0.92
N ALA D 349 22.96 -30.34 1.39
CA ALA D 349 21.65 -30.55 0.76
C ALA D 349 21.60 -30.00 -0.66
N VAL D 350 22.17 -28.81 -0.85
CA VAL D 350 22.27 -28.21 -2.19
C VAL D 350 23.10 -29.10 -3.13
N ALA D 351 24.24 -29.58 -2.66
CA ALA D 351 25.12 -30.46 -3.46
C ALA D 351 24.42 -31.74 -3.93
N TYR D 352 23.62 -32.34 -3.07
CA TYR D 352 22.86 -33.55 -3.45
C TYR D 352 21.66 -33.23 -4.36
N ALA D 353 20.96 -32.13 -4.07
CA ALA D 353 19.88 -31.67 -4.95
C ALA D 353 20.37 -31.37 -6.37
N MET D 354 21.59 -30.87 -6.51
CA MET D 354 22.21 -30.66 -7.84
C MET D 354 22.42 -31.98 -8.61
N LYS D 355 22.91 -33.01 -7.94
CA LYS D 355 23.03 -34.34 -8.52
C LYS D 355 21.65 -34.89 -8.88
N LEU D 356 20.74 -34.84 -7.91
CA LEU D 356 19.40 -35.40 -8.06
C LEU D 356 18.58 -34.71 -9.13
N ALA D 357 18.74 -33.39 -9.25
CA ALA D 357 18.03 -32.62 -10.29
C ALA D 357 18.39 -33.09 -11.69
N LYS D 358 19.67 -33.40 -11.91
CA LYS D 358 20.16 -33.88 -13.22
C LYS D 358 19.57 -35.24 -13.63
N GLU D 359 19.18 -36.05 -12.65
CA GLU D 359 18.55 -37.36 -12.90
C GLU D 359 17.00 -37.32 -12.98
N MET D 360 16.39 -36.17 -12.63
CA MET D 360 14.94 -36.01 -12.68
C MET D 360 14.48 -35.24 -13.92
N SER D 361 13.17 -35.24 -14.18
CA SER D 361 12.56 -34.59 -15.36
C SER D 361 12.49 -33.05 -15.22
N ARG D 362 12.46 -32.38 -16.37
CA ARG D 362 12.57 -30.90 -16.46
C ARG D 362 11.57 -30.08 -15.65
N ASP D 363 10.33 -30.56 -15.56
CA ASP D 363 9.27 -29.87 -14.78
C ASP D 363 8.87 -30.59 -13.48
N GLU D 364 9.71 -31.50 -12.99
CA GLU D 364 9.56 -32.02 -11.63
C GLU D 364 10.16 -31.05 -10.62
N ILE D 365 9.77 -31.22 -9.36
CA ILE D 365 10.01 -30.22 -8.32
C ILE D 365 10.81 -30.80 -7.16
N ILE D 366 11.94 -30.15 -6.86
CA ILE D 366 12.75 -30.41 -5.67
C ILE D 366 12.67 -29.18 -4.76
N ILE D 367 12.33 -29.38 -3.50
CA ILE D 367 12.51 -28.35 -2.47
C ILE D 367 13.73 -28.73 -1.64
N VAL D 368 14.72 -27.83 -1.62
CA VAL D 368 15.87 -27.98 -0.74
C VAL D 368 15.65 -27.06 0.45
N ASN D 369 15.87 -27.59 1.65
CA ASN D 369 15.81 -26.76 2.85
C ASN D 369 17.16 -26.08 2.99
N LEU D 370 17.20 -24.77 2.72
CA LEU D 370 18.42 -23.99 2.89
C LEU D 370 18.47 -23.56 4.36
N SER D 371 18.99 -24.46 5.19
CA SER D 371 18.84 -24.38 6.65
C SER D 371 19.45 -23.13 7.29
N GLY D 372 20.49 -22.58 6.65
CA GLY D 372 21.08 -21.31 7.11
C GLY D 372 21.94 -20.61 6.08
N ARG D 373 22.44 -19.43 6.47
CA ARG D 373 23.36 -18.64 5.64
C ARG D 373 24.82 -18.86 6.00
N GLY D 374 25.71 -18.55 5.06
CA GLY D 374 27.13 -18.88 5.15
C GLY D 374 28.10 -17.85 5.71
N ASP D 375 27.60 -16.78 6.32
CA ASP D 375 28.46 -15.71 6.85
C ASP D 375 29.38 -16.26 7.95
N LYS D 376 28.82 -17.11 8.81
CA LYS D 376 29.57 -17.83 9.85
C LYS D 376 30.71 -18.73 9.35
N ASP D 377 30.59 -19.22 8.11
CA ASP D 377 31.55 -20.17 7.51
C ASP D 377 32.64 -19.54 6.63
N LEU D 378 32.68 -18.22 6.49
CA LEU D 378 33.63 -17.59 5.58
C LEU D 378 35.09 -17.83 5.99
N ASP D 379 35.37 -17.80 7.29
CA ASP D 379 36.72 -18.12 7.81
C ASP D 379 37.20 -19.54 7.47
N ILE D 380 36.29 -20.51 7.57
CA ILE D 380 36.59 -21.91 7.20
C ILE D 380 36.84 -22.03 5.71
N VAL D 381 35.98 -21.40 4.90
CA VAL D 381 36.10 -21.47 3.45
C VAL D 381 37.37 -20.75 3.00
N LEU D 382 37.67 -19.61 3.62
CA LEU D 382 38.88 -18.84 3.30
C LEU D 382 40.17 -19.61 3.61
N LYS D 383 40.19 -20.37 4.71
CA LYS D 383 41.31 -21.23 5.05
C LYS D 383 41.48 -22.36 4.04
N VAL D 384 40.39 -23.07 3.75
CA VAL D 384 40.39 -24.18 2.79
C VAL D 384 40.65 -23.70 1.36
N SER D 385 39.97 -22.63 0.95
CA SER D 385 40.13 -22.06 -0.40
C SER D 385 41.28 -21.05 -0.41
N TRP E . -30.10 -4.41 -7.32
CA TRP E . -28.91 -3.52 -7.14
C TRP E . -28.14 -3.24 -8.44
O TRP E . -28.21 -4.00 -9.41
CB TRP E . -27.97 -4.08 -6.08
CG TRP E . -27.54 -5.49 -6.30
CD1 TRP E . -26.72 -5.97 -7.28
CD2 TRP E . -27.93 -6.62 -5.51
NE1 TRP E . -26.57 -7.33 -7.16
CE2 TRP E . -27.31 -7.75 -6.07
CE3 TRP E . -28.74 -6.78 -4.38
CZ2 TRP E . -27.48 -9.04 -5.54
CZ3 TRP E . -28.91 -8.04 -3.86
CH2 TRP E . -28.28 -9.16 -4.43
OXT TRP E . -27.42 -2.25 -8.56
NA NA F . -33.80 -8.07 1.02
N TRP G . -24.09 28.84 -17.40
CA TRP G . -23.41 27.97 -16.39
C TRP G . -24.27 27.64 -15.17
O TRP G . -24.04 26.64 -14.51
CB TRP G . -22.10 28.62 -15.93
CG TRP G . -22.21 30.04 -15.48
CD1 TRP G . -22.85 30.50 -14.38
CD2 TRP G . -21.63 31.16 -16.14
NE1 TRP G . -22.73 31.87 -14.31
CE2 TRP G . -21.98 32.31 -15.37
CE3 TRP G . -20.86 31.33 -17.29
CZ2 TRP G . -21.58 33.60 -15.75
CZ3 TRP G . -20.47 32.61 -17.66
CH2 TRP G . -20.83 33.73 -16.88
OXT TRP G . -25.21 28.34 -14.82
NA NA H . -17.78 32.47 -24.14
N TRP I . 30.25 3.21 2.13
CA TRP I . 29.10 2.25 2.16
C TRP I . 29.32 1.00 1.30
O TRP I . 28.76 -0.05 1.58
CB TRP I . 27.80 2.95 1.76
CG TRP I . 27.85 3.68 0.47
CD1 TRP I . 27.99 3.17 -0.79
CD2 TRP I . 27.74 5.10 0.31
NE1 TRP I . 27.99 4.17 -1.72
CE2 TRP I . 27.84 5.37 -1.07
CE3 TRP I . 27.57 6.17 1.20
CZ2 TRP I . 27.78 6.67 -1.58
CZ3 TRP I . 27.51 7.46 0.70
CH2 TRP I . 27.62 7.70 -0.68
OXT TRP I . 30.06 1.01 0.31
NA NA J . 28.41 12.32 5.62
NA NA K . 34.78 24.48 -1.34
N TRP L . 26.69 -28.79 16.87
CA TRP L . 25.74 -27.72 16.41
C TRP L . 25.71 -26.50 17.34
O TRP L . 26.36 -26.48 18.40
CB TRP L . 24.33 -28.29 16.23
CG TRP L . 23.77 -29.00 17.44
CD1 TRP L . 23.44 -28.45 18.65
CD2 TRP L . 23.43 -30.38 17.52
NE1 TRP L . 22.94 -29.42 19.49
CE2 TRP L . 22.93 -30.61 18.82
CE3 TRP L . 23.52 -31.46 16.63
CZ2 TRP L . 22.51 -31.88 19.25
CZ3 TRP L . 23.10 -32.71 17.05
CH2 TRP L . 22.61 -32.91 18.35
OXT TRP L . 25.05 -25.51 17.07
NA NA M . 25.39 -37.61 12.42
#